data_1WNB
#
_entry.id   1WNB
#
_cell.length_a   80.278
_cell.length_b   168.895
_cell.length_c   85.476
_cell.angle_alpha   90.00
_cell.angle_beta   90.65
_cell.angle_gamma   90.00
#
_symmetry.space_group_name_H-M   'P 1 21 1'
#
loop_
_entity.id
_entity.type
_entity.pdbx_description
1 polymer 'Putative betaine aldehyde dehydrogenase'
2 non-polymer '1,4-DIHYDRONICOTINAMIDE ADENINE DINUCLEOTIDE'
3 non-polymer 'BETAINE ALDEHYDE'
4 water water
#
_entity_poly.entity_id   1
_entity_poly.type   'polypeptide(L)'
_entity_poly.pdbx_seq_one_letter_code
;SYYHHHHHHLESTSLYKKAGLMQHKLLINGELVSGEGEKQPVYNPATGDVLLEIAEASAEQVDAAVRAADAAFAEWGQTT
PKVRAECLLKLADVIEENGQVFAELESRNCGKPLHSAFNDEIPAIVDVFRFFAGAARCLNGLAAGEYLEGHTSMIRRDPL
GVVASIAPWNYPLMMAAWKLAPALAAGNCVVLKPSEITPLTALKLAELAKDIFPAGVVNILFGRGKTVGDPLTGHPKVRM
VSLTGSIATGEHIISHTASSIKRTHMELGGKAPVIVFDDADIEAVVEGVRTFGYYNAGQDCTAACRIYAQKGIYDTLVEK
LGAAVATLKSGAPDDESTELGPLSSLAHLERVGKAVEEAKATGHIKVITGGEKRKGNGYYYAPTLLAGALQDDAIVQKEV
FGPVVSVTPFDNEEQVVNWANDSQYGLASSVWTKDVGRAHRVSARLQYGCTWVNTHFMLVSEMPHGGQKLSGYGKDMSLY
GLEDYTVVRHVMVKH
;
_entity_poly.pdbx_strand_id   A,B,C,D
#
loop_
_chem_comp.id
_chem_comp.type
_chem_comp.name
_chem_comp.formula
BTL non-polymer 'BETAINE ALDEHYDE' 'C5 H12 N O 1'
NAI non-polymer '1,4-DIHYDRONICOTINAMIDE ADENINE DINUCLEOTIDE' 'C21 H29 N7 O14 P2'
#
# COMPACT_ATOMS: atom_id res chain seq x y z
N MET A 22 -1.32 -38.87 23.52
CA MET A 22 -0.87 -38.88 24.93
C MET A 22 0.20 -37.82 25.26
N GLN A 23 0.54 -36.94 24.30
CA GLN A 23 1.52 -35.85 24.57
C GLN A 23 0.91 -34.87 25.59
N HIS A 24 1.60 -34.62 26.71
CA HIS A 24 0.99 -33.87 27.84
C HIS A 24 1.89 -32.76 28.39
N LYS A 25 3.08 -32.60 27.82
CA LYS A 25 4.09 -31.65 28.33
C LYS A 25 3.97 -30.27 27.73
N LEU A 26 4.34 -29.27 28.51
CA LEU A 26 4.40 -27.88 28.06
C LEU A 26 5.70 -27.63 27.29
N LEU A 27 5.70 -26.63 26.39
CA LEU A 27 6.95 -26.15 25.75
C LEU A 27 7.34 -24.82 26.43
N ILE A 28 8.45 -24.85 27.19
CA ILE A 28 8.94 -23.63 27.82
C ILE A 28 10.43 -23.55 27.53
N ASN A 29 10.84 -22.42 26.95
CA ASN A 29 12.24 -22.19 26.59
C ASN A 29 12.92 -23.38 25.95
N GLY A 30 12.32 -23.92 24.90
CA GLY A 30 12.95 -24.97 24.11
C GLY A 30 12.88 -26.35 24.72
N GLU A 31 12.25 -26.45 25.90
CA GLU A 31 12.21 -27.72 26.64
C GLU A 31 10.77 -28.25 26.85
N LEU A 32 10.60 -29.57 26.72
CA LEU A 32 9.33 -30.20 27.09
C LEU A 32 9.30 -30.58 28.57
N VAL A 33 8.43 -29.89 29.31
CA VAL A 33 8.29 -30.04 30.75
C VAL A 33 6.85 -30.28 31.24
N SER A 34 6.75 -31.11 32.29
CA SER A 34 5.48 -31.38 32.92
C SER A 34 5.01 -30.16 33.69
N GLY A 35 3.70 -29.90 33.63
CA GLY A 35 3.11 -28.83 34.44
C GLY A 35 3.32 -29.16 35.92
N GLU A 36 3.56 -28.11 36.72
CA GLU A 36 3.77 -28.39 38.13
C GLU A 36 2.60 -27.89 38.98
N GLY A 37 1.60 -27.35 38.28
CA GLY A 37 0.37 -26.96 38.93
C GLY A 37 -0.59 -28.14 39.01
N GLU A 38 -1.87 -27.81 39.11
CA GLU A 38 -2.97 -28.79 39.33
C GLU A 38 -3.47 -29.61 38.15
N LYS A 39 -3.64 -30.92 38.38
CA LYS A 39 -4.20 -31.82 37.39
C LYS A 39 -5.62 -31.44 36.99
N GLN A 40 -5.98 -31.66 35.72
CA GLN A 40 -7.33 -31.36 35.24
C GLN A 40 -7.69 -32.38 34.16
N PRO A 41 -8.97 -32.70 34.07
CA PRO A 41 -9.46 -33.67 33.09
C PRO A 41 -9.65 -33.05 31.67
N VAL A 42 -9.27 -33.81 30.64
CA VAL A 42 -9.67 -33.51 29.25
C VAL A 42 -10.61 -34.61 28.73
N TYR A 43 -11.73 -34.23 28.13
CA TYR A 43 -12.76 -35.20 27.79
C TYR A 43 -12.93 -35.48 26.31
N ASN A 44 -13.46 -36.67 26.00
CA ASN A 44 -13.96 -36.98 24.67
C ASN A 44 -15.45 -36.60 24.60
N PRO A 45 -15.81 -35.58 23.82
CA PRO A 45 -17.21 -35.11 23.80
C PRO A 45 -18.19 -36.08 23.17
N ALA A 46 -17.69 -37.03 22.41
CA ALA A 46 -18.54 -37.98 21.71
C ALA A 46 -19.00 -39.05 22.66
N THR A 47 -18.14 -39.40 23.62
CA THR A 47 -18.48 -40.47 24.54
C THR A 47 -18.73 -39.97 25.95
N GLY A 48 -18.25 -38.77 26.26
CA GLY A 48 -18.31 -38.26 27.62
C GLY A 48 -17.20 -38.77 28.53
N ASP A 49 -16.40 -39.72 28.05
CA ASP A 49 -15.21 -40.28 28.74
C ASP A 49 -14.06 -39.27 28.93
N VAL A 50 -13.29 -39.45 30.00
CA VAL A 50 -12.03 -38.75 30.24
C VAL A 50 -10.95 -39.34 29.33
N LEU A 51 -10.25 -38.47 28.60
CA LEU A 51 -9.14 -38.84 27.71
C LEU A 51 -7.84 -38.91 28.47
N LEU A 52 -7.55 -37.87 29.21
CA LEU A 52 -6.48 -37.90 30.19
C LEU A 52 -6.59 -36.72 31.12
N GLU A 53 -5.69 -36.70 32.09
CA GLU A 53 -5.56 -35.61 33.03
C GLU A 53 -4.21 -34.99 32.78
N ILE A 54 -4.15 -33.65 32.81
CA ILE A 54 -2.90 -32.94 32.47
C ILE A 54 -2.64 -31.94 33.57
N ALA A 55 -1.40 -31.87 34.05
CA ALA A 55 -1.07 -30.90 35.08
C ALA A 55 -0.98 -29.50 34.47
N GLU A 56 -1.75 -28.56 35.01
CA GLU A 56 -1.60 -27.19 34.59
C GLU A 56 -0.15 -26.68 34.78
N ALA A 57 0.20 -25.65 34.03
CA ALA A 57 1.39 -24.84 34.32
C ALA A 57 1.27 -24.15 35.69
N SER A 58 2.36 -24.12 36.46
CA SER A 58 2.34 -23.44 37.75
C SER A 58 2.46 -21.92 37.56
N ALA A 59 2.14 -21.17 38.61
CA ALA A 59 2.38 -19.71 38.58
C ALA A 59 3.85 -19.44 38.12
N GLU A 60 4.78 -20.21 38.72
CA GLU A 60 6.23 -20.02 38.46
C GLU A 60 6.55 -20.31 37.00
N GLN A 61 6.01 -21.41 36.46
CA GLN A 61 6.15 -21.75 35.03
C GLN A 61 5.56 -20.72 34.10
N VAL A 62 4.44 -20.11 34.50
CA VAL A 62 3.87 -19.04 33.66
C VAL A 62 4.91 -17.91 33.57
N ASP A 63 5.52 -17.61 34.70
CA ASP A 63 6.47 -16.53 34.79
C ASP A 63 7.78 -16.89 34.11
N ALA A 64 8.25 -18.13 34.27
CA ALA A 64 9.41 -18.61 33.46
C ALA A 64 9.11 -18.52 31.94
N ALA A 65 7.90 -18.90 31.48
CA ALA A 65 7.64 -18.84 30.03
C ALA A 65 7.81 -17.42 29.48
N VAL A 66 7.22 -16.44 30.16
CA VAL A 66 7.25 -15.07 29.70
C VAL A 66 8.65 -14.51 29.78
N ARG A 67 9.36 -14.87 30.86
CA ARG A 67 10.77 -14.49 30.97
C ARG A 67 11.61 -15.07 29.81
N ALA A 68 11.31 -16.31 29.39
CA ALA A 68 12.08 -16.95 28.32
C ALA A 68 11.81 -16.23 27.02
N ALA A 69 10.56 -15.86 26.79
CA ALA A 69 10.19 -15.21 25.54
C ALA A 69 10.75 -13.79 25.49
N ASP A 70 10.72 -13.12 26.65
CA ASP A 70 11.33 -11.82 26.76
C ASP A 70 12.83 -11.91 26.43
N ALA A 71 13.53 -12.92 26.93
CA ALA A 71 14.98 -12.94 26.72
C ALA A 71 15.27 -13.33 25.29
N ALA A 72 14.48 -14.23 24.75
CA ALA A 72 14.59 -14.62 23.34
C ALA A 72 14.31 -13.50 22.34
N PHE A 73 13.56 -12.46 22.75
CA PHE A 73 13.17 -11.36 21.86
C PHE A 73 14.37 -10.50 21.38
N ALA A 74 15.35 -10.34 22.28
CA ALA A 74 16.58 -9.60 21.94
C ALA A 74 17.09 -9.93 20.59
N GLU A 75 17.33 -11.22 20.31
CA GLU A 75 17.81 -11.69 19.02
C GLU A 75 16.70 -11.89 17.98
N TRP A 76 15.59 -12.49 18.40
CA TRP A 76 14.51 -12.82 17.45
C TRP A 76 13.84 -11.56 16.78
N GLY A 77 13.73 -10.44 17.52
CA GLY A 77 13.11 -9.22 16.99
C GLY A 77 14.00 -8.53 15.95
N GLN A 78 15.23 -8.99 15.87
CA GLN A 78 16.24 -8.39 14.97
C GLN A 78 16.54 -9.34 13.80
N THR A 79 15.82 -10.47 13.71
CA THR A 79 15.99 -11.35 12.56
C THR A 79 15.42 -10.71 11.32
N THR A 80 15.85 -11.19 10.16
CA THR A 80 15.31 -10.76 8.87
C THR A 80 13.95 -11.38 8.60
N PRO A 81 13.13 -10.69 7.78
CA PRO A 81 11.94 -11.31 7.20
C PRO A 81 12.20 -12.67 6.54
N LYS A 82 13.26 -12.75 5.74
CA LYS A 82 13.56 -14.01 5.11
C LYS A 82 13.71 -15.14 6.12
N VAL A 83 14.46 -14.91 7.22
CA VAL A 83 14.72 -15.98 8.21
C VAL A 83 13.40 -16.41 8.91
N ARG A 84 12.53 -15.46 9.23
CA ARG A 84 11.27 -15.84 9.91
C ARG A 84 10.36 -16.62 8.95
N ALA A 85 10.29 -16.17 7.71
CA ALA A 85 9.59 -16.87 6.65
C ALA A 85 10.03 -18.34 6.52
N GLU A 86 11.36 -18.56 6.51
CA GLU A 86 11.88 -19.90 6.43
C GLU A 86 11.40 -20.71 7.64
N CYS A 87 11.34 -20.09 8.81
CA CYS A 87 10.96 -20.86 9.99
C CYS A 87 9.48 -21.23 9.86
N LEU A 88 8.69 -20.27 9.41
CA LEU A 88 7.29 -20.53 9.16
C LEU A 88 6.99 -21.58 8.03
N LEU A 89 7.83 -21.69 7.01
CA LEU A 89 7.64 -22.76 5.99
C LEU A 89 7.93 -24.11 6.57
N LYS A 90 8.92 -24.16 7.47
CA LYS A 90 9.24 -25.38 8.19
C LYS A 90 8.08 -25.86 9.08
N LEU A 91 7.47 -24.91 9.77
CA LEU A 91 6.38 -25.18 10.63
C LEU A 91 5.22 -25.75 9.82
N ALA A 92 4.91 -25.08 8.70
CA ALA A 92 3.86 -25.54 7.80
C ALA A 92 4.12 -26.99 7.46
N ASP A 93 5.35 -27.27 7.02
CA ASP A 93 5.78 -28.62 6.60
C ASP A 93 5.51 -29.64 7.66
N VAL A 94 5.92 -29.34 8.87
CA VAL A 94 5.75 -30.26 9.96
C VAL A 94 4.25 -30.50 10.26
N ILE A 95 3.42 -29.49 10.18
CA ILE A 95 2.00 -29.77 10.31
C ILE A 95 1.46 -30.68 9.17
N GLU A 96 1.81 -30.42 7.93
CA GLU A 96 1.30 -31.22 6.83
C GLU A 96 1.79 -32.70 6.91
N GLU A 97 3.02 -32.90 7.32
CA GLU A 97 3.59 -34.24 7.51
C GLU A 97 2.87 -35.03 8.58
N ASN A 98 2.30 -34.34 9.58
CA ASN A 98 1.57 -34.96 10.68
C ASN A 98 0.04 -34.71 10.62
N GLY A 99 -0.48 -34.44 9.43
CA GLY A 99 -1.87 -34.02 9.28
C GLY A 99 -2.90 -35.02 9.75
N GLN A 100 -2.60 -36.31 9.51
CA GLN A 100 -3.46 -37.43 9.85
C GLN A 100 -3.54 -37.56 11.38
N VAL A 101 -2.38 -37.53 12.03
CA VAL A 101 -2.36 -37.49 13.50
C VAL A 101 -3.08 -36.24 14.04
N PHE A 102 -2.77 -35.04 13.49
CA PHE A 102 -3.35 -33.84 14.04
C PHE A 102 -4.87 -33.96 13.95
N ALA A 103 -5.37 -34.47 12.83
CA ALA A 103 -6.80 -34.50 12.58
C ALA A 103 -7.51 -35.47 13.54
N GLU A 104 -6.77 -36.49 14.00
CA GLU A 104 -7.24 -37.56 14.86
C GLU A 104 -7.37 -37.04 16.29
N LEU A 105 -6.30 -36.36 16.75
CA LEU A 105 -6.32 -35.69 18.03
C LEU A 105 -7.48 -34.66 18.09
N GLU A 106 -7.64 -33.83 17.08
CA GLU A 106 -8.74 -32.84 17.12
C GLU A 106 -10.12 -33.51 17.15
N SER A 107 -10.27 -34.59 16.37
CA SER A 107 -11.53 -35.34 16.36
C SER A 107 -11.82 -35.87 17.76
N ARG A 108 -10.82 -36.52 18.36
CA ARG A 108 -11.02 -37.17 19.66
C ARG A 108 -11.42 -36.16 20.77
N ASN A 109 -10.74 -35.02 20.75
CA ASN A 109 -10.87 -34.00 21.76
C ASN A 109 -12.08 -33.08 21.52
N CYS A 110 -12.54 -32.99 20.28
CA CYS A 110 -13.52 -31.95 19.92
C CYS A 110 -14.81 -32.56 19.42
N GLY A 111 -14.76 -33.81 18.98
CA GLY A 111 -15.97 -34.46 18.50
C GLY A 111 -16.27 -34.14 17.05
N LYS A 112 -15.40 -33.34 16.44
CA LYS A 112 -15.45 -33.05 15.01
C LYS A 112 -15.42 -34.34 14.18
N PRO A 113 -16.27 -34.48 13.16
CA PRO A 113 -16.14 -35.59 12.20
C PRO A 113 -14.72 -35.67 11.71
N LEU A 114 -14.12 -36.87 11.70
CA LEU A 114 -12.75 -37.03 11.23
C LEU A 114 -12.53 -36.54 9.81
N HIS A 115 -13.38 -36.95 8.86
CA HIS A 115 -13.23 -36.47 7.47
C HIS A 115 -13.21 -34.96 7.32
N SER A 116 -14.01 -34.26 8.13
CA SER A 116 -14.09 -32.81 8.12
C SER A 116 -12.81 -32.20 8.67
N ALA A 117 -12.36 -32.69 9.82
CA ALA A 117 -11.15 -32.14 10.39
C ALA A 117 -9.93 -32.40 9.45
N PHE A 118 -9.79 -33.61 8.90
CA PHE A 118 -8.73 -33.92 7.93
C PHE A 118 -8.83 -33.21 6.59
N ASN A 119 -10.04 -33.12 6.03
CA ASN A 119 -10.18 -32.54 4.68
C ASN A 119 -10.43 -31.08 4.65
N ASP A 120 -10.98 -30.49 5.70
CA ASP A 120 -11.16 -29.05 5.69
C ASP A 120 -10.15 -28.33 6.57
N GLU A 121 -9.96 -28.79 7.78
CA GLU A 121 -9.17 -28.00 8.71
C GLU A 121 -7.66 -28.10 8.46
N ILE A 122 -7.13 -29.31 8.36
CA ILE A 122 -5.69 -29.46 8.18
C ILE A 122 -5.08 -28.63 7.00
N PRO A 123 -5.60 -28.72 5.77
CA PRO A 123 -5.01 -27.94 4.66
C PRO A 123 -5.02 -26.41 4.91
N ALA A 124 -6.10 -25.92 5.50
CA ALA A 124 -6.25 -24.51 5.78
C ALA A 124 -5.20 -24.11 6.78
N ILE A 125 -4.90 -24.99 7.73
CA ILE A 125 -3.96 -24.65 8.81
C ILE A 125 -2.58 -24.53 8.19
N VAL A 126 -2.34 -25.43 7.24
CA VAL A 126 -1.05 -25.51 6.63
C VAL A 126 -0.90 -24.27 5.79
N ASP A 127 -1.98 -23.88 5.17
CA ASP A 127 -1.90 -22.79 4.26
C ASP A 127 -1.75 -21.43 5.00
N VAL A 128 -2.38 -21.32 6.16
CA VAL A 128 -2.21 -20.12 7.03
C VAL A 128 -0.73 -19.80 7.28
N PHE A 129 0.00 -20.84 7.65
CA PHE A 129 1.42 -20.73 7.91
C PHE A 129 2.23 -20.36 6.65
N ARG A 130 1.89 -20.98 5.51
CA ARG A 130 2.54 -20.68 4.22
C ARG A 130 2.20 -19.29 3.75
N PHE A 131 0.93 -18.89 3.88
CA PHE A 131 0.60 -17.47 3.59
C PHE A 131 1.44 -16.43 4.37
N PHE A 132 1.45 -16.60 5.71
CA PHE A 132 2.16 -15.68 6.60
C PHE A 132 3.68 -15.70 6.43
N ALA A 133 4.26 -16.85 6.13
CA ALA A 133 5.65 -16.89 5.65
C ALA A 133 5.88 -15.91 4.45
N GLY A 134 5.01 -15.94 3.41
CA GLY A 134 5.09 -15.05 2.28
C GLY A 134 4.86 -13.60 2.67
N ALA A 135 3.81 -13.33 3.42
CA ALA A 135 3.54 -11.95 3.85
C ALA A 135 4.57 -11.34 4.83
N ALA A 136 5.40 -12.14 5.46
CA ALA A 136 6.41 -11.57 6.38
C ALA A 136 7.39 -10.70 5.59
N ARG A 137 7.40 -10.90 4.27
CA ARG A 137 8.42 -10.32 3.41
C ARG A 137 7.85 -9.20 2.56
N CYS A 138 6.55 -8.97 2.74
CA CYS A 138 5.75 -8.11 1.88
C CYS A 138 5.12 -6.95 2.64
N LEU A 139 5.81 -6.44 3.64
CA LEU A 139 5.20 -5.44 4.49
C LEU A 139 5.25 -4.04 3.89
N ASN A 140 4.08 -3.37 3.90
CA ASN A 140 3.99 -2.00 3.34
C ASN A 140 4.43 -0.90 4.21
N GLY A 141 4.74 0.23 3.57
CA GLY A 141 5.17 1.46 4.25
C GLY A 141 4.85 2.72 3.44
N LEU A 142 5.42 3.84 3.92
CA LEU A 142 5.36 5.14 3.25
C LEU A 142 6.70 5.35 2.54
N ALA A 143 6.61 5.90 1.33
CA ALA A 143 7.78 6.27 0.53
C ALA A 143 8.77 7.08 1.40
N ALA A 144 9.99 6.60 1.54
CA ALA A 144 11.00 7.40 2.27
C ALA A 144 11.34 8.68 1.47
N GLY A 145 11.70 9.77 2.16
CA GLY A 145 12.01 11.03 1.49
C GLY A 145 12.06 12.27 2.38
N GLU A 146 12.16 13.42 1.72
CA GLU A 146 12.30 14.71 2.44
C GLU A 146 10.95 15.45 2.54
N TYR A 147 10.13 15.02 3.51
CA TYR A 147 8.84 15.70 3.83
C TYR A 147 9.03 17.08 4.48
N LEU A 148 10.17 17.24 5.14
CA LEU A 148 10.63 18.52 5.63
C LEU A 148 12.01 18.71 5.00
N GLU A 149 12.23 19.87 4.38
CA GLU A 149 13.45 20.22 3.73
C GLU A 149 14.65 19.87 4.58
N GLY A 150 15.64 19.19 3.98
CA GLY A 150 16.89 18.88 4.63
C GLY A 150 16.82 17.78 5.69
N HIS A 151 15.78 16.95 5.64
CA HIS A 151 15.58 15.82 6.60
C HIS A 151 14.97 14.64 5.84
N THR A 152 15.65 13.50 5.83
CA THR A 152 15.08 12.31 5.21
C THR A 152 14.23 11.53 6.27
N SER A 153 12.95 11.32 6.00
CA SER A 153 12.10 10.46 6.84
C SER A 153 11.97 9.10 6.17
N MET A 154 12.03 8.03 6.96
CA MET A 154 11.61 6.69 6.56
C MET A 154 10.59 6.07 7.58
N ILE A 155 9.82 5.08 7.17
CA ILE A 155 8.85 4.38 8.04
C ILE A 155 9.16 2.87 8.18
N ARG A 156 9.15 2.37 9.41
CA ARG A 156 9.56 0.99 9.75
C ARG A 156 8.37 0.26 10.33
N ARG A 157 8.39 -1.08 10.29
CA ARG A 157 7.39 -1.88 11.03
C ARG A 157 8.12 -2.83 11.94
N ASP A 158 8.24 -2.49 13.21
CA ASP A 158 9.00 -3.30 14.17
C ASP A 158 8.08 -4.12 15.11
N PRO A 159 8.61 -5.21 15.70
CA PRO A 159 7.84 -6.10 16.58
C PRO A 159 7.58 -5.50 17.96
N LEU A 160 6.61 -6.04 18.69
CA LEU A 160 6.22 -5.51 20.00
C LEU A 160 6.99 -6.04 21.19
N GLY A 161 7.44 -7.28 21.09
CA GLY A 161 7.99 -8.02 22.21
C GLY A 161 7.23 -9.32 22.35
N VAL A 162 6.76 -9.56 23.58
CA VAL A 162 6.12 -10.80 23.98
C VAL A 162 4.61 -10.69 23.77
N VAL A 163 4.12 -11.61 22.96
CA VAL A 163 2.68 -11.67 22.78
C VAL A 163 2.09 -12.83 23.69
N ALA A 164 1.06 -12.55 24.50
CA ALA A 164 0.27 -13.64 25.13
C ALA A 164 -0.95 -13.94 24.24
N SER A 165 -1.01 -15.20 23.77
CA SER A 165 -2.07 -15.65 22.81
C SER A 165 -3.04 -16.61 23.50
N ILE A 166 -4.35 -16.33 23.40
CA ILE A 166 -5.35 -17.13 24.14
C ILE A 166 -6.38 -17.71 23.15
N ALA A 167 -6.44 -19.04 23.08
CA ALA A 167 -7.20 -19.72 22.05
C ALA A 167 -8.43 -20.40 22.63
N PRO A 168 -9.48 -20.47 21.82
CA PRO A 168 -10.76 -21.11 22.21
C PRO A 168 -10.80 -22.62 21.94
N TRP A 169 -11.95 -23.21 22.23
CA TRP A 169 -12.07 -24.67 22.19
C TRP A 169 -12.81 -25.17 20.96
N ASN A 170 -13.34 -24.24 20.17
CA ASN A 170 -14.08 -24.62 18.97
C ASN A 170 -13.20 -25.06 17.80
N TYR A 171 -12.11 -24.33 17.57
CA TYR A 171 -11.14 -24.72 16.52
C TYR A 171 -9.75 -24.64 17.12
N PRO A 172 -9.39 -25.60 17.96
CA PRO A 172 -8.14 -25.51 18.76
C PRO A 172 -6.80 -25.29 18.01
N LEU A 173 -6.46 -26.14 17.05
CA LEU A 173 -5.21 -26.05 16.24
C LEU A 173 -5.30 -24.88 15.28
N MET A 174 -6.48 -24.72 14.66
CA MET A 174 -6.64 -23.61 13.73
C MET A 174 -6.40 -22.25 14.43
N MET A 175 -6.98 -22.08 15.62
CA MET A 175 -6.88 -20.78 16.27
C MET A 175 -5.45 -20.58 16.77
N ALA A 176 -4.80 -21.66 17.15
CA ALA A 176 -3.41 -21.60 17.57
C ALA A 176 -2.59 -21.06 16.42
N ALA A 177 -2.85 -21.57 15.20
CA ALA A 177 -2.15 -21.10 14.02
C ALA A 177 -2.39 -19.62 13.79
N TRP A 178 -3.66 -19.23 13.87
CA TRP A 178 -4.03 -17.85 13.56
C TRP A 178 -3.35 -16.87 14.48
N LYS A 179 -3.15 -17.30 15.72
CA LYS A 179 -2.39 -16.54 16.71
C LYS A 179 -0.86 -16.67 16.52
N LEU A 180 -0.33 -17.90 16.35
CA LEU A 180 1.12 -18.07 16.14
C LEU A 180 1.70 -17.41 14.86
N ALA A 181 1.06 -17.65 13.71
CA ALA A 181 1.63 -17.31 12.43
C ALA A 181 1.96 -15.79 12.28
N PRO A 182 0.99 -14.88 12.37
CA PRO A 182 1.34 -13.46 12.21
C PRO A 182 2.27 -12.93 13.31
N ALA A 183 2.09 -13.35 14.57
CA ALA A 183 2.90 -12.84 15.63
C ALA A 183 4.38 -13.20 15.38
N LEU A 184 4.67 -14.41 14.96
CA LEU A 184 6.03 -14.82 14.63
C LEU A 184 6.55 -14.12 13.39
N ALA A 185 5.68 -13.98 12.40
CA ALA A 185 6.05 -13.37 11.14
C ALA A 185 6.46 -11.91 11.37
N ALA A 186 5.77 -11.22 12.29
CA ALA A 186 6.10 -9.82 12.69
C ALA A 186 7.36 -9.74 13.56
N GLY A 187 7.91 -10.87 14.00
CA GLY A 187 9.11 -10.76 14.83
C GLY A 187 8.94 -10.81 16.35
N ASN A 188 7.73 -11.10 16.82
CA ASN A 188 7.49 -11.31 18.24
C ASN A 188 7.81 -12.74 18.73
N CYS A 189 7.95 -12.86 20.06
CA CYS A 189 7.95 -14.11 20.81
C CYS A 189 6.59 -14.35 21.46
N VAL A 190 6.26 -15.62 21.57
CA VAL A 190 4.86 -15.95 21.87
C VAL A 190 4.74 -16.87 23.06
N VAL A 191 3.73 -16.62 23.90
CA VAL A 191 3.34 -17.54 24.96
C VAL A 191 1.87 -17.83 24.73
N LEU A 192 1.60 -19.08 24.35
CA LEU A 192 0.28 -19.50 23.88
C LEU A 192 -0.42 -20.32 24.97
N LYS A 193 -1.66 -19.93 25.28
CA LYS A 193 -2.50 -20.77 26.12
C LYS A 193 -3.72 -21.29 25.37
N PRO A 194 -3.79 -22.60 25.13
CA PRO A 194 -4.97 -23.23 24.54
C PRO A 194 -6.11 -23.22 25.53
N SER A 195 -7.27 -23.61 25.05
CA SER A 195 -8.39 -23.83 25.95
C SER A 195 -8.03 -25.03 26.81
N GLU A 196 -8.24 -24.91 28.12
CA GLU A 196 -8.12 -26.11 29.03
C GLU A 196 -8.99 -27.29 28.61
N ILE A 197 -9.98 -27.03 27.73
CA ILE A 197 -10.94 -28.04 27.31
C ILE A 197 -10.32 -28.87 26.19
N THR A 198 -9.55 -28.21 25.31
CA THR A 198 -9.02 -28.82 24.06
C THR A 198 -7.52 -28.52 23.86
N PRO A 199 -6.66 -29.00 24.75
CA PRO A 199 -5.21 -28.74 24.63
C PRO A 199 -4.46 -29.73 23.75
N LEU A 200 -5.06 -30.85 23.36
CA LEU A 200 -4.28 -31.94 22.76
C LEU A 200 -3.47 -31.62 21.48
N THR A 201 -4.04 -30.93 20.49
CA THR A 201 -3.27 -30.51 19.31
C THR A 201 -2.13 -29.52 19.62
N ALA A 202 -2.36 -28.62 20.59
CA ALA A 202 -1.38 -27.64 21.04
C ALA A 202 -0.23 -28.36 21.66
N LEU A 203 -0.51 -29.37 22.44
CA LEU A 203 0.61 -30.06 23.08
C LEU A 203 1.35 -30.97 22.11
N LYS A 204 0.67 -31.50 21.09
CA LYS A 204 1.34 -32.19 19.99
C LYS A 204 2.15 -31.22 19.11
N LEU A 205 1.62 -30.02 18.88
CA LEU A 205 2.38 -29.00 18.22
C LEU A 205 3.67 -28.67 18.99
N ALA A 206 3.54 -28.63 20.32
CA ALA A 206 4.63 -28.29 21.23
C ALA A 206 5.79 -29.26 21.02
N GLU A 207 5.50 -30.55 21.07
CA GLU A 207 6.52 -31.57 20.82
C GLU A 207 7.13 -31.44 19.42
N LEU A 208 6.29 -31.32 18.39
CA LEU A 208 6.73 -31.32 16.97
C LEU A 208 7.57 -30.12 16.53
N ALA A 209 7.22 -28.94 17.03
CA ALA A 209 7.79 -27.68 16.64
C ALA A 209 8.90 -27.17 17.59
N LYS A 210 9.14 -27.92 18.66
CA LYS A 210 10.19 -27.71 19.68
C LYS A 210 11.48 -27.02 19.18
N ASP A 211 12.12 -27.57 18.13
CA ASP A 211 13.45 -27.07 17.63
C ASP A 211 13.38 -26.25 16.35
N ILE A 212 12.19 -25.82 15.95
CA ILE A 212 12.08 -25.08 14.71
C ILE A 212 12.43 -23.62 14.95
N PHE A 213 11.97 -23.05 16.06
CA PHE A 213 12.32 -21.66 16.38
C PHE A 213 13.33 -21.69 17.50
N PRO A 214 14.14 -20.64 17.70
CA PRO A 214 15.07 -20.68 18.84
C PRO A 214 14.34 -20.81 20.18
N ALA A 215 15.06 -21.35 21.18
CA ALA A 215 14.54 -21.44 22.53
C ALA A 215 13.86 -20.17 23.02
N GLY A 216 12.60 -20.29 23.39
CA GLY A 216 11.88 -19.19 24.02
C GLY A 216 10.99 -18.39 23.09
N VAL A 217 11.18 -18.52 21.78
CA VAL A 217 10.39 -17.80 20.80
C VAL A 217 8.92 -18.32 20.79
N VAL A 218 8.73 -19.64 20.90
CA VAL A 218 7.38 -20.19 21.04
C VAL A 218 7.30 -20.93 22.38
N ASN A 219 6.34 -20.57 23.21
CA ASN A 219 6.13 -21.32 24.43
C ASN A 219 4.65 -21.70 24.51
N ILE A 220 4.39 -22.94 24.91
CA ILE A 220 3.01 -23.39 25.02
C ILE A 220 2.72 -23.98 26.38
N LEU A 221 1.65 -23.52 26.98
CA LEU A 221 1.33 -23.91 28.33
C LEU A 221 0.00 -24.62 28.29
N PHE A 222 -0.52 -25.01 29.46
CA PHE A 222 -1.83 -25.61 29.60
C PHE A 222 -2.39 -25.12 30.92
N GLY A 223 -3.69 -24.86 30.98
CA GLY A 223 -4.40 -24.61 32.21
C GLY A 223 -5.61 -23.71 31.99
N ARG A 224 -6.45 -23.53 33.02
CA ARG A 224 -7.66 -22.66 32.97
C ARG A 224 -7.36 -21.16 33.04
N GLY A 225 -8.41 -20.37 32.79
CA GLY A 225 -8.32 -18.93 32.65
C GLY A 225 -7.81 -18.30 33.92
N LYS A 226 -8.38 -18.69 35.06
CA LYS A 226 -8.05 -18.05 36.34
C LYS A 226 -6.68 -18.41 36.85
N THR A 227 -6.26 -19.63 36.60
CA THR A 227 -5.11 -20.14 37.31
C THR A 227 -3.86 -19.93 36.44
N VAL A 228 -4.07 -19.90 35.13
CA VAL A 228 -2.99 -19.73 34.18
C VAL A 228 -3.13 -18.47 33.27
N GLY A 229 -4.34 -18.18 32.79
CA GLY A 229 -4.50 -17.04 31.91
C GLY A 229 -4.33 -15.68 32.62
N ASP A 230 -4.96 -15.51 33.78
CA ASP A 230 -4.75 -14.28 34.55
C ASP A 230 -3.26 -13.93 34.84
N PRO A 231 -2.44 -14.81 35.39
CA PRO A 231 -1.02 -14.45 35.59
C PRO A 231 -0.28 -14.26 34.27
N LEU A 232 -0.72 -14.91 33.18
CA LEU A 232 -0.06 -14.71 31.87
C LEU A 232 -0.37 -13.35 31.28
N THR A 233 -1.64 -13.00 31.14
CA THR A 233 -1.99 -11.72 30.54
C THR A 233 -1.65 -10.52 31.41
N GLY A 234 -1.49 -10.76 32.71
CA GLY A 234 -1.07 -9.73 33.66
C GLY A 234 0.44 -9.49 33.75
N HIS A 235 1.27 -10.35 33.14
CA HIS A 235 2.73 -10.20 33.22
C HIS A 235 3.21 -8.84 32.67
N PRO A 236 4.00 -8.11 33.46
CA PRO A 236 4.58 -6.83 33.02
C PRO A 236 5.39 -6.91 31.72
N LYS A 237 6.01 -8.07 31.44
CA LYS A 237 6.73 -8.24 30.15
C LYS A 237 5.85 -8.54 28.90
N VAL A 238 4.57 -8.78 29.11
CA VAL A 238 3.62 -8.99 28.00
C VAL A 238 3.16 -7.67 27.43
N ARG A 239 3.36 -7.51 26.13
CA ARG A 239 3.04 -6.22 25.49
C ARG A 239 1.74 -6.25 24.74
N MET A 240 1.34 -7.44 24.35
CA MET A 240 0.10 -7.57 23.57
C MET A 240 -0.59 -8.85 24.01
N VAL A 241 -1.92 -8.82 24.13
CA VAL A 241 -2.76 -10.01 24.38
C VAL A 241 -3.80 -10.20 23.22
N SER A 242 -3.72 -11.38 22.61
CA SER A 242 -4.63 -11.72 21.56
C SER A 242 -5.59 -12.85 22.02
N LEU A 243 -6.90 -12.57 21.93
CA LEU A 243 -7.95 -13.49 22.40
C LEU A 243 -9.02 -13.72 21.33
N THR A 244 -9.27 -14.99 21.03
CA THR A 244 -10.57 -15.39 20.50
C THR A 244 -11.30 -16.13 21.64
N GLY A 245 -12.49 -15.70 22.01
CA GLY A 245 -13.20 -16.29 23.11
C GLY A 245 -14.49 -15.49 23.30
N SER A 246 -15.06 -15.48 24.49
CA SER A 246 -16.36 -14.83 24.64
C SER A 246 -16.23 -13.31 24.90
N ILE A 247 -17.38 -12.61 24.87
CA ILE A 247 -17.46 -11.21 25.28
C ILE A 247 -17.03 -11.01 26.74
N ALA A 248 -17.54 -11.83 27.67
CA ALA A 248 -17.17 -11.77 29.11
C ALA A 248 -15.67 -11.90 29.34
N THR A 249 -15.05 -12.96 28.79
CA THR A 249 -13.57 -13.05 28.74
C THR A 249 -12.86 -11.80 28.13
N GLY A 250 -13.35 -11.32 26.98
CA GLY A 250 -12.82 -10.10 26.36
C GLY A 250 -12.85 -8.90 27.31
N GLU A 251 -14.01 -8.61 27.88
CA GLU A 251 -14.14 -7.50 28.83
C GLU A 251 -13.18 -7.66 30.01
N HIS A 252 -13.03 -8.88 30.48
CA HIS A 252 -12.23 -9.10 31.68
C HIS A 252 -10.74 -8.86 31.36
N ILE A 253 -10.29 -9.26 30.18
CA ILE A 253 -8.87 -9.08 29.81
C ILE A 253 -8.52 -7.61 29.58
N ILE A 254 -9.41 -6.87 28.93
CA ILE A 254 -9.20 -5.44 28.73
C ILE A 254 -9.13 -4.74 30.11
N SER A 255 -9.97 -5.17 31.08
CA SER A 255 -9.95 -4.59 32.44
C SER A 255 -8.60 -4.88 33.11
N HIS A 256 -8.23 -6.15 33.06
CA HIS A 256 -7.10 -6.77 33.74
C HIS A 256 -5.74 -6.22 33.31
N THR A 257 -5.61 -5.83 32.03
CA THR A 257 -4.36 -5.32 31.47
C THR A 257 -4.35 -3.80 31.28
N ALA A 258 -5.45 -3.14 31.72
CA ALA A 258 -5.59 -1.72 31.56
C ALA A 258 -4.45 -0.93 32.18
N SER A 259 -4.04 -1.35 33.39
CA SER A 259 -2.99 -0.66 34.14
C SER A 259 -1.66 -0.55 33.40
N SER A 260 -1.45 -1.35 32.36
CA SER A 260 -0.22 -1.28 31.57
C SER A 260 -0.52 -1.04 30.06
N ILE A 261 -1.73 -0.54 29.78
CA ILE A 261 -2.07 -0.07 28.44
C ILE A 261 -1.63 -1.09 27.38
N LYS A 262 -1.79 -2.36 27.70
CA LYS A 262 -1.42 -3.45 26.75
C LYS A 262 -2.24 -3.41 25.43
N ARG A 263 -1.55 -3.59 24.32
CA ARG A 263 -2.30 -3.71 23.11
C ARG A 263 -3.18 -4.96 23.25
N THR A 264 -4.43 -4.85 22.79
CA THR A 264 -5.34 -5.99 22.81
C THR A 264 -5.80 -6.24 21.41
N HIS A 265 -6.16 -7.49 21.15
CA HIS A 265 -6.49 -7.94 19.78
C HIS A 265 -7.63 -8.89 20.05
N MET A 266 -8.80 -8.59 19.50
CA MET A 266 -10.00 -9.23 19.99
C MET A 266 -11.04 -9.74 18.96
N GLU A 267 -11.43 -11.00 19.13
CA GLU A 267 -12.45 -11.60 18.31
C GLU A 267 -13.40 -12.34 19.23
N LEU A 268 -14.54 -11.73 19.51
CA LEU A 268 -15.39 -12.19 20.58
C LEU A 268 -16.70 -12.78 20.08
N GLY A 269 -16.70 -13.31 18.86
CA GLY A 269 -17.92 -13.96 18.42
C GLY A 269 -18.83 -13.06 17.64
N GLY A 270 -19.91 -13.65 17.13
CA GLY A 270 -20.83 -12.97 16.24
C GLY A 270 -22.22 -13.56 16.23
N LYS A 271 -23.09 -12.96 15.41
CA LYS A 271 -24.43 -13.45 15.23
C LYS A 271 -24.78 -13.08 13.78
N ALA A 272 -24.37 -13.93 12.85
CA ALA A 272 -24.31 -13.52 11.42
C ALA A 272 -25.73 -13.48 10.86
N PRO A 273 -26.18 -12.29 10.46
CA PRO A 273 -27.49 -12.19 9.81
C PRO A 273 -27.37 -12.85 8.46
N VAL A 274 -28.32 -13.72 8.10
CA VAL A 274 -28.42 -14.32 6.75
C VAL A 274 -29.68 -13.68 6.14
N ILE A 275 -29.47 -12.69 5.28
CA ILE A 275 -30.57 -11.92 4.68
C ILE A 275 -30.99 -12.52 3.33
N VAL A 276 -32.21 -13.02 3.27
CA VAL A 276 -32.67 -13.72 2.08
C VAL A 276 -33.83 -12.96 1.48
N PHE A 277 -33.61 -12.39 0.29
CA PHE A 277 -34.66 -11.70 -0.45
C PHE A 277 -35.48 -12.65 -1.32
N ASP A 278 -36.61 -12.16 -1.80
CA ASP A 278 -37.57 -12.93 -2.63
C ASP A 278 -37.00 -13.53 -3.92
N ASP A 279 -35.95 -12.91 -4.45
CA ASP A 279 -35.41 -13.33 -5.73
C ASP A 279 -34.19 -14.24 -5.53
N ALA A 280 -34.00 -14.75 -4.32
CA ALA A 280 -32.86 -15.61 -4.02
C ALA A 280 -33.10 -17.00 -4.57
N ASP A 281 -32.01 -17.72 -4.77
CA ASP A 281 -32.10 -19.12 -5.13
C ASP A 281 -32.40 -19.92 -3.85
N ILE A 282 -33.59 -20.38 -3.76
CA ILE A 282 -33.98 -20.82 -2.43
C ILE A 282 -33.33 -22.17 -2.09
N GLU A 283 -33.15 -22.99 -3.08
CA GLU A 283 -32.57 -24.29 -2.83
C GLU A 283 -31.07 -24.15 -2.50
N ALA A 284 -30.45 -23.13 -3.04
CA ALA A 284 -29.01 -22.86 -2.77
C ALA A 284 -28.87 -22.29 -1.35
N VAL A 285 -29.76 -21.38 -0.91
CA VAL A 285 -29.85 -20.98 0.49
C VAL A 285 -30.00 -22.22 1.44
N VAL A 286 -30.93 -23.12 1.15
CA VAL A 286 -31.17 -24.28 2.02
C VAL A 286 -29.92 -25.18 2.07
N GLU A 287 -29.35 -25.44 0.89
CA GLU A 287 -28.10 -26.18 0.80
C GLU A 287 -26.99 -25.50 1.61
N GLY A 288 -26.88 -24.17 1.52
CA GLY A 288 -25.86 -23.45 2.25
C GLY A 288 -26.02 -23.44 3.76
N VAL A 289 -27.22 -23.09 4.23
CA VAL A 289 -27.47 -23.01 5.64
C VAL A 289 -27.41 -24.40 6.27
N ARG A 290 -27.84 -25.44 5.55
CA ARG A 290 -27.75 -26.78 6.15
C ARG A 290 -26.30 -27.18 6.49
N THR A 291 -25.35 -26.68 5.68
CA THR A 291 -23.96 -26.75 6.07
C THR A 291 -23.51 -25.68 7.07
N PHE A 292 -23.82 -24.42 6.79
CA PHE A 292 -23.13 -23.32 7.50
C PHE A 292 -23.77 -22.95 8.83
N GLY A 293 -25.03 -23.36 8.99
CA GLY A 293 -25.69 -23.29 10.28
C GLY A 293 -25.25 -24.33 11.33
N TYR A 294 -24.78 -25.49 10.88
CA TYR A 294 -24.60 -26.61 11.76
C TYR A 294 -23.22 -27.27 11.67
N TYR A 295 -22.39 -26.80 10.75
CA TYR A 295 -21.03 -27.28 10.64
C TYR A 295 -20.40 -27.00 11.95
N ASN A 296 -19.59 -27.92 12.44
CA ASN A 296 -18.96 -27.74 13.77
C ASN A 296 -19.96 -27.68 14.91
N ALA A 297 -21.16 -28.23 14.67
CA ALA A 297 -22.27 -28.21 15.64
C ALA A 297 -22.70 -26.75 15.90
N GLY A 298 -22.36 -25.86 14.97
CA GLY A 298 -22.74 -24.46 15.06
C GLY A 298 -21.90 -23.62 16.01
N GLN A 299 -20.83 -24.25 16.53
CA GLN A 299 -19.87 -23.60 17.44
C GLN A 299 -18.78 -22.98 16.55
N ASP A 300 -19.22 -21.90 15.91
CA ASP A 300 -18.47 -21.21 14.89
C ASP A 300 -18.86 -19.73 14.98
N CYS A 301 -17.84 -18.85 14.95
CA CYS A 301 -18.04 -17.40 15.12
C CYS A 301 -18.67 -16.79 13.82
N THR A 302 -18.71 -17.59 12.74
CA THR A 302 -19.43 -17.17 11.53
C THR A 302 -20.66 -18.04 11.18
N ALA A 303 -21.17 -18.84 12.12
CA ALA A 303 -22.30 -19.73 11.82
C ALA A 303 -23.39 -18.85 11.20
N ALA A 304 -24.04 -19.39 10.16
CA ALA A 304 -25.26 -18.86 9.56
C ALA A 304 -26.53 -19.09 10.44
N CYS A 305 -26.63 -18.33 11.52
CA CYS A 305 -27.50 -18.69 12.64
C CYS A 305 -28.77 -17.87 12.82
N ARG A 306 -28.87 -16.73 12.14
CA ARG A 306 -30.03 -15.90 12.28
C ARG A 306 -30.44 -15.49 10.86
N ILE A 307 -31.49 -16.12 10.34
CA ILE A 307 -32.02 -15.77 9.01
C ILE A 307 -33.12 -14.69 9.06
N TYR A 308 -32.95 -13.63 8.26
CA TYR A 308 -34.07 -12.76 7.92
C TYR A 308 -34.58 -13.17 6.52
N ALA A 309 -35.84 -13.59 6.41
CA ALA A 309 -36.38 -14.09 5.13
C ALA A 309 -37.54 -13.26 4.63
N GLN A 310 -37.39 -12.75 3.41
CA GLN A 310 -38.40 -11.85 2.89
C GLN A 310 -39.76 -12.56 2.80
N LYS A 311 -40.82 -11.79 2.99
CA LYS A 311 -42.12 -12.35 3.28
C LYS A 311 -42.67 -13.17 2.12
N GLY A 312 -42.25 -12.82 0.90
CA GLY A 312 -42.69 -13.54 -0.27
C GLY A 312 -42.19 -14.97 -0.23
N ILE A 313 -40.93 -15.22 0.24
CA ILE A 313 -40.42 -16.61 0.29
C ILE A 313 -40.35 -17.28 1.70
N TYR A 314 -40.89 -16.60 2.73
CA TYR A 314 -40.56 -16.99 4.09
C TYR A 314 -41.00 -18.45 4.37
N ASP A 315 -42.26 -18.78 4.12
CA ASP A 315 -42.77 -20.12 4.41
C ASP A 315 -42.18 -21.26 3.55
N THR A 316 -41.95 -21.02 2.25
CA THR A 316 -41.25 -21.99 1.44
C THR A 316 -39.84 -22.30 1.98
N LEU A 317 -39.07 -21.26 2.29
CA LEU A 317 -37.78 -21.43 2.94
C LEU A 317 -37.84 -22.22 4.26
N VAL A 318 -38.76 -21.86 5.14
CA VAL A 318 -38.90 -22.62 6.41
C VAL A 318 -39.18 -24.13 6.17
N GLU A 319 -40.17 -24.38 5.32
CA GLU A 319 -40.48 -25.72 4.78
C GLU A 319 -39.23 -26.47 4.33
N LYS A 320 -38.56 -25.96 3.31
CA LYS A 320 -37.43 -26.69 2.71
C LYS A 320 -36.22 -26.75 3.63
N LEU A 321 -35.98 -25.72 4.40
CA LEU A 321 -34.90 -25.79 5.37
C LEU A 321 -35.14 -26.83 6.50
N GLY A 322 -36.35 -26.82 7.06
CA GLY A 322 -36.72 -27.79 8.09
C GLY A 322 -36.45 -29.20 7.61
N ALA A 323 -36.86 -29.52 6.36
CA ALA A 323 -36.69 -30.87 5.80
C ALA A 323 -35.19 -31.21 5.59
N ALA A 324 -34.38 -30.24 5.16
CA ALA A 324 -32.98 -30.48 4.92
C ALA A 324 -32.19 -30.67 6.25
N VAL A 325 -32.41 -29.77 7.21
CA VAL A 325 -31.84 -29.88 8.56
C VAL A 325 -32.18 -31.22 9.30
N ALA A 326 -33.42 -31.70 9.14
CA ALA A 326 -33.81 -33.01 9.73
C ALA A 326 -32.95 -34.21 9.30
N THR A 327 -32.30 -34.13 8.13
CA THR A 327 -31.53 -35.28 7.62
C THR A 327 -30.08 -35.32 8.10
N LEU A 328 -29.68 -34.29 8.83
CA LEU A 328 -28.26 -34.14 9.22
C LEU A 328 -27.87 -35.34 10.09
N LYS A 329 -26.75 -35.97 9.74
CA LYS A 329 -26.43 -37.22 10.39
C LYS A 329 -25.49 -37.04 11.60
N SER A 330 -25.96 -37.42 12.80
CA SER A 330 -25.12 -37.58 13.98
C SER A 330 -24.71 -39.04 14.15
N GLY A 331 -23.55 -39.28 14.74
CA GLY A 331 -22.93 -40.60 14.69
C GLY A 331 -21.54 -40.52 15.29
N ALA A 332 -20.82 -41.65 15.32
CA ALA A 332 -19.39 -41.69 15.66
C ALA A 332 -18.58 -40.69 14.79
N PRO A 333 -17.82 -39.77 15.42
CA PRO A 333 -16.89 -38.90 14.69
C PRO A 333 -16.04 -39.63 13.66
N ASP A 334 -15.60 -40.86 13.93
CA ASP A 334 -14.70 -41.51 13.00
C ASP A 334 -15.40 -42.24 11.84
N ASP A 335 -16.70 -41.96 11.65
CA ASP A 335 -17.49 -42.62 10.65
C ASP A 335 -17.67 -41.60 9.53
N GLU A 336 -17.36 -42.01 8.29
CA GLU A 336 -17.43 -41.09 7.17
C GLU A 336 -18.83 -40.49 6.86
N SER A 337 -19.91 -41.18 7.27
CA SER A 337 -21.25 -40.64 7.04
C SER A 337 -21.62 -39.54 8.06
N THR A 338 -20.86 -39.41 9.15
CA THR A 338 -21.21 -38.46 10.21
C THR A 338 -21.06 -37.02 9.75
N GLU A 339 -22.10 -36.22 10.00
CA GLU A 339 -22.15 -34.82 9.54
C GLU A 339 -22.10 -33.87 10.70
N LEU A 340 -22.84 -34.22 11.75
CA LEU A 340 -22.95 -33.41 12.96
C LEU A 340 -22.38 -34.16 14.13
N GLY A 341 -21.38 -33.58 14.77
CA GLY A 341 -20.76 -34.12 15.96
C GLY A 341 -21.40 -33.47 17.16
N PRO A 342 -20.85 -33.73 18.35
CA PRO A 342 -21.45 -33.20 19.55
C PRO A 342 -20.99 -31.76 19.86
N LEU A 343 -21.59 -31.15 20.87
CA LEU A 343 -21.03 -29.96 21.50
C LEU A 343 -19.76 -30.23 22.38
N SER A 344 -19.09 -29.15 22.78
CA SER A 344 -17.72 -29.22 23.29
C SER A 344 -17.61 -29.78 24.72
N SER A 345 -18.62 -29.50 25.54
CA SER A 345 -18.61 -29.86 26.94
C SER A 345 -20.04 -30.01 27.40
N LEU A 346 -20.18 -30.56 28.60
CA LEU A 346 -21.42 -30.67 29.33
C LEU A 346 -22.09 -29.35 29.61
N ALA A 347 -21.31 -28.40 30.13
CA ALA A 347 -21.85 -27.08 30.45
C ALA A 347 -22.29 -26.31 29.19
N HIS A 348 -21.60 -26.53 28.05
CA HIS A 348 -22.00 -25.84 26.81
C HIS A 348 -23.24 -26.47 26.16
N LEU A 349 -23.40 -27.79 26.28
CA LEU A 349 -24.68 -28.44 25.99
C LEU A 349 -25.81 -27.82 26.82
N GLU A 350 -25.59 -27.57 28.12
CA GLU A 350 -26.64 -27.02 28.98
C GLU A 350 -27.05 -25.60 28.59
N ARG A 351 -26.07 -24.71 28.42
CA ARG A 351 -26.20 -23.38 27.78
C ARG A 351 -27.06 -23.35 26.49
N VAL A 352 -26.69 -24.18 25.50
CA VAL A 352 -27.46 -24.31 24.26
C VAL A 352 -28.91 -24.76 24.51
N GLY A 353 -29.08 -25.86 25.25
CA GLY A 353 -30.38 -26.34 25.64
C GLY A 353 -31.23 -25.22 26.24
N LYS A 354 -30.68 -24.49 27.22
CA LYS A 354 -31.39 -23.37 27.89
C LYS A 354 -31.89 -22.26 26.95
N ALA A 355 -31.02 -21.86 26.05
CA ALA A 355 -31.33 -20.92 25.00
C ALA A 355 -32.50 -21.39 24.21
N VAL A 356 -32.52 -22.68 23.88
CA VAL A 356 -33.60 -23.20 23.03
C VAL A 356 -34.90 -23.15 23.78
N GLU A 357 -34.86 -23.64 25.01
CA GLU A 357 -36.02 -23.58 25.91
C GLU A 357 -36.49 -22.13 26.08
N GLU A 358 -35.61 -21.09 26.14
CA GLU A 358 -36.05 -19.70 26.31
C GLU A 358 -36.85 -19.20 25.11
N ALA A 359 -36.46 -19.67 23.94
CA ALA A 359 -37.12 -19.31 22.69
C ALA A 359 -38.50 -19.90 22.69
N LYS A 360 -38.60 -21.16 23.10
CA LYS A 360 -39.90 -21.84 23.17
C LYS A 360 -40.86 -21.06 24.04
N ALA A 361 -40.38 -20.66 25.19
CA ALA A 361 -41.18 -20.04 26.26
C ALA A 361 -41.66 -18.60 25.90
N THR A 362 -41.14 -18.11 24.81
CA THR A 362 -41.61 -16.86 24.25
C THR A 362 -43.16 -16.91 23.95
N GLY A 363 -43.65 -18.07 23.51
CA GLY A 363 -45.04 -18.18 23.08
C GLY A 363 -45.30 -18.01 21.58
N HIS A 364 -44.35 -17.45 20.84
CA HIS A 364 -44.55 -17.25 19.40
C HIS A 364 -43.53 -17.97 18.50
N ILE A 365 -42.65 -18.77 19.10
CA ILE A 365 -41.65 -19.50 18.34
C ILE A 365 -41.95 -21.01 18.16
N LYS A 366 -42.08 -21.44 16.89
CA LYS A 366 -42.31 -22.84 16.55
C LYS A 366 -41.02 -23.64 16.31
N VAL A 367 -40.94 -24.82 16.88
CA VAL A 367 -39.79 -25.66 16.65
C VAL A 367 -40.07 -26.42 15.37
N ILE A 368 -39.32 -26.19 14.31
CA ILE A 368 -39.63 -26.90 13.08
C ILE A 368 -39.05 -28.31 13.07
N THR A 369 -37.90 -28.43 13.72
CA THR A 369 -37.16 -29.69 13.80
C THR A 369 -36.06 -29.52 14.84
N GLY A 370 -35.76 -30.61 15.54
CA GLY A 370 -34.80 -30.64 16.61
C GLY A 370 -35.30 -30.16 17.96
N GLY A 371 -34.46 -29.38 18.65
CA GLY A 371 -34.86 -28.78 19.92
C GLY A 371 -34.91 -29.68 21.14
N GLU A 372 -34.09 -30.74 21.12
CA GLU A 372 -33.89 -31.66 22.24
C GLU A 372 -32.44 -32.13 22.25
N LYS A 373 -31.94 -32.46 23.44
CA LYS A 373 -30.70 -33.23 23.58
C LYS A 373 -30.89 -34.69 23.14
N ARG A 374 -29.89 -35.24 22.45
CA ARG A 374 -29.86 -36.65 22.07
C ARG A 374 -29.73 -37.48 23.33
N LYS A 375 -30.42 -38.61 23.36
CA LYS A 375 -30.19 -39.60 24.39
C LYS A 375 -28.83 -40.29 24.14
N GLY A 376 -28.24 -40.85 25.19
CA GLY A 376 -26.91 -41.46 25.10
C GLY A 376 -25.81 -40.68 25.83
N ASN A 377 -24.61 -41.24 25.86
CA ASN A 377 -23.49 -40.49 26.42
C ASN A 377 -22.96 -39.51 25.36
N GLY A 378 -22.16 -38.56 25.77
CA GLY A 378 -21.61 -37.61 24.78
C GLY A 378 -22.50 -36.40 24.78
N TYR A 379 -22.11 -35.32 24.12
CA TYR A 379 -22.84 -34.08 24.33
C TYR A 379 -23.54 -33.61 23.05
N TYR A 380 -24.35 -34.53 22.53
CA TYR A 380 -25.04 -34.32 21.27
C TYR A 380 -26.32 -33.51 21.46
N TYR A 381 -26.56 -32.55 20.57
CA TYR A 381 -27.81 -31.77 20.56
C TYR A 381 -28.35 -31.90 19.15
N ALA A 382 -29.64 -32.20 19.08
CA ALA A 382 -30.36 -32.37 17.82
C ALA A 382 -30.26 -31.13 16.94
N PRO A 383 -30.04 -31.29 15.61
CA PRO A 383 -30.00 -30.16 14.66
C PRO A 383 -31.34 -29.43 14.65
N THR A 384 -31.33 -28.12 14.81
CA THR A 384 -32.56 -27.45 15.24
C THR A 384 -32.92 -26.23 14.35
N LEU A 385 -34.18 -26.16 13.87
CA LEU A 385 -34.67 -24.98 13.18
C LEU A 385 -35.77 -24.32 13.97
N LEU A 386 -35.67 -23.01 14.18
CA LEU A 386 -36.66 -22.28 14.93
C LEU A 386 -37.31 -21.20 14.13
N ALA A 387 -38.63 -21.21 14.03
CA ALA A 387 -39.35 -20.26 13.18
C ALA A 387 -40.23 -19.30 13.95
N GLY A 388 -40.51 -18.15 13.33
CA GLY A 388 -41.33 -17.10 13.93
C GLY A 388 -40.58 -16.26 14.94
N ALA A 389 -39.25 -16.40 14.95
CA ALA A 389 -38.37 -15.53 15.76
C ALA A 389 -38.59 -14.06 15.37
N LEU A 390 -38.77 -13.14 16.34
CA LEU A 390 -38.94 -11.71 16.09
C LEU A 390 -37.65 -10.94 16.43
N GLN A 391 -37.38 -9.82 15.69
CA GLN A 391 -36.19 -8.95 15.92
C GLN A 391 -35.66 -8.81 17.38
N ASP A 392 -36.54 -8.55 18.33
CA ASP A 392 -36.15 -8.20 19.71
C ASP A 392 -36.02 -9.44 20.58
N ASP A 393 -36.17 -10.63 19.98
CA ASP A 393 -36.07 -11.87 20.76
C ASP A 393 -34.62 -12.19 21.06
N ALA A 394 -34.33 -12.69 22.25
CA ALA A 394 -33.00 -13.17 22.61
C ALA A 394 -32.44 -14.19 21.62
N ILE A 395 -33.28 -15.09 21.11
CA ILE A 395 -32.78 -16.00 20.07
C ILE A 395 -32.19 -15.26 18.84
N VAL A 396 -32.62 -14.01 18.61
CA VAL A 396 -32.10 -13.24 17.49
C VAL A 396 -30.91 -12.36 17.85
N GLN A 397 -30.88 -11.85 19.08
CA GLN A 397 -29.86 -10.89 19.47
C GLN A 397 -28.59 -11.47 20.05
N LYS A 398 -28.71 -12.67 20.68
CA LYS A 398 -27.63 -13.32 21.46
C LYS A 398 -27.14 -14.62 20.82
N GLU A 399 -25.82 -14.75 20.65
CA GLU A 399 -25.15 -15.94 20.04
C GLU A 399 -25.43 -17.21 20.88
N VAL A 400 -25.96 -18.24 20.22
CA VAL A 400 -26.22 -19.54 20.85
C VAL A 400 -24.99 -20.45 20.72
N PHE A 401 -24.26 -20.36 19.61
CA PHE A 401 -23.03 -21.16 19.45
C PHE A 401 -23.31 -22.70 19.61
N GLY A 402 -24.48 -23.10 19.09
CA GLY A 402 -24.92 -24.48 19.01
C GLY A 402 -25.59 -24.77 17.66
N PRO A 403 -26.02 -26.00 17.41
CA PRO A 403 -26.70 -26.39 16.15
C PRO A 403 -28.17 -25.94 16.12
N VAL A 404 -28.34 -24.62 16.01
CA VAL A 404 -29.63 -23.96 16.18
C VAL A 404 -29.60 -22.79 15.21
N VAL A 405 -30.65 -22.68 14.40
CA VAL A 405 -30.89 -21.54 13.54
C VAL A 405 -32.31 -21.03 13.74
N SER A 406 -32.50 -19.71 13.79
CA SER A 406 -33.84 -19.09 13.77
C SER A 406 -34.16 -18.37 12.42
N VAL A 407 -35.46 -18.24 12.10
CA VAL A 407 -35.94 -17.57 10.89
C VAL A 407 -36.99 -16.50 11.28
N THR A 408 -36.77 -15.28 10.76
CA THR A 408 -37.61 -14.10 11.01
C THR A 408 -38.09 -13.60 9.64
N PRO A 409 -39.38 -13.32 9.49
CA PRO A 409 -39.81 -12.67 8.25
C PRO A 409 -39.53 -11.17 8.28
N PHE A 410 -39.28 -10.63 7.08
CA PHE A 410 -39.15 -9.21 6.84
C PHE A 410 -39.87 -8.73 5.56
N ASP A 411 -40.26 -7.46 5.62
CA ASP A 411 -40.96 -6.71 4.61
C ASP A 411 -40.06 -6.18 3.47
N ASN A 412 -39.17 -5.27 3.81
CA ASN A 412 -38.42 -4.52 2.82
C ASN A 412 -36.97 -4.34 3.19
N GLU A 413 -36.19 -3.94 2.17
CA GLU A 413 -34.72 -3.81 2.23
C GLU A 413 -34.22 -2.89 3.35
N GLU A 414 -34.85 -1.75 3.44
CA GLU A 414 -34.40 -0.77 4.36
C GLU A 414 -34.60 -1.26 5.82
N GLN A 415 -35.81 -1.77 6.11
CA GLN A 415 -36.17 -2.42 7.39
C GLN A 415 -35.16 -3.51 7.81
N VAL A 416 -34.95 -4.50 6.96
CA VAL A 416 -33.97 -5.59 7.29
C VAL A 416 -32.48 -5.16 7.52
N VAL A 417 -31.99 -4.23 6.70
CA VAL A 417 -30.64 -3.71 6.87
C VAL A 417 -30.52 -3.06 8.25
N ASN A 418 -31.50 -2.19 8.57
CA ASN A 418 -31.59 -1.54 9.85
C ASN A 418 -31.67 -2.53 10.99
N TRP A 419 -32.45 -3.62 10.83
CA TRP A 419 -32.53 -4.65 11.86
C TRP A 419 -31.21 -5.37 11.99
N ALA A 420 -30.60 -5.73 10.86
CA ALA A 420 -29.35 -6.45 10.91
C ALA A 420 -28.29 -5.60 11.60
N ASN A 421 -28.29 -4.30 11.31
CA ASN A 421 -27.23 -3.42 11.79
C ASN A 421 -27.52 -2.99 13.24
N ASP A 422 -28.75 -3.20 13.72
CA ASP A 422 -29.09 -2.95 15.14
C ASP A 422 -28.75 -4.18 16.02
N SER A 423 -27.45 -4.38 16.24
CA SER A 423 -26.89 -5.53 16.91
C SER A 423 -25.64 -5.01 17.66
N GLN A 424 -25.26 -5.68 18.73
CA GLN A 424 -23.94 -5.43 19.31
C GLN A 424 -22.84 -6.26 18.64
N TYR A 425 -23.23 -7.18 17.75
CA TYR A 425 -22.24 -7.99 17.00
C TYR A 425 -21.91 -7.35 15.66
N GLY A 426 -20.72 -7.67 15.13
CA GLY A 426 -20.24 -7.09 13.90
C GLY A 426 -19.21 -7.93 13.17
N LEU A 427 -19.28 -9.27 13.29
CA LEU A 427 -18.26 -10.11 12.64
C LEU A 427 -18.50 -10.55 11.15
N ALA A 428 -19.64 -11.17 10.88
CA ALA A 428 -19.80 -11.81 9.56
C ALA A 428 -21.27 -11.77 9.22
N SER A 429 -21.59 -11.96 7.93
CA SER A 429 -22.96 -11.79 7.48
C SER A 429 -23.12 -12.29 6.04
N SER A 430 -24.35 -12.54 5.60
CA SER A 430 -24.51 -12.83 4.18
C SER A 430 -25.80 -12.22 3.63
N VAL A 431 -25.78 -11.91 2.32
CA VAL A 431 -26.98 -11.54 1.59
C VAL A 431 -27.19 -12.43 0.38
N TRP A 432 -28.43 -12.87 0.22
CA TRP A 432 -28.87 -13.76 -0.86
C TRP A 432 -29.92 -13.07 -1.69
N THR A 433 -29.52 -12.78 -2.92
CA THR A 433 -30.36 -12.07 -3.86
C THR A 433 -29.73 -12.18 -5.25
N LYS A 434 -30.58 -12.23 -6.27
CA LYS A 434 -30.01 -12.37 -7.59
C LYS A 434 -29.67 -11.01 -8.21
N ASP A 435 -30.21 -9.91 -7.68
CA ASP A 435 -30.04 -8.56 -8.24
C ASP A 435 -28.69 -7.94 -7.89
N VAL A 436 -27.88 -7.57 -8.90
CA VAL A 436 -26.57 -6.94 -8.66
C VAL A 436 -26.69 -5.67 -7.82
N GLY A 437 -27.64 -4.81 -8.17
CA GLY A 437 -27.78 -3.53 -7.49
C GLY A 437 -27.98 -3.72 -5.99
N ARG A 438 -28.99 -4.52 -5.67
CA ARG A 438 -29.31 -4.81 -4.29
C ARG A 438 -28.15 -5.44 -3.54
N ALA A 439 -27.54 -6.48 -4.10
CA ALA A 439 -26.38 -7.08 -3.48
C ALA A 439 -25.27 -6.10 -3.06
N HIS A 440 -25.05 -5.10 -3.89
CA HIS A 440 -23.98 -4.13 -3.62
C HIS A 440 -24.42 -3.09 -2.66
N ARG A 441 -25.67 -2.69 -2.78
CA ARG A 441 -26.24 -1.73 -1.84
C ARG A 441 -26.22 -2.33 -0.43
N VAL A 442 -26.66 -3.57 -0.27
CA VAL A 442 -26.77 -4.18 1.07
C VAL A 442 -25.37 -4.44 1.62
N SER A 443 -24.48 -4.85 0.73
CA SER A 443 -23.09 -5.12 1.12
C SER A 443 -22.34 -3.87 1.63
N ALA A 444 -22.59 -2.75 0.97
CA ALA A 444 -22.01 -1.45 1.37
C ALA A 444 -22.47 -1.05 2.78
N ARG A 445 -23.69 -1.37 3.12
CA ARG A 445 -24.33 -0.84 4.32
C ARG A 445 -24.16 -1.76 5.57
N LEU A 446 -23.88 -3.05 5.39
CA LEU A 446 -23.83 -3.98 6.51
C LEU A 446 -22.68 -3.65 7.47
N GLN A 447 -22.97 -3.55 8.75
CA GLN A 447 -21.88 -3.16 9.65
C GLN A 447 -21.18 -4.42 10.18
N TYR A 448 -20.49 -5.15 9.31
CA TYR A 448 -19.97 -6.49 9.68
C TYR A 448 -18.65 -6.68 8.98
N GLY A 449 -17.68 -7.28 9.68
CA GLY A 449 -16.34 -7.46 9.22
C GLY A 449 -16.28 -8.12 7.85
N CYS A 450 -17.28 -8.95 7.60
CA CYS A 450 -17.31 -9.64 6.36
C CYS A 450 -18.77 -9.84 5.94
N THR A 451 -19.02 -9.71 4.64
CA THR A 451 -20.33 -10.02 4.04
C THR A 451 -20.13 -10.92 2.81
N TRP A 452 -20.83 -12.05 2.79
CA TRP A 452 -20.83 -12.93 1.61
C TRP A 452 -22.12 -12.66 0.80
N VAL A 453 -22.08 -12.91 -0.50
CA VAL A 453 -23.21 -12.70 -1.44
C VAL A 453 -23.47 -14.04 -2.10
N ASN A 454 -24.64 -14.61 -1.78
CA ASN A 454 -25.05 -15.90 -2.32
C ASN A 454 -24.16 -17.04 -1.92
N THR A 455 -23.57 -16.88 -0.75
CA THR A 455 -22.89 -17.98 -0.06
C THR A 455 -22.71 -17.52 1.40
N HIS A 456 -21.91 -18.26 2.18
CA HIS A 456 -21.62 -17.94 3.57
C HIS A 456 -20.39 -18.71 3.95
N PHE A 457 -19.71 -18.32 5.01
CA PHE A 457 -18.73 -19.24 5.60
C PHE A 457 -17.33 -19.29 4.96
N MET A 458 -17.15 -18.82 3.72
CA MET A 458 -15.88 -19.10 3.02
C MET A 458 -14.76 -18.15 3.44
N LEU A 459 -13.68 -18.71 3.97
CA LEU A 459 -12.47 -17.99 4.37
C LEU A 459 -11.24 -18.42 3.56
N VAL A 460 -10.42 -17.43 3.20
CA VAL A 460 -9.16 -17.68 2.49
C VAL A 460 -8.08 -16.91 3.26
N SER A 461 -6.85 -17.44 3.22
CA SER A 461 -5.76 -16.89 3.99
C SER A 461 -5.42 -15.43 3.64
N GLU A 462 -5.63 -15.01 2.40
CA GLU A 462 -5.39 -13.62 2.02
C GLU A 462 -6.40 -12.57 2.58
N MET A 463 -7.59 -13.00 2.98
CA MET A 463 -8.67 -12.02 3.28
C MET A 463 -8.85 -11.92 4.79
N PRO A 464 -8.95 -10.71 5.36
CA PRO A 464 -9.02 -10.58 6.82
C PRO A 464 -10.36 -11.02 7.34
N HIS A 465 -10.33 -11.43 8.58
CA HIS A 465 -11.51 -11.93 9.28
C HIS A 465 -11.44 -11.25 10.61
N GLY A 466 -12.52 -10.57 11.00
CA GLY A 466 -12.58 -9.91 12.31
C GLY A 466 -13.69 -8.87 12.40
N GLY A 467 -13.94 -8.34 13.59
CA GLY A 467 -15.21 -7.67 13.80
C GLY A 467 -15.21 -6.17 14.02
N GLN A 468 -16.34 -5.70 14.51
CA GLN A 468 -16.48 -4.37 15.06
C GLN A 468 -17.50 -4.49 16.20
N LYS A 469 -17.77 -3.37 16.87
CA LYS A 469 -18.68 -3.36 18.01
C LYS A 469 -18.18 -4.40 19.03
N LEU A 470 -19.10 -5.15 19.67
CA LEU A 470 -18.70 -6.05 20.74
C LEU A 470 -18.14 -7.34 20.17
N SER A 471 -18.04 -7.43 18.84
CA SER A 471 -17.34 -8.56 18.28
C SER A 471 -15.83 -8.36 18.40
N GLY A 472 -15.42 -7.14 18.74
CA GLY A 472 -14.02 -6.74 18.85
C GLY A 472 -13.41 -5.92 17.69
N TYR A 473 -12.13 -6.15 17.44
CA TYR A 473 -11.33 -5.31 16.53
C TYR A 473 -10.01 -6.09 16.25
N GLY A 474 -9.29 -5.75 15.18
CA GLY A 474 -8.09 -6.54 14.81
C GLY A 474 -8.52 -7.69 13.88
N LYS A 475 -7.61 -8.14 13.03
CA LYS A 475 -7.99 -9.13 12.05
C LYS A 475 -7.17 -10.37 12.26
N ASP A 476 -7.66 -11.54 11.84
CA ASP A 476 -6.82 -12.73 11.73
C ASP A 476 -6.74 -13.02 10.22
N MET A 477 -5.68 -13.71 9.80
CA MET A 477 -5.35 -13.80 8.38
C MET A 477 -5.09 -12.42 7.73
N SER A 478 -4.61 -12.48 6.48
CA SER A 478 -4.37 -11.35 5.61
C SER A 478 -3.15 -10.52 6.01
N LEU A 479 -2.72 -9.64 5.12
CA LEU A 479 -1.68 -8.65 5.48
C LEU A 479 -2.02 -7.83 6.75
N TYR A 480 -3.32 -7.58 6.94
CA TYR A 480 -3.77 -6.83 8.08
C TYR A 480 -3.48 -7.58 9.41
N GLY A 481 -3.72 -8.88 9.44
CA GLY A 481 -3.46 -9.67 10.66
C GLY A 481 -1.96 -9.65 11.01
N LEU A 482 -1.11 -9.38 10.02
CA LEU A 482 0.32 -9.18 10.28
C LEU A 482 0.60 -7.79 10.84
N GLU A 483 0.00 -6.79 10.21
CA GLU A 483 0.19 -5.41 10.65
C GLU A 483 -0.13 -5.24 12.12
N ASP A 484 -1.20 -5.90 12.60
CA ASP A 484 -1.61 -5.89 14.00
C ASP A 484 -0.54 -6.24 15.05
N TYR A 485 0.54 -6.93 14.66
CA TYR A 485 1.58 -7.33 15.62
C TYR A 485 2.86 -6.49 15.40
N THR A 486 2.71 -5.28 14.85
CA THR A 486 3.89 -4.44 14.59
C THR A 486 3.64 -3.06 15.10
N VAL A 487 4.70 -2.33 15.40
CA VAL A 487 4.55 -0.89 15.60
C VAL A 487 5.11 -0.06 14.45
N VAL A 488 4.34 0.92 14.02
CA VAL A 488 4.85 1.76 12.95
C VAL A 488 5.75 2.75 13.62
N ARG A 489 6.96 2.90 13.04
CA ARG A 489 8.00 3.83 13.54
C ARG A 489 8.47 4.79 12.42
N HIS A 490 8.60 6.07 12.77
CA HIS A 490 9.17 7.13 11.98
C HIS A 490 10.61 7.45 12.40
N VAL A 491 11.59 7.29 11.49
CA VAL A 491 12.99 7.62 11.71
C VAL A 491 13.29 8.77 10.77
N MET A 492 13.84 9.86 11.31
CA MET A 492 14.07 11.09 10.52
C MET A 492 15.49 11.55 10.79
N VAL A 493 16.23 11.71 9.71
CA VAL A 493 17.67 11.98 9.79
C VAL A 493 17.93 13.38 9.28
N LYS A 494 18.49 14.26 10.11
CA LYS A 494 18.86 15.59 9.60
C LYS A 494 20.05 15.52 8.64
N HIS A 495 19.96 16.20 7.49
CA HIS A 495 21.11 16.33 6.57
C HIS A 495 22.17 17.28 7.11
N MET B 22 -8.82 36.77 -26.77
CA MET B 22 -8.08 35.49 -26.76
C MET B 22 -6.62 35.69 -26.52
N GLN B 23 -6.09 34.74 -25.81
CA GLN B 23 -4.68 34.72 -25.46
C GLN B 23 -3.97 33.76 -26.41
N HIS B 24 -2.89 34.23 -27.06
CA HIS B 24 -2.12 33.46 -28.04
C HIS B 24 -0.65 33.23 -27.65
N LYS B 25 -0.22 33.66 -26.47
CA LYS B 25 1.21 33.60 -26.17
C LYS B 25 1.63 32.30 -25.48
N LEU B 26 2.83 31.81 -25.79
CA LEU B 26 3.49 30.69 -25.11
C LEU B 26 3.97 31.04 -23.69
N LEU B 27 3.91 30.07 -22.77
CA LEU B 27 4.53 30.22 -21.48
C LEU B 27 5.84 29.46 -21.57
N ILE B 28 6.98 30.19 -21.51
CA ILE B 28 8.33 29.61 -21.50
C ILE B 28 9.07 30.25 -20.30
N ASN B 29 9.54 29.42 -19.35
CA ASN B 29 10.43 29.94 -18.28
C ASN B 29 9.91 31.22 -17.55
N GLY B 30 8.61 31.27 -17.34
CA GLY B 30 8.00 32.27 -16.50
C GLY B 30 7.53 33.49 -17.25
N GLU B 31 7.67 33.45 -18.57
CA GLU B 31 7.35 34.57 -19.40
C GLU B 31 6.34 34.19 -20.48
N LEU B 32 5.43 35.11 -20.77
CA LEU B 32 4.52 34.93 -21.90
C LEU B 32 5.18 35.52 -23.14
N VAL B 33 5.41 34.68 -24.14
CA VAL B 33 6.05 35.15 -25.37
C VAL B 33 5.28 34.68 -26.64
N SER B 34 5.23 35.55 -27.66
CA SER B 34 4.73 35.14 -28.96
C SER B 34 5.56 33.97 -29.58
N GLY B 35 4.87 32.99 -30.17
CA GLY B 35 5.52 32.09 -31.11
C GLY B 35 6.35 32.84 -32.18
N GLU B 36 7.48 32.27 -32.63
CA GLU B 36 8.25 32.87 -33.74
C GLU B 36 8.25 31.91 -34.96
N GLY B 37 7.49 30.82 -34.89
CA GLY B 37 7.31 29.94 -36.03
C GLY B 37 6.14 30.43 -36.86
N GLU B 38 5.61 29.53 -37.69
CA GLU B 38 4.62 29.93 -38.69
C GLU B 38 3.24 30.03 -38.05
N LYS B 39 2.43 30.93 -38.62
CA LYS B 39 1.05 31.15 -38.16
C LYS B 39 0.02 30.09 -38.65
N GLN B 40 -0.78 29.57 -37.72
CA GLN B 40 -1.69 28.46 -37.96
C GLN B 40 -3.11 28.90 -37.62
N PRO B 41 -4.06 28.49 -38.43
CA PRO B 41 -5.45 28.87 -38.18
C PRO B 41 -6.08 27.96 -37.13
N VAL B 42 -6.89 28.55 -36.27
CA VAL B 42 -7.70 27.80 -35.33
C VAL B 42 -9.17 28.00 -35.72
N TYR B 43 -9.93 26.90 -35.85
CA TYR B 43 -11.34 27.00 -36.27
C TYR B 43 -12.40 26.88 -35.17
N ASN B 44 -13.52 27.55 -35.41
CA ASN B 44 -14.77 27.29 -34.71
C ASN B 44 -15.47 26.20 -35.48
N PRO B 45 -15.50 24.98 -34.94
CA PRO B 45 -16.11 23.86 -35.66
C PRO B 45 -17.65 23.86 -35.68
N ALA B 46 -18.32 24.77 -34.99
CA ALA B 46 -19.76 24.96 -35.23
C ALA B 46 -20.08 25.64 -36.54
N THR B 47 -19.13 26.43 -37.06
CA THR B 47 -19.43 27.37 -38.13
C THR B 47 -18.41 27.30 -39.23
N GLY B 48 -17.22 26.78 -38.94
CA GLY B 48 -16.09 26.87 -39.86
C GLY B 48 -15.38 28.24 -39.91
N ASP B 49 -15.73 29.18 -39.04
CA ASP B 49 -15.04 30.46 -39.03
C ASP B 49 -13.70 30.27 -38.37
N VAL B 50 -12.76 31.12 -38.77
CA VAL B 50 -11.44 31.10 -38.22
C VAL B 50 -11.51 32.00 -37.01
N LEU B 51 -11.11 31.47 -35.86
CA LEU B 51 -11.14 32.14 -34.58
C LEU B 51 -9.99 33.11 -34.49
N LEU B 52 -8.81 32.64 -34.86
CA LEU B 52 -7.60 33.44 -35.02
C LEU B 52 -6.48 32.60 -35.62
N GLU B 53 -5.34 33.28 -35.82
CA GLU B 53 -4.12 32.63 -36.19
C GLU B 53 -3.10 32.73 -35.06
N ILE B 54 -2.41 31.62 -34.81
CA ILE B 54 -1.42 31.63 -33.76
C ILE B 54 -0.12 31.15 -34.34
N ALA B 55 0.97 31.86 -34.04
CA ALA B 55 2.29 31.44 -34.42
C ALA B 55 2.79 30.29 -33.58
N GLU B 56 3.30 29.26 -34.26
CA GLU B 56 3.94 28.11 -33.60
C GLU B 56 5.20 28.49 -32.79
N ALA B 57 5.52 27.73 -31.77
CA ALA B 57 6.89 27.81 -31.24
C ALA B 57 7.88 27.45 -32.38
N SER B 58 9.00 28.17 -32.46
CA SER B 58 10.14 27.82 -33.31
C SER B 58 10.96 26.70 -32.68
N ALA B 59 11.89 26.12 -33.45
CA ALA B 59 12.73 25.02 -32.92
C ALA B 59 13.59 25.56 -31.76
N GLU B 60 13.99 26.82 -31.87
CA GLU B 60 14.72 27.48 -30.81
C GLU B 60 13.89 27.60 -29.56
N GLN B 61 12.60 27.93 -29.73
CA GLN B 61 11.72 28.04 -28.58
C GLN B 61 11.40 26.69 -27.88
N VAL B 62 11.20 25.65 -28.68
CA VAL B 62 11.12 24.29 -28.17
C VAL B 62 12.37 24.02 -27.33
N ASP B 63 13.53 24.25 -27.91
CA ASP B 63 14.79 23.97 -27.23
C ASP B 63 14.84 24.78 -25.94
N ALA B 64 14.53 26.09 -26.03
CA ALA B 64 14.61 26.98 -24.87
C ALA B 64 13.64 26.51 -23.76
N ALA B 65 12.45 26.05 -24.13
CA ALA B 65 11.50 25.47 -23.11
C ALA B 65 12.03 24.26 -22.36
N VAL B 66 12.56 23.29 -23.10
CA VAL B 66 13.14 22.10 -22.47
C VAL B 66 14.29 22.50 -21.54
N ARG B 67 15.14 23.42 -22.01
CA ARG B 67 16.27 23.91 -21.20
C ARG B 67 15.82 24.63 -19.92
N ALA B 68 14.76 25.43 -19.99
CA ALA B 68 14.23 26.11 -18.80
C ALA B 68 13.70 25.09 -17.81
N ALA B 69 12.95 24.11 -18.30
CA ALA B 69 12.42 23.02 -17.43
C ALA B 69 13.57 22.29 -16.74
N ASP B 70 14.60 22.01 -17.52
CA ASP B 70 15.67 21.22 -17.02
C ASP B 70 16.48 22.01 -16.00
N ALA B 71 16.60 23.29 -16.22
CA ALA B 71 17.29 24.08 -15.22
C ALA B 71 16.40 24.29 -14.00
N ALA B 72 15.08 24.35 -14.19
CA ALA B 72 14.14 24.50 -13.08
C ALA B 72 14.06 23.26 -12.12
N PHE B 73 14.29 22.09 -12.71
CA PHE B 73 14.33 20.83 -11.99
C PHE B 73 15.33 20.79 -10.83
N ALA B 74 16.48 21.41 -10.99
CA ALA B 74 17.47 21.33 -9.92
C ALA B 74 16.82 21.57 -8.50
N GLU B 75 16.05 22.64 -8.39
CA GLU B 75 15.41 22.99 -7.13
C GLU B 75 14.02 22.35 -7.06
N TRP B 76 13.29 22.35 -8.18
CA TRP B 76 11.92 21.86 -8.12
C TRP B 76 11.81 20.36 -7.73
N GLY B 77 12.76 19.56 -8.20
CA GLY B 77 12.82 18.14 -7.88
C GLY B 77 13.16 17.84 -6.42
N GLN B 78 13.52 18.88 -5.67
CA GLN B 78 13.88 18.64 -4.25
C GLN B 78 12.89 19.32 -3.32
N THR B 79 11.78 19.86 -3.85
CA THR B 79 10.76 20.46 -2.98
C THR B 79 10.05 19.35 -2.19
N THR B 80 9.45 19.71 -1.06
CA THR B 80 8.64 18.74 -0.31
C THR B 80 7.30 18.56 -0.99
N PRO B 81 6.68 17.40 -0.77
CA PRO B 81 5.28 17.20 -1.12
C PRO B 81 4.33 18.28 -0.65
N LYS B 82 4.55 18.83 0.54
CA LYS B 82 3.69 19.89 1.04
C LYS B 82 3.72 21.07 0.10
N VAL B 83 4.93 21.51 -0.28
CA VAL B 83 5.07 22.68 -1.17
C VAL B 83 4.34 22.49 -2.53
N ARG B 84 4.55 21.34 -3.15
CA ARG B 84 3.97 21.03 -4.47
C ARG B 84 2.47 20.96 -4.41
N ALA B 85 1.96 20.32 -3.34
CA ALA B 85 0.55 20.26 -3.13
C ALA B 85 -0.02 21.68 -3.04
N GLU B 86 0.68 22.61 -2.41
CA GLU B 86 0.19 23.97 -2.26
C GLU B 86 0.15 24.69 -3.62
N CYS B 87 1.10 24.38 -4.50
CA CYS B 87 1.07 25.02 -5.82
C CYS B 87 -0.15 24.47 -6.60
N LEU B 88 -0.35 23.16 -6.54
CA LEU B 88 -1.49 22.49 -7.13
C LEU B 88 -2.87 23.00 -6.65
N LEU B 89 -3.01 23.23 -5.34
CA LEU B 89 -4.29 23.79 -4.82
C LEU B 89 -4.57 25.21 -5.33
N LYS B 90 -3.49 25.97 -5.49
CA LYS B 90 -3.49 27.33 -6.04
C LYS B 90 -3.93 27.37 -7.49
N LEU B 91 -3.37 26.48 -8.30
CA LEU B 91 -3.75 26.33 -9.68
C LEU B 91 -5.21 25.87 -9.79
N ALA B 92 -5.63 24.93 -8.93
CA ALA B 92 -7.05 24.51 -8.93
C ALA B 92 -7.94 25.74 -8.66
N ASP B 93 -7.50 26.62 -7.76
CA ASP B 93 -8.27 27.80 -7.36
C ASP B 93 -8.41 28.75 -8.50
N VAL B 94 -7.33 28.95 -9.24
CA VAL B 94 -7.33 29.84 -10.39
C VAL B 94 -8.22 29.34 -11.54
N ILE B 95 -8.23 28.05 -11.80
CA ILE B 95 -9.14 27.52 -12.84
C ILE B 95 -10.59 27.67 -12.41
N GLU B 96 -10.86 27.36 -11.13
CA GLU B 96 -12.23 27.41 -10.63
C GLU B 96 -12.79 28.87 -10.74
N GLU B 97 -12.00 29.81 -10.25
CA GLU B 97 -12.31 31.24 -10.30
C GLU B 97 -12.55 31.72 -11.71
N ASN B 98 -11.99 31.01 -12.70
CA ASN B 98 -12.16 31.42 -14.11
C ASN B 98 -12.97 30.42 -14.92
N GLY B 99 -13.86 29.70 -14.23
CA GLY B 99 -14.60 28.57 -14.77
C GLY B 99 -15.45 28.86 -16.00
N GLN B 100 -16.16 29.98 -15.91
CA GLN B 100 -17.06 30.48 -16.94
C GLN B 100 -16.22 30.82 -18.22
N VAL B 101 -15.09 31.51 -18.09
CA VAL B 101 -14.25 31.81 -19.26
C VAL B 101 -13.60 30.57 -19.95
N PHE B 102 -13.05 29.66 -19.17
CA PHE B 102 -12.51 28.40 -19.69
C PHE B 102 -13.57 27.66 -20.49
N ALA B 103 -14.79 27.53 -19.93
CA ALA B 103 -15.84 26.82 -20.59
C ALA B 103 -16.25 27.48 -21.89
N GLU B 104 -16.31 28.83 -21.94
CA GLU B 104 -16.59 29.61 -23.14
C GLU B 104 -15.57 29.31 -24.21
N LEU B 105 -14.27 29.41 -23.86
CA LEU B 105 -13.17 29.15 -24.81
C LEU B 105 -13.21 27.74 -25.32
N GLU B 106 -13.42 26.78 -24.42
CA GLU B 106 -13.47 25.39 -24.82
C GLU B 106 -14.63 25.23 -25.81
N SER B 107 -15.75 25.91 -25.56
CA SER B 107 -16.97 25.73 -26.30
C SER B 107 -16.77 26.24 -27.69
N ARG B 108 -16.20 27.44 -27.78
CA ARG B 108 -15.92 28.11 -29.05
C ARG B 108 -14.93 27.29 -29.87
N ASN B 109 -13.95 26.72 -29.18
CA ASN B 109 -12.90 25.97 -29.81
C ASN B 109 -13.27 24.58 -30.29
N CYS B 110 -14.19 23.92 -29.58
CA CYS B 110 -14.41 22.49 -29.76
C CYS B 110 -15.84 22.20 -30.21
N GLY B 111 -16.72 23.20 -30.17
CA GLY B 111 -18.15 22.99 -30.43
C GLY B 111 -18.92 22.23 -29.32
N LYS B 112 -18.28 22.07 -28.16
CA LYS B 112 -18.93 21.45 -27.02
C LYS B 112 -20.13 22.32 -26.63
N PRO B 113 -21.30 21.73 -26.31
CA PRO B 113 -22.41 22.55 -25.81
C PRO B 113 -21.88 23.25 -24.57
N LEU B 114 -22.14 24.55 -24.43
CA LEU B 114 -21.63 25.33 -23.31
C LEU B 114 -22.04 24.75 -21.95
N HIS B 115 -23.32 24.39 -21.79
CA HIS B 115 -23.82 23.89 -20.51
C HIS B 115 -23.09 22.64 -20.10
N SER B 116 -22.82 21.73 -21.05
CA SER B 116 -22.03 20.54 -20.84
C SER B 116 -20.59 20.85 -20.38
N ALA B 117 -19.88 21.71 -21.11
CA ALA B 117 -18.49 22.02 -20.72
C ALA B 117 -18.40 22.64 -19.31
N PHE B 118 -19.35 23.52 -19.00
CA PHE B 118 -19.30 24.25 -17.74
C PHE B 118 -19.78 23.40 -16.55
N ASN B 119 -20.87 22.66 -16.71
CA ASN B 119 -21.39 21.81 -15.64
C ASN B 119 -20.68 20.50 -15.40
N ASP B 120 -20.13 19.89 -16.48
CA ASP B 120 -19.47 18.56 -16.42
C ASP B 120 -17.96 18.73 -16.34
N GLU B 121 -17.37 19.44 -17.31
CA GLU B 121 -15.94 19.46 -17.50
C GLU B 121 -15.15 20.30 -16.49
N ILE B 122 -15.58 21.54 -16.30
CA ILE B 122 -14.91 22.43 -15.38
C ILE B 122 -14.78 21.89 -13.91
N PRO B 123 -15.87 21.47 -13.24
CA PRO B 123 -15.73 20.88 -11.92
C PRO B 123 -14.79 19.67 -11.88
N ALA B 124 -14.84 18.79 -12.89
CA ALA B 124 -14.00 17.64 -12.91
C ALA B 124 -12.52 18.04 -13.05
N ILE B 125 -12.23 19.11 -13.81
CA ILE B 125 -10.84 19.54 -14.01
C ILE B 125 -10.27 20.11 -12.70
N VAL B 126 -11.07 20.96 -12.05
CA VAL B 126 -10.66 21.56 -10.79
C VAL B 126 -10.30 20.43 -9.78
N ASP B 127 -11.18 19.42 -9.76
CA ASP B 127 -11.10 18.30 -8.85
C ASP B 127 -9.87 17.48 -9.11
N VAL B 128 -9.43 17.42 -10.34
CA VAL B 128 -8.26 16.58 -10.70
C VAL B 128 -7.10 17.18 -9.93
N PHE B 129 -7.02 18.52 -9.97
CA PHE B 129 -5.90 19.23 -9.37
C PHE B 129 -5.91 19.09 -7.83
N ARG B 130 -7.09 19.29 -7.23
CA ARG B 130 -7.32 19.09 -5.81
C ARG B 130 -7.02 17.66 -5.41
N PHE B 131 -7.49 16.69 -6.21
CA PHE B 131 -7.12 15.32 -5.94
C PHE B 131 -5.60 15.12 -5.89
N PHE B 132 -4.89 15.61 -6.91
CA PHE B 132 -3.45 15.33 -7.06
C PHE B 132 -2.61 16.06 -6.01
N ALA B 133 -3.08 17.23 -5.63
CA ALA B 133 -2.56 17.95 -4.51
C ALA B 133 -2.49 17.08 -3.27
N GLY B 134 -3.61 16.45 -2.92
CA GLY B 134 -3.64 15.52 -1.78
C GLY B 134 -2.83 14.24 -2.01
N ALA B 135 -2.98 13.64 -3.18
CA ALA B 135 -2.18 12.45 -3.49
C ALA B 135 -0.66 12.69 -3.45
N ALA B 136 -0.22 13.93 -3.65
CA ALA B 136 1.21 14.21 -3.69
C ALA B 136 1.86 13.85 -2.35
N ARG B 137 1.05 13.82 -1.31
CA ARG B 137 1.52 13.70 0.06
C ARG B 137 1.25 12.31 0.62
N CYS B 138 0.71 11.41 -0.22
CA CYS B 138 0.28 10.13 0.27
C CYS B 138 0.98 8.95 -0.41
N LEU B 139 2.20 9.12 -0.86
CA LEU B 139 2.85 8.05 -1.63
C LEU B 139 3.26 6.81 -0.79
N ASN B 140 2.75 5.65 -1.19
CA ASN B 140 3.14 4.38 -0.58
C ASN B 140 4.56 3.95 -0.92
N GLY B 141 5.12 3.09 -0.06
CA GLY B 141 6.45 2.46 -0.22
C GLY B 141 6.50 1.05 0.38
N LEU B 142 7.71 0.53 0.52
CA LEU B 142 7.94 -0.68 1.33
C LEU B 142 8.39 -0.25 2.73
N ALA B 143 8.06 -1.04 3.74
CA ALA B 143 8.58 -0.82 5.10
C ALA B 143 10.10 -0.77 5.13
N ALA B 144 10.66 0.30 5.67
CA ALA B 144 12.13 0.38 5.86
C ALA B 144 12.57 -0.63 6.94
N GLY B 145 13.75 -1.27 6.76
CA GLY B 145 14.33 -2.10 7.79
C GLY B 145 15.43 -3.04 7.32
N GLU B 146 15.80 -4.03 8.13
CA GLU B 146 17.01 -4.83 7.79
C GLU B 146 16.63 -6.11 7.06
N TYR B 147 16.62 -6.06 5.73
CA TYR B 147 16.22 -7.22 4.95
C TYR B 147 17.42 -8.15 4.75
N LEU B 148 18.57 -7.58 5.05
CA LEU B 148 19.83 -8.28 5.01
C LEU B 148 20.46 -7.79 6.31
N GLU B 149 20.90 -8.75 7.13
CA GLU B 149 21.37 -8.47 8.47
C GLU B 149 22.39 -7.33 8.46
N GLY B 150 22.22 -6.35 9.33
CA GLY B 150 23.18 -5.31 9.55
C GLY B 150 23.21 -4.29 8.43
N HIS B 151 22.14 -4.25 7.65
CA HIS B 151 21.99 -3.29 6.58
C HIS B 151 20.55 -2.74 6.68
N THR B 152 20.37 -1.42 6.72
CA THR B 152 19.01 -0.85 6.72
C THR B 152 18.62 -0.45 5.24
N SER B 153 17.55 -1.05 4.74
CA SER B 153 16.99 -0.66 3.45
C SER B 153 15.76 0.23 3.58
N MET B 154 15.72 1.28 2.76
CA MET B 154 14.48 2.09 2.59
C MET B 154 14.13 2.22 1.07
N ILE B 155 12.87 2.49 0.77
CA ILE B 155 12.43 2.74 -0.60
C ILE B 155 11.95 4.20 -0.78
N ARG B 156 12.47 4.98 -1.74
CA ARG B 156 11.97 6.32 -2.08
C ARG B 156 11.25 6.31 -3.43
N ARG B 157 10.65 7.43 -3.72
CA ARG B 157 9.93 7.69 -4.99
C ARG B 157 10.30 9.10 -5.41
N ASP B 158 11.29 9.17 -6.27
CA ASP B 158 11.81 10.47 -6.74
C ASP B 158 11.37 10.79 -8.17
N PRO B 159 11.41 12.13 -8.50
CA PRO B 159 10.96 12.54 -9.84
C PRO B 159 11.94 12.12 -10.92
N LEU B 160 11.47 12.15 -12.17
CA LEU B 160 12.25 11.76 -13.33
C LEU B 160 13.12 12.94 -13.92
N GLY B 161 12.59 14.17 -13.82
CA GLY B 161 13.14 15.34 -14.47
C GLY B 161 12.13 15.94 -15.42
N VAL B 162 12.49 16.12 -16.70
CA VAL B 162 11.60 16.82 -17.64
C VAL B 162 10.59 15.86 -18.36
N VAL B 163 9.31 16.12 -18.20
CA VAL B 163 8.25 15.45 -18.91
C VAL B 163 7.72 16.30 -20.08
N ALA B 164 7.68 15.72 -21.26
CA ALA B 164 6.96 16.26 -22.46
C ALA B 164 5.55 15.69 -22.50
N SER B 165 4.53 16.54 -22.41
CA SER B 165 3.15 16.12 -22.46
C SER B 165 2.45 16.62 -23.72
N ILE B 166 1.81 15.65 -24.38
CA ILE B 166 1.06 15.85 -25.63
C ILE B 166 -0.45 15.59 -25.41
N ALA B 167 -1.21 16.67 -25.55
CA ALA B 167 -2.64 16.65 -25.32
C ALA B 167 -3.43 16.57 -26.62
N PRO B 168 -4.58 15.88 -26.59
CA PRO B 168 -5.44 15.77 -27.77
C PRO B 168 -6.46 16.90 -27.90
N TRP B 169 -7.19 16.90 -29.03
CA TRP B 169 -8.20 17.90 -29.32
C TRP B 169 -9.61 17.57 -28.77
N ASN B 170 -9.84 16.34 -28.30
CA ASN B 170 -11.22 15.99 -27.77
C ASN B 170 -11.66 16.59 -26.41
N TYR B 171 -10.77 16.53 -25.42
CA TYR B 171 -10.95 17.26 -24.16
C TYR B 171 -9.67 18.05 -23.88
N PRO B 172 -9.49 19.21 -24.51
CA PRO B 172 -8.20 19.94 -24.43
C PRO B 172 -7.74 20.28 -22.99
N LEU B 173 -8.54 21.05 -22.26
CA LEU B 173 -8.23 21.47 -20.88
C LEU B 173 -8.15 20.26 -19.98
N MET B 174 -9.20 19.42 -20.00
CA MET B 174 -9.16 18.23 -19.14
C MET B 174 -7.90 17.35 -19.36
N MET B 175 -7.43 17.23 -20.59
CA MET B 175 -6.31 16.33 -20.86
C MET B 175 -5.03 17.02 -20.43
N ALA B 176 -5.04 18.35 -20.49
CA ALA B 176 -3.89 19.14 -20.06
C ALA B 176 -3.77 18.96 -18.55
N ALA B 177 -4.92 19.00 -17.84
CA ALA B 177 -4.93 18.70 -16.38
C ALA B 177 -4.48 17.26 -16.07
N TRP B 178 -4.92 16.29 -16.88
CA TRP B 178 -4.55 14.87 -16.61
C TRP B 178 -3.04 14.69 -16.73
N LYS B 179 -2.45 15.48 -17.61
CA LYS B 179 -1.00 15.37 -17.82
C LYS B 179 -0.24 16.24 -16.84
N LEU B 180 -0.69 17.48 -16.62
CA LEU B 180 0.02 18.43 -15.72
C LEU B 180 0.06 18.01 -14.27
N ALA B 181 -1.12 17.72 -13.72
CA ALA B 181 -1.31 17.42 -12.28
C ALA B 181 -0.44 16.28 -11.71
N PRO B 182 -0.44 15.07 -12.28
CA PRO B 182 0.46 14.02 -11.75
C PRO B 182 1.95 14.35 -11.98
N ALA B 183 2.34 14.88 -13.15
CA ALA B 183 3.75 15.16 -13.39
C ALA B 183 4.37 16.16 -12.36
N LEU B 184 3.63 17.24 -12.08
CA LEU B 184 3.99 18.25 -11.10
C LEU B 184 3.97 17.69 -9.63
N ALA B 185 2.89 16.98 -9.27
CA ALA B 185 2.76 16.36 -7.96
C ALA B 185 3.94 15.44 -7.73
N ALA B 186 4.49 14.82 -8.80
CA ALA B 186 5.63 13.91 -8.64
C ALA B 186 6.99 14.60 -8.49
N GLY B 187 7.01 15.92 -8.70
CA GLY B 187 8.25 16.69 -8.64
C GLY B 187 8.97 16.89 -9.94
N ASN B 188 8.29 16.63 -11.06
CA ASN B 188 8.85 16.93 -12.40
C ASN B 188 8.49 18.32 -12.90
N CYS B 189 9.33 18.80 -13.82
CA CYS B 189 9.01 19.96 -14.67
C CYS B 189 8.34 19.51 -15.99
N VAL B 190 7.53 20.41 -16.56
CA VAL B 190 6.70 20.02 -17.68
C VAL B 190 6.82 20.99 -18.86
N VAL B 191 6.81 20.40 -20.05
CA VAL B 191 6.61 21.11 -21.29
C VAL B 191 5.42 20.45 -22.01
N LEU B 192 4.32 21.19 -22.05
CA LEU B 192 3.08 20.70 -22.62
C LEU B 192 2.89 21.22 -24.03
N LYS B 193 2.63 20.31 -24.96
CA LYS B 193 2.01 20.65 -26.27
C LYS B 193 0.54 20.24 -26.44
N PRO B 194 -0.34 21.22 -26.50
CA PRO B 194 -1.74 21.01 -26.90
C PRO B 194 -1.82 20.62 -28.36
N SER B 195 -3.00 20.18 -28.79
CA SER B 195 -3.29 19.98 -30.19
C SER B 195 -3.28 21.34 -30.91
N GLU B 196 -2.70 21.34 -32.10
CA GLU B 196 -2.71 22.58 -32.91
C GLU B 196 -4.14 23.00 -33.26
N ILE B 197 -5.10 22.08 -33.05
CA ILE B 197 -6.52 22.26 -33.40
C ILE B 197 -7.22 23.07 -32.29
N THR B 198 -6.84 22.78 -31.04
CA THR B 198 -7.55 23.27 -29.87
C THR B 198 -6.54 23.80 -28.80
N PRO B 199 -5.87 24.90 -29.07
CA PRO B 199 -4.92 25.49 -28.09
C PRO B 199 -5.47 26.57 -27.15
N LEU B 200 -6.70 27.00 -27.35
CA LEU B 200 -7.15 28.24 -26.70
C LEU B 200 -7.17 28.14 -25.16
N THR B 201 -7.70 27.04 -24.60
CA THR B 201 -7.75 26.92 -23.18
C THR B 201 -6.32 26.65 -22.62
N ALA B 202 -5.47 25.95 -23.35
CA ALA B 202 -4.07 25.78 -22.96
C ALA B 202 -3.38 27.14 -22.82
N LEU B 203 -3.61 28.02 -23.77
CA LEU B 203 -2.93 29.33 -23.72
C LEU B 203 -3.58 30.33 -22.78
N LYS B 204 -4.87 30.17 -22.49
CA LYS B 204 -5.45 30.90 -21.35
C LYS B 204 -4.87 30.42 -19.99
N LEU B 205 -4.76 29.11 -19.84
CA LEU B 205 -4.11 28.54 -18.65
C LEU B 205 -2.70 29.09 -18.46
N ALA B 206 -1.96 29.17 -19.55
CA ALA B 206 -0.61 29.71 -19.57
C ALA B 206 -0.56 31.09 -18.98
N GLU B 207 -1.47 31.93 -19.43
CA GLU B 207 -1.54 33.28 -18.91
C GLU B 207 -1.83 33.26 -17.41
N LEU B 208 -2.93 32.58 -17.05
CA LEU B 208 -3.37 32.55 -15.66
C LEU B 208 -2.41 31.84 -14.70
N ALA B 209 -1.69 30.82 -15.17
CA ALA B 209 -0.82 29.98 -14.37
C ALA B 209 0.65 30.43 -14.28
N LYS B 210 1.01 31.44 -15.07
CA LYS B 210 2.34 32.06 -15.21
C LYS B 210 3.22 32.09 -13.93
N ASP B 211 2.67 32.65 -12.86
CA ASP B 211 3.41 32.89 -11.64
C ASP B 211 3.11 31.83 -10.56
N ILE B 212 2.33 30.79 -10.82
CA ILE B 212 2.00 29.87 -9.70
C ILE B 212 3.18 28.95 -9.31
N PHE B 213 3.87 28.46 -10.32
CA PHE B 213 5.04 27.66 -10.16
C PHE B 213 6.29 28.50 -10.45
N PRO B 214 7.46 28.11 -9.89
CA PRO B 214 8.74 28.75 -10.27
C PRO B 214 8.98 28.68 -11.78
N ALA B 215 9.77 29.64 -12.27
CA ALA B 215 10.08 29.85 -13.68
C ALA B 215 10.61 28.58 -14.32
N GLY B 216 9.96 28.11 -15.39
CA GLY B 216 10.45 26.90 -16.04
C GLY B 216 9.87 25.57 -15.58
N VAL B 217 9.13 25.58 -14.47
CA VAL B 217 8.51 24.37 -13.93
C VAL B 217 7.33 23.96 -14.80
N VAL B 218 6.62 24.95 -15.35
CA VAL B 218 5.58 24.67 -16.39
C VAL B 218 5.87 25.44 -17.69
N ASN B 219 5.73 24.82 -18.82
CA ASN B 219 5.92 25.52 -20.08
C ASN B 219 4.87 25.02 -21.03
N ILE B 220 4.25 25.95 -21.74
CA ILE B 220 3.18 25.58 -22.65
C ILE B 220 3.50 26.16 -24.02
N LEU B 221 3.62 25.27 -25.01
CA LEU B 221 3.93 25.62 -26.38
C LEU B 221 2.67 25.60 -27.27
N PHE B 222 2.81 26.04 -28.51
CA PHE B 222 1.77 25.84 -29.57
C PHE B 222 2.36 25.30 -30.84
N GLY B 223 1.66 24.35 -31.49
CA GLY B 223 2.03 23.91 -32.83
C GLY B 223 1.78 22.48 -33.24
N ARG B 224 2.14 22.14 -34.48
CA ARG B 224 1.89 20.80 -35.07
C ARG B 224 2.81 19.67 -34.56
N GLY B 225 2.32 18.42 -34.61
CA GLY B 225 3.06 17.19 -34.31
C GLY B 225 4.49 17.10 -34.87
N LYS B 226 4.65 17.45 -36.13
CA LYS B 226 5.93 17.36 -36.83
C LYS B 226 6.90 18.53 -36.57
N THR B 227 6.37 19.75 -36.54
CA THR B 227 7.18 20.95 -36.34
C THR B 227 7.50 21.27 -34.84
N VAL B 228 6.64 20.85 -33.91
CA VAL B 228 6.82 21.18 -32.48
C VAL B 228 6.89 19.92 -31.65
N GLY B 229 6.00 18.99 -31.91
CA GLY B 229 6.10 17.66 -31.32
C GLY B 229 7.41 16.89 -31.49
N ASP B 230 7.81 16.57 -32.70
CA ASP B 230 9.02 15.77 -32.93
C ASP B 230 10.24 16.34 -32.21
N PRO B 231 10.55 17.64 -32.36
CA PRO B 231 11.74 18.17 -31.66
C PRO B 231 11.53 18.20 -30.14
N LEU B 232 10.29 18.22 -29.66
CA LEU B 232 10.08 18.30 -28.22
C LEU B 232 10.27 16.90 -27.66
N THR B 233 9.60 15.90 -28.25
CA THR B 233 9.67 14.55 -27.67
C THR B 233 11.02 13.87 -27.90
N GLY B 234 11.76 14.36 -28.91
CA GLY B 234 13.06 13.82 -29.22
C GLY B 234 14.23 14.52 -28.51
N HIS B 235 13.94 15.54 -27.69
CA HIS B 235 14.99 16.28 -26.97
C HIS B 235 15.80 15.36 -26.03
N PRO B 236 17.12 15.48 -26.02
CA PRO B 236 17.92 14.70 -25.03
C PRO B 236 17.58 14.93 -23.52
N LYS B 237 17.07 16.11 -23.11
CA LYS B 237 16.78 16.35 -21.69
C LYS B 237 15.41 15.84 -21.21
N VAL B 238 14.52 15.54 -22.14
CA VAL B 238 13.23 14.99 -21.84
C VAL B 238 13.43 13.53 -21.38
N ARG B 239 12.86 13.19 -20.24
CA ARG B 239 13.04 11.82 -19.71
C ARG B 239 11.79 11.02 -19.89
N MET B 240 10.65 11.69 -20.04
CA MET B 240 9.40 10.94 -20.24
C MET B 240 8.54 11.64 -21.28
N VAL B 241 7.79 10.84 -22.05
CA VAL B 241 6.74 11.34 -22.91
C VAL B 241 5.37 10.76 -22.58
N SER B 242 4.40 11.65 -22.36
CA SER B 242 3.04 11.23 -22.10
C SER B 242 2.10 11.68 -23.21
N LEU B 243 1.47 10.73 -23.91
CA LEU B 243 0.56 11.07 -25.06
C LEU B 243 -0.85 10.54 -24.85
N THR B 244 -1.85 11.40 -25.01
CA THR B 244 -3.17 10.93 -25.31
C THR B 244 -3.50 11.31 -26.80
N GLY B 245 -3.68 10.29 -27.65
CA GLY B 245 -3.87 10.50 -29.09
C GLY B 245 -4.15 9.18 -29.84
N SER B 246 -3.84 9.16 -31.13
CA SER B 246 -4.09 7.99 -32.00
C SER B 246 -3.01 6.90 -31.79
N ILE B 247 -3.30 5.67 -32.25
CA ILE B 247 -2.33 4.59 -32.20
C ILE B 247 -1.10 4.92 -33.08
N ALA B 248 -1.35 5.45 -34.27
CA ALA B 248 -0.28 5.87 -35.19
C ALA B 248 0.70 6.80 -34.48
N THR B 249 0.15 7.83 -33.82
CA THR B 249 0.94 8.81 -33.08
C THR B 249 1.74 8.10 -31.97
N GLY B 250 1.07 7.30 -31.13
CA GLY B 250 1.74 6.45 -30.16
C GLY B 250 2.89 5.65 -30.81
N GLU B 251 2.58 4.86 -31.83
CA GLU B 251 3.63 4.04 -32.48
C GLU B 251 4.82 4.92 -32.91
N HIS B 252 4.50 6.13 -33.39
CA HIS B 252 5.56 7.04 -33.84
C HIS B 252 6.36 7.60 -32.65
N ILE B 253 5.72 7.92 -31.56
CA ILE B 253 6.50 8.45 -30.42
C ILE B 253 7.45 7.37 -29.83
N ILE B 254 6.95 6.13 -29.84
CA ILE B 254 7.73 4.98 -29.33
C ILE B 254 8.97 4.78 -30.20
N SER B 255 8.84 4.60 -31.51
CA SER B 255 10.04 4.52 -32.38
C SER B 255 10.99 5.74 -32.31
N HIS B 256 10.44 6.94 -32.20
CA HIS B 256 11.23 8.19 -32.30
C HIS B 256 12.09 8.41 -31.05
N THR B 257 11.65 7.88 -29.91
CA THR B 257 12.35 8.08 -28.64
C THR B 257 13.02 6.79 -28.20
N ALA B 258 12.96 5.75 -29.04
CA ALA B 258 13.62 4.48 -28.77
C ALA B 258 15.12 4.61 -28.51
N SER B 259 15.87 5.41 -29.31
CA SER B 259 17.32 5.57 -29.09
C SER B 259 17.68 6.09 -27.64
N SER B 260 16.78 6.72 -26.91
CA SER B 260 17.13 7.10 -25.53
C SER B 260 16.29 6.38 -24.46
N ILE B 261 15.59 5.33 -24.87
CA ILE B 261 14.83 4.47 -23.93
C ILE B 261 13.88 5.28 -23.06
N LYS B 262 13.27 6.32 -23.64
CA LYS B 262 12.49 7.21 -22.80
C LYS B 262 11.32 6.42 -22.22
N ARG B 263 10.98 6.74 -20.99
CA ARG B 263 9.73 6.27 -20.38
C ARG B 263 8.60 6.82 -21.29
N THR B 264 7.65 5.97 -21.65
CA THR B 264 6.46 6.48 -22.32
C THR B 264 5.22 6.16 -21.53
N HIS B 265 4.17 6.88 -21.85
CA HIS B 265 2.97 6.83 -21.08
C HIS B 265 1.88 7.06 -22.11
N MET B 266 0.98 6.09 -22.29
CA MET B 266 0.13 6.08 -23.45
C MET B 266 -1.33 5.67 -23.32
N GLU B 267 -2.17 6.62 -23.72
CA GLU B 267 -3.59 6.39 -23.78
C GLU B 267 -4.04 6.60 -25.27
N LEU B 268 -4.23 5.51 -26.00
CA LEU B 268 -4.40 5.63 -27.48
C LEU B 268 -5.77 5.23 -27.99
N GLY B 269 -6.77 5.33 -27.13
CA GLY B 269 -8.12 5.08 -27.60
C GLY B 269 -8.65 3.73 -27.16
N GLY B 270 -9.84 3.41 -27.67
CA GLY B 270 -10.49 2.16 -27.36
C GLY B 270 -11.69 2.01 -28.28
N LYS B 271 -12.37 0.89 -28.09
CA LYS B 271 -13.62 0.59 -28.74
C LYS B 271 -14.41 -0.12 -27.65
N ALA B 272 -15.19 0.63 -26.88
CA ALA B 272 -15.72 0.02 -25.68
C ALA B 272 -16.88 -0.93 -26.00
N PRO B 273 -16.76 -2.20 -25.65
CA PRO B 273 -17.90 -3.11 -25.77
C PRO B 273 -18.96 -2.80 -24.72
N VAL B 274 -20.18 -2.72 -25.18
CA VAL B 274 -21.33 -2.58 -24.34
C VAL B 274 -22.06 -3.92 -24.39
N ILE B 275 -21.88 -4.76 -23.39
CA ILE B 275 -22.47 -6.09 -23.45
C ILE B 275 -23.81 -6.16 -22.71
N VAL B 276 -24.88 -6.47 -23.45
CA VAL B 276 -26.29 -6.36 -22.98
C VAL B 276 -27.04 -7.68 -23.03
N PHE B 277 -27.26 -8.26 -21.85
CA PHE B 277 -27.87 -9.60 -21.73
C PHE B 277 -29.41 -9.50 -21.74
N ASP B 278 -30.07 -10.61 -22.00
CA ASP B 278 -31.54 -10.75 -21.91
C ASP B 278 -32.21 -10.17 -20.66
N ASP B 279 -31.54 -10.24 -19.52
CA ASP B 279 -32.15 -9.71 -18.29
C ASP B 279 -31.80 -8.28 -17.98
N ALA B 280 -31.22 -7.54 -18.92
CA ALA B 280 -30.93 -6.13 -18.71
C ALA B 280 -32.19 -5.22 -18.53
N ASP B 281 -32.05 -4.05 -17.90
CA ASP B 281 -33.12 -3.05 -17.93
C ASP B 281 -32.95 -2.29 -19.26
N ILE B 282 -33.81 -2.62 -20.26
CA ILE B 282 -33.60 -2.16 -21.65
C ILE B 282 -33.71 -0.64 -21.72
N GLU B 283 -34.69 -0.14 -20.99
CA GLU B 283 -34.87 1.28 -20.91
C GLU B 283 -33.67 2.01 -20.37
N ALA B 284 -33.02 1.47 -19.32
CA ALA B 284 -31.77 2.02 -18.79
C ALA B 284 -30.60 1.93 -19.78
N VAL B 285 -30.45 0.81 -20.46
CA VAL B 285 -29.46 0.67 -21.54
C VAL B 285 -29.68 1.77 -22.59
N VAL B 286 -30.93 1.93 -23.04
CA VAL B 286 -31.24 2.94 -24.07
C VAL B 286 -30.84 4.35 -23.55
N GLU B 287 -31.37 4.71 -22.39
CA GLU B 287 -31.15 6.05 -21.81
C GLU B 287 -29.66 6.27 -21.55
N GLY B 288 -28.93 5.17 -21.27
CA GLY B 288 -27.52 5.22 -21.06
C GLY B 288 -26.75 5.49 -22.34
N VAL B 289 -27.00 4.68 -23.38
CA VAL B 289 -26.19 4.79 -24.57
C VAL B 289 -26.50 6.10 -25.27
N ARG B 290 -27.73 6.54 -25.17
CA ARG B 290 -28.14 7.73 -25.88
C ARG B 290 -27.21 8.85 -25.49
N THR B 291 -26.85 8.89 -24.22
CA THR B 291 -25.90 9.85 -23.69
C THR B 291 -24.48 9.40 -24.01
N PHE B 292 -24.15 8.16 -23.65
CA PHE B 292 -22.76 7.73 -23.67
C PHE B 292 -22.21 7.33 -25.06
N GLY B 293 -23.11 7.15 -26.02
CA GLY B 293 -22.73 6.83 -27.39
C GLY B 293 -22.36 8.12 -28.14
N TYR B 294 -22.91 9.25 -27.69
CA TYR B 294 -22.98 10.47 -28.49
C TYR B 294 -22.54 11.75 -27.79
N TYR B 295 -22.22 11.67 -26.50
CA TYR B 295 -21.71 12.78 -25.75
C TYR B 295 -20.37 13.19 -26.37
N ASN B 296 -20.15 14.49 -26.49
CA ASN B 296 -18.96 15.02 -27.15
C ASN B 296 -18.88 14.58 -28.63
N ALA B 297 -20.05 14.43 -29.25
CA ALA B 297 -20.14 13.85 -30.61
C ALA B 297 -19.41 12.51 -30.78
N GLY B 298 -19.34 11.72 -29.70
CA GLY B 298 -18.72 10.41 -29.74
C GLY B 298 -17.22 10.44 -29.80
N GLN B 299 -16.64 11.63 -29.62
CA GLN B 299 -15.18 11.78 -29.71
C GLN B 299 -14.62 11.65 -28.30
N ASP B 300 -14.73 10.42 -27.78
CA ASP B 300 -14.40 10.08 -26.44
C ASP B 300 -13.80 8.69 -26.55
N CYS B 301 -12.71 8.46 -25.81
CA CYS B 301 -12.03 7.17 -25.77
C CYS B 301 -12.78 6.13 -24.95
N THR B 302 -13.81 6.55 -24.21
CA THR B 302 -14.71 5.60 -23.52
C THR B 302 -16.16 5.58 -24.10
N ALA B 303 -16.35 6.10 -25.34
CA ALA B 303 -17.67 6.13 -25.99
C ALA B 303 -18.34 4.74 -25.96
N ALA B 304 -19.65 4.73 -25.73
CA ALA B 304 -20.45 3.54 -25.77
C ALA B 304 -20.76 3.21 -27.21
N CYS B 305 -19.79 2.59 -27.89
CA CYS B 305 -19.86 2.65 -29.36
C CYS B 305 -20.14 1.28 -29.92
N ARG B 306 -19.78 0.26 -29.17
CA ARG B 306 -19.88 -1.10 -29.67
C ARG B 306 -20.89 -1.95 -28.83
N ILE B 307 -22.14 -2.07 -29.28
CA ILE B 307 -23.09 -2.95 -28.55
C ILE B 307 -23.12 -4.40 -28.99
N TYR B 308 -22.91 -5.28 -28.05
CA TYR B 308 -23.25 -6.69 -28.21
C TYR B 308 -24.60 -6.94 -27.49
N ALA B 309 -25.63 -7.33 -28.22
CA ALA B 309 -26.95 -7.45 -27.65
C ALA B 309 -27.49 -8.89 -27.79
N GLN B 310 -27.80 -9.56 -26.69
CA GLN B 310 -28.23 -10.95 -26.77
C GLN B 310 -29.52 -11.11 -27.61
N LYS B 311 -29.63 -12.28 -28.24
CA LYS B 311 -30.64 -12.45 -29.31
C LYS B 311 -32.07 -12.25 -28.82
N GLY B 312 -32.32 -12.57 -27.55
CA GLY B 312 -33.65 -12.35 -27.02
C GLY B 312 -34.10 -10.89 -27.07
N ILE B 313 -33.25 -9.98 -26.62
CA ILE B 313 -33.63 -8.57 -26.52
C ILE B 313 -33.18 -7.73 -27.72
N TYR B 314 -32.53 -8.37 -28.70
CA TYR B 314 -31.87 -7.61 -29.79
C TYR B 314 -32.80 -6.65 -30.52
N ASP B 315 -33.96 -7.13 -30.98
CA ASP B 315 -34.85 -6.34 -31.82
C ASP B 315 -35.52 -5.23 -31.00
N THR B 316 -35.86 -5.52 -29.75
CA THR B 316 -36.45 -4.47 -28.91
C THR B 316 -35.44 -3.39 -28.65
N LEU B 317 -34.23 -3.78 -28.25
CA LEU B 317 -33.21 -2.79 -27.98
C LEU B 317 -32.96 -1.86 -29.24
N VAL B 318 -32.75 -2.50 -30.38
CA VAL B 318 -32.50 -1.80 -31.63
C VAL B 318 -33.63 -0.78 -32.03
N GLU B 319 -34.87 -1.21 -31.93
CA GLU B 319 -36.01 -0.32 -32.12
C GLU B 319 -35.98 0.92 -31.17
N LYS B 320 -36.00 0.65 -29.86
CA LYS B 320 -36.00 1.67 -28.81
C LYS B 320 -34.76 2.57 -28.85
N LEU B 321 -33.61 1.98 -29.12
CA LEU B 321 -32.40 2.76 -29.19
C LEU B 321 -32.46 3.71 -30.36
N GLY B 322 -32.82 3.17 -31.52
CA GLY B 322 -32.98 3.98 -32.72
C GLY B 322 -33.87 5.19 -32.45
N ALA B 323 -35.02 4.96 -31.82
CA ALA B 323 -35.94 6.05 -31.49
C ALA B 323 -35.37 7.08 -30.48
N ALA B 324 -34.60 6.64 -29.50
CA ALA B 324 -34.00 7.61 -28.60
C ALA B 324 -32.92 8.45 -29.30
N VAL B 325 -32.06 7.78 -30.06
CA VAL B 325 -30.93 8.48 -30.73
C VAL B 325 -31.42 9.58 -31.64
N ALA B 326 -32.50 9.30 -32.39
CA ALA B 326 -33.03 10.24 -33.39
C ALA B 326 -33.52 11.60 -32.82
N THR B 327 -33.78 11.69 -31.52
CA THR B 327 -34.26 12.97 -30.92
C THR B 327 -33.07 13.80 -30.45
N LEU B 328 -31.85 13.26 -30.50
CA LEU B 328 -30.69 14.11 -30.15
C LEU B 328 -30.71 15.42 -30.91
N LYS B 329 -30.65 16.51 -30.15
CA LYS B 329 -30.76 17.82 -30.72
C LYS B 329 -29.39 18.50 -30.98
N SER B 330 -29.13 18.80 -32.25
CA SER B 330 -27.96 19.57 -32.65
C SER B 330 -28.42 21.01 -32.77
N GLY B 331 -27.54 21.98 -32.88
CA GLY B 331 -27.95 23.36 -32.72
C GLY B 331 -26.72 24.12 -32.28
N ALA B 332 -26.86 25.43 -32.02
CA ALA B 332 -25.73 26.23 -31.56
C ALA B 332 -25.18 25.78 -30.18
N PRO B 333 -23.86 25.65 -30.03
CA PRO B 333 -23.28 25.27 -28.72
C PRO B 333 -23.75 26.09 -27.51
N ASP B 334 -23.94 27.40 -27.66
CA ASP B 334 -24.34 28.23 -26.53
C ASP B 334 -25.84 28.22 -26.30
N ASP B 335 -26.52 27.21 -26.77
CA ASP B 335 -27.96 27.18 -26.56
C ASP B 335 -28.22 26.06 -25.56
N GLU B 336 -28.94 26.37 -24.49
CA GLU B 336 -29.15 25.31 -23.48
C GLU B 336 -29.69 23.97 -23.99
N SER B 337 -30.50 23.98 -25.06
CA SER B 337 -31.18 22.78 -25.48
C SER B 337 -30.27 21.85 -26.28
N THR B 338 -29.13 22.39 -26.72
CA THR B 338 -28.25 21.61 -27.57
C THR B 338 -27.64 20.42 -26.84
N GLU B 339 -27.72 19.25 -27.46
CA GLU B 339 -27.13 18.04 -26.88
C GLU B 339 -25.92 17.55 -27.65
N LEU B 340 -25.96 17.66 -28.99
CA LEU B 340 -24.92 17.16 -29.87
C LEU B 340 -24.26 18.31 -30.64
N GLY B 341 -22.95 18.47 -30.44
CA GLY B 341 -22.17 19.49 -31.13
C GLY B 341 -21.52 18.88 -32.35
N PRO B 342 -20.72 19.67 -33.07
CA PRO B 342 -20.04 19.21 -34.29
C PRO B 342 -18.91 18.24 -34.01
N LEU B 343 -18.40 17.50 -34.99
CA LEU B 343 -17.06 16.92 -34.88
C LEU B 343 -15.94 18.01 -34.87
N SER B 344 -14.69 17.62 -34.59
CA SER B 344 -13.64 18.58 -34.22
C SER B 344 -13.03 19.36 -35.39
N SER B 345 -13.08 18.78 -36.58
CA SER B 345 -12.49 19.43 -37.76
C SER B 345 -13.14 18.83 -39.02
N LEU B 346 -12.81 19.41 -40.17
CA LEU B 346 -13.27 18.88 -41.45
C LEU B 346 -12.72 17.48 -41.70
N ALA B 347 -11.41 17.26 -41.54
CA ALA B 347 -10.82 15.96 -41.78
C ALA B 347 -11.44 14.87 -40.89
N HIS B 348 -11.81 15.21 -39.67
CA HIS B 348 -12.33 14.18 -38.78
C HIS B 348 -13.73 13.83 -39.21
N LEU B 349 -14.49 14.83 -39.62
CA LEU B 349 -15.80 14.59 -40.24
C LEU B 349 -15.68 13.78 -41.53
N GLU B 350 -14.62 13.98 -42.28
CA GLU B 350 -14.49 13.25 -43.54
C GLU B 350 -14.30 11.75 -43.17
N ARG B 351 -13.39 11.51 -42.22
CA ARG B 351 -13.09 10.20 -41.66
C ARG B 351 -14.31 9.44 -41.13
N VAL B 352 -15.11 10.11 -40.30
CA VAL B 352 -16.26 9.49 -39.66
C VAL B 352 -17.26 9.10 -40.77
N GLY B 353 -17.50 9.98 -41.69
CA GLY B 353 -18.48 9.74 -42.76
C GLY B 353 -18.06 8.54 -43.63
N LYS B 354 -16.75 8.35 -43.79
CA LYS B 354 -16.20 7.23 -44.61
C LYS B 354 -16.31 5.90 -43.86
N ALA B 355 -16.24 5.95 -42.53
CA ALA B 355 -16.34 4.72 -41.71
C ALA B 355 -17.76 4.18 -41.79
N VAL B 356 -18.74 5.10 -41.78
CA VAL B 356 -20.14 4.80 -41.99
C VAL B 356 -20.45 4.30 -43.40
N GLU B 357 -19.86 4.93 -44.43
CA GLU B 357 -20.05 4.42 -45.79
C GLU B 357 -19.52 2.99 -45.98
N GLU B 358 -18.36 2.65 -45.41
CA GLU B 358 -17.86 1.29 -45.54
C GLU B 358 -18.75 0.31 -44.80
N ALA B 359 -19.41 0.75 -43.71
CA ALA B 359 -20.32 -0.14 -42.98
C ALA B 359 -21.54 -0.46 -43.86
N LYS B 360 -22.10 0.56 -44.54
CA LYS B 360 -23.25 0.36 -45.45
C LYS B 360 -22.97 -0.56 -46.64
N ALA B 361 -21.73 -0.57 -47.10
CA ALA B 361 -21.32 -1.23 -48.36
C ALA B 361 -20.94 -2.71 -48.09
N THR B 362 -21.05 -3.09 -46.83
CA THR B 362 -20.82 -4.44 -46.38
C THR B 362 -22.01 -5.32 -46.93
N GLY B 363 -23.19 -4.70 -47.05
CA GLY B 363 -24.34 -5.36 -47.66
C GLY B 363 -25.30 -5.91 -46.61
N HIS B 364 -24.85 -5.94 -45.34
CA HIS B 364 -25.62 -6.50 -44.24
C HIS B 364 -25.84 -5.56 -43.04
N ILE B 365 -25.29 -4.34 -43.06
CA ILE B 365 -25.62 -3.33 -42.04
C ILE B 365 -26.78 -2.39 -42.42
N LYS B 366 -27.74 -2.24 -41.50
CA LYS B 366 -28.89 -1.36 -41.70
C LYS B 366 -28.71 -0.05 -40.97
N VAL B 367 -28.97 1.06 -41.65
CA VAL B 367 -28.96 2.36 -40.94
C VAL B 367 -30.24 2.58 -40.15
N ILE B 368 -30.20 2.54 -38.81
CA ILE B 368 -31.50 2.68 -38.10
C ILE B 368 -31.92 4.15 -38.11
N THR B 369 -30.97 5.02 -37.86
CA THR B 369 -31.21 6.46 -37.93
C THR B 369 -29.87 7.16 -38.23
N GLY B 370 -29.93 8.37 -38.79
CA GLY B 370 -28.73 9.14 -39.02
C GLY B 370 -28.00 8.62 -40.23
N GLY B 371 -26.67 8.53 -40.16
CA GLY B 371 -25.87 8.11 -41.31
C GLY B 371 -25.62 9.16 -42.43
N GLU B 372 -25.50 10.43 -42.04
CA GLU B 372 -25.28 11.53 -42.97
C GLU B 372 -24.59 12.73 -42.32
N LYS B 373 -23.83 13.48 -43.12
CA LYS B 373 -23.41 14.82 -42.77
C LYS B 373 -24.64 15.73 -42.71
N ARG B 374 -24.68 16.62 -41.74
CA ARG B 374 -25.78 17.59 -41.63
C ARG B 374 -25.48 18.66 -42.63
N LYS B 375 -26.56 19.24 -43.21
CA LYS B 375 -26.44 20.42 -44.07
C LYS B 375 -25.95 21.63 -43.26
N GLY B 376 -25.09 22.43 -43.89
CA GLY B 376 -24.57 23.64 -43.26
C GLY B 376 -23.07 23.61 -43.11
N ASN B 377 -22.57 24.70 -42.57
CA ASN B 377 -21.16 24.88 -42.33
C ASN B 377 -20.93 24.44 -40.89
N GLY B 378 -19.68 24.24 -40.51
CA GLY B 378 -19.49 23.55 -39.26
C GLY B 378 -19.51 22.07 -39.59
N TYR B 379 -18.94 21.27 -38.70
CA TYR B 379 -18.65 19.90 -39.06
C TYR B 379 -19.59 18.88 -38.37
N TYR B 380 -20.91 19.05 -38.57
CA TYR B 380 -21.95 18.24 -37.95
C TYR B 380 -22.30 16.99 -38.67
N TYR B 381 -22.29 15.90 -37.95
CA TYR B 381 -22.70 14.63 -38.50
C TYR B 381 -23.93 14.19 -37.69
N ALA B 382 -24.87 13.52 -38.35
CA ALA B 382 -26.11 13.03 -37.69
C ALA B 382 -25.93 11.85 -36.68
N PRO B 383 -26.60 11.94 -35.55
CA PRO B 383 -26.46 10.86 -34.55
C PRO B 383 -26.93 9.53 -35.21
N THR B 384 -26.06 8.53 -35.15
CA THR B 384 -26.18 7.39 -36.07
C THR B 384 -26.22 6.05 -35.34
N LEU B 385 -27.14 5.17 -35.77
CA LEU B 385 -27.25 3.86 -35.16
C LEU B 385 -27.25 2.78 -36.22
N LEU B 386 -26.28 1.88 -36.12
CA LEU B 386 -26.05 0.91 -37.17
C LEU B 386 -26.34 -0.47 -36.64
N ALA B 387 -27.12 -1.25 -37.37
CA ALA B 387 -27.54 -2.53 -36.84
C ALA B 387 -27.14 -3.70 -37.71
N GLY B 388 -27.04 -4.88 -37.12
CA GLY B 388 -26.65 -6.08 -37.83
C GLY B 388 -25.18 -6.18 -38.16
N ALA B 389 -24.34 -5.36 -37.49
CA ALA B 389 -22.88 -5.43 -37.69
C ALA B 389 -22.37 -6.76 -37.09
N LEU B 390 -21.37 -7.39 -37.73
CA LEU B 390 -20.87 -8.70 -37.32
C LEU B 390 -19.50 -8.53 -36.67
N GLN B 391 -19.12 -9.49 -35.81
CA GLN B 391 -17.81 -9.46 -35.12
C GLN B 391 -16.58 -9.03 -35.97
N ASP B 392 -16.53 -9.43 -37.24
CA ASP B 392 -15.34 -9.19 -38.05
C ASP B 392 -15.42 -7.93 -38.90
N ASP B 393 -16.55 -7.22 -38.83
CA ASP B 393 -16.69 -5.99 -39.61
C ASP B 393 -15.80 -4.91 -39.06
N ALA B 394 -15.30 -4.05 -39.94
CA ALA B 394 -14.46 -2.92 -39.52
C ALA B 394 -15.19 -1.99 -38.54
N ILE B 395 -16.49 -1.82 -38.73
CA ILE B 395 -17.25 -0.90 -37.90
C ILE B 395 -17.18 -1.32 -36.39
N VAL B 396 -16.97 -2.63 -36.14
CA VAL B 396 -16.96 -3.28 -34.80
C VAL B 396 -15.52 -3.35 -34.25
N GLN B 397 -14.58 -3.59 -35.16
CA GLN B 397 -13.14 -3.73 -34.83
C GLN B 397 -12.29 -2.43 -34.85
N LYS B 398 -12.77 -1.35 -35.50
CA LYS B 398 -12.01 -0.08 -35.55
C LYS B 398 -12.72 1.12 -34.90
N GLU B 399 -12.02 1.83 -34.02
CA GLU B 399 -12.52 3.04 -33.38
C GLU B 399 -13.02 4.06 -34.44
N VAL B 400 -14.25 4.58 -34.28
CA VAL B 400 -14.74 5.59 -35.22
C VAL B 400 -14.66 7.01 -34.61
N PHE B 401 -15.00 7.16 -33.36
CA PHE B 401 -14.75 8.44 -32.73
C PHE B 401 -15.68 9.52 -33.30
N GLY B 402 -16.92 9.12 -33.59
CA GLY B 402 -17.96 10.02 -34.04
C GLY B 402 -19.30 9.57 -33.44
N PRO B 403 -20.38 10.29 -33.72
CA PRO B 403 -21.70 10.01 -33.10
C PRO B 403 -22.33 8.75 -33.72
N VAL B 404 -21.69 7.59 -33.53
CA VAL B 404 -22.00 6.40 -34.36
C VAL B 404 -21.93 5.23 -33.44
N VAL B 405 -23.00 4.43 -33.40
CA VAL B 405 -23.05 3.22 -32.58
C VAL B 405 -23.51 2.01 -33.40
N SER B 406 -22.83 0.88 -33.22
CA SER B 406 -23.21 -0.36 -33.89
C SER B 406 -23.76 -1.43 -32.91
N VAL B 407 -24.63 -2.27 -33.43
CA VAL B 407 -25.25 -3.34 -32.67
C VAL B 407 -25.04 -4.69 -33.33
N THR B 408 -24.48 -5.59 -32.52
CA THR B 408 -24.20 -6.98 -32.90
C THR B 408 -24.97 -8.02 -32.03
N PRO B 409 -25.75 -8.90 -32.68
CA PRO B 409 -26.44 -9.96 -31.94
C PRO B 409 -25.46 -11.03 -31.46
N PHE B 410 -25.61 -11.50 -30.19
CA PHE B 410 -24.91 -12.68 -29.65
C PHE B 410 -25.89 -13.70 -29.06
N ASP B 411 -25.40 -14.94 -28.88
CA ASP B 411 -26.15 -16.09 -28.35
C ASP B 411 -25.90 -16.39 -26.85
N ASN B 412 -24.62 -16.40 -26.46
CA ASN B 412 -24.23 -16.80 -25.08
C ASN B 412 -23.05 -16.05 -24.45
N GLU B 413 -22.98 -16.15 -23.12
CA GLU B 413 -21.97 -15.45 -22.33
C GLU B 413 -20.52 -15.72 -22.75
N GLU B 414 -20.18 -16.97 -22.98
CA GLU B 414 -18.82 -17.31 -23.24
C GLU B 414 -18.39 -16.76 -24.60
N GLN B 415 -19.29 -16.89 -25.59
CA GLN B 415 -19.08 -16.40 -26.93
C GLN B 415 -18.86 -14.90 -26.95
N VAL B 416 -19.73 -14.15 -26.28
CA VAL B 416 -19.59 -12.68 -26.30
C VAL B 416 -18.34 -12.18 -25.50
N VAL B 417 -17.98 -12.84 -24.41
CA VAL B 417 -16.73 -12.48 -23.70
C VAL B 417 -15.49 -12.72 -24.57
N ASN B 418 -15.49 -13.85 -25.28
CA ASN B 418 -14.43 -14.10 -26.24
C ASN B 418 -14.45 -13.08 -27.39
N TRP B 419 -15.65 -12.73 -27.88
CA TRP B 419 -15.73 -11.70 -28.92
C TRP B 419 -15.19 -10.38 -28.37
N ALA B 420 -15.61 -10.00 -27.18
CA ALA B 420 -15.21 -8.69 -26.67
C ALA B 420 -13.68 -8.65 -26.47
N ASN B 421 -13.09 -9.74 -25.95
CA ASN B 421 -11.64 -9.82 -25.68
C ASN B 421 -10.73 -10.00 -26.92
N ASP B 422 -11.33 -10.31 -28.07
CA ASP B 422 -10.59 -10.49 -29.30
C ASP B 422 -10.51 -9.14 -30.06
N SER B 423 -9.86 -8.17 -29.45
CA SER B 423 -9.83 -6.78 -29.91
C SER B 423 -8.39 -6.37 -29.70
N GLN B 424 -7.97 -5.36 -30.42
CA GLN B 424 -6.64 -4.86 -30.15
C GLN B 424 -6.75 -3.66 -29.19
N TYR B 425 -8.01 -3.36 -28.78
CA TYR B 425 -8.24 -2.32 -27.79
C TYR B 425 -8.42 -2.88 -26.38
N GLY B 426 -8.25 -1.99 -25.39
CA GLY B 426 -8.21 -2.38 -24.00
C GLY B 426 -8.56 -1.30 -22.99
N LEU B 427 -9.31 -0.27 -23.37
CA LEU B 427 -9.51 0.88 -22.48
C LEU B 427 -10.71 0.75 -21.48
N ALA B 428 -11.91 0.56 -22.02
CA ALA B 428 -13.15 0.64 -21.26
C ALA B 428 -14.17 -0.29 -21.86
N SER B 429 -15.23 -0.52 -21.10
CA SER B 429 -16.21 -1.52 -21.43
C SER B 429 -17.34 -1.46 -20.40
N SER B 430 -18.49 -2.05 -20.75
CA SER B 430 -19.50 -2.25 -19.73
C SER B 430 -20.31 -3.47 -19.97
N VAL B 431 -20.92 -3.95 -18.90
CA VAL B 431 -21.80 -5.09 -18.94
C VAL B 431 -23.17 -4.80 -18.30
N TRP B 432 -24.24 -5.19 -18.99
CA TRP B 432 -25.55 -4.86 -18.48
C TRP B 432 -26.32 -6.13 -18.27
N THR B 433 -26.59 -6.42 -17.01
CA THR B 433 -27.32 -7.61 -16.62
C THR B 433 -27.77 -7.46 -15.18
N LYS B 434 -28.87 -8.07 -14.83
CA LYS B 434 -29.35 -7.92 -13.49
C LYS B 434 -28.76 -8.96 -12.55
N ASP B 435 -28.28 -10.07 -13.10
CA ASP B 435 -27.80 -11.22 -12.34
C ASP B 435 -26.48 -10.90 -11.62
N VAL B 436 -26.37 -11.09 -10.27
CA VAL B 436 -25.07 -10.76 -9.60
C VAL B 436 -23.92 -11.61 -10.10
N GLY B 437 -24.14 -12.93 -10.19
CA GLY B 437 -23.14 -13.91 -10.61
C GLY B 437 -22.40 -13.53 -11.90
N ARG B 438 -23.22 -13.37 -12.94
CA ARG B 438 -22.81 -13.01 -14.29
C ARG B 438 -22.14 -11.64 -14.36
N ALA B 439 -22.68 -10.63 -13.68
CA ALA B 439 -22.02 -9.36 -13.71
C ALA B 439 -20.57 -9.50 -13.16
N HIS B 440 -20.39 -10.30 -12.13
CA HIS B 440 -19.04 -10.49 -11.55
C HIS B 440 -18.11 -11.35 -12.45
N ARG B 441 -18.66 -12.47 -12.92
CA ARG B 441 -17.95 -13.35 -13.89
C ARG B 441 -17.41 -12.56 -15.10
N VAL B 442 -18.27 -11.76 -15.73
CA VAL B 442 -17.91 -11.05 -16.96
C VAL B 442 -16.92 -9.89 -16.67
N SER B 443 -17.12 -9.16 -15.56
CA SER B 443 -16.18 -8.13 -15.10
C SER B 443 -14.78 -8.66 -14.83
N ALA B 444 -14.73 -9.84 -14.25
CA ALA B 444 -13.46 -10.45 -13.91
C ALA B 444 -12.72 -10.82 -15.20
N ARG B 445 -13.48 -11.25 -16.23
CA ARG B 445 -12.89 -11.76 -17.50
C ARG B 445 -12.53 -10.72 -18.57
N LEU B 446 -13.18 -9.57 -18.54
CA LEU B 446 -12.99 -8.57 -19.59
C LEU B 446 -11.57 -8.01 -19.54
N GLN B 447 -10.96 -7.91 -20.71
CA GLN B 447 -9.57 -7.48 -20.91
C GLN B 447 -9.55 -5.99 -21.24
N TYR B 448 -10.12 -5.22 -20.32
CA TYR B 448 -10.32 -3.76 -20.46
C TYR B 448 -9.92 -3.04 -19.16
N GLY B 449 -9.19 -1.95 -19.29
CA GLY B 449 -8.75 -1.20 -18.12
C GLY B 449 -9.88 -0.78 -17.20
N CYS B 450 -11.10 -0.72 -17.72
CA CYS B 450 -12.21 -0.50 -16.84
C CYS B 450 -13.51 -1.12 -17.35
N THR B 451 -14.36 -1.61 -16.43
CA THR B 451 -15.66 -2.20 -16.79
C THR B 451 -16.73 -1.63 -15.87
N TRP B 452 -17.79 -1.07 -16.47
CA TRP B 452 -18.93 -0.58 -15.72
C TRP B 452 -19.96 -1.69 -15.72
N VAL B 453 -20.85 -1.70 -14.73
CA VAL B 453 -21.94 -2.70 -14.63
C VAL B 453 -23.24 -1.92 -14.55
N ASN B 454 -24.12 -2.09 -15.55
CA ASN B 454 -25.37 -1.31 -15.62
C ASN B 454 -25.23 0.22 -15.62
N THR B 455 -24.12 0.70 -16.19
CA THR B 455 -23.93 2.14 -16.49
C THR B 455 -22.72 2.16 -17.35
N HIS B 456 -22.18 3.30 -17.72
CA HIS B 456 -21.03 3.33 -18.60
C HIS B 456 -20.50 4.74 -18.35
N PHE B 457 -19.27 5.04 -18.78
CA PHE B 457 -18.81 6.45 -18.88
C PHE B 457 -18.33 7.21 -17.58
N MET B 458 -18.74 6.77 -16.40
CA MET B 458 -18.51 7.46 -15.12
C MET B 458 -17.08 7.41 -14.63
N LEU B 459 -16.43 8.56 -14.50
CA LEU B 459 -15.05 8.62 -14.05
C LEU B 459 -15.03 9.42 -12.80
N VAL B 460 -14.08 9.10 -11.90
CA VAL B 460 -13.85 9.89 -10.67
C VAL B 460 -12.35 9.95 -10.41
N SER B 461 -11.91 11.03 -9.74
CA SER B 461 -10.44 11.33 -9.64
C SER B 461 -9.62 10.25 -8.98
N GLU B 462 -10.26 9.50 -8.05
CA GLU B 462 -9.54 8.52 -7.23
C GLU B 462 -9.25 7.22 -8.00
N MET B 463 -9.95 6.99 -9.13
CA MET B 463 -9.92 5.69 -9.82
C MET B 463 -9.19 5.76 -11.16
N PRO B 464 -8.29 4.80 -11.43
CA PRO B 464 -7.36 4.93 -12.55
C PRO B 464 -8.12 4.77 -13.87
N HIS B 465 -7.66 5.51 -14.84
CA HIS B 465 -8.15 5.35 -16.20
C HIS B 465 -6.97 5.05 -17.11
N GLY B 466 -7.03 3.94 -17.86
CA GLY B 466 -5.92 3.57 -18.73
C GLY B 466 -6.09 2.15 -19.22
N GLY B 467 -5.38 1.87 -20.32
CA GLY B 467 -5.66 0.68 -21.15
C GLY B 467 -4.67 -0.47 -21.01
N GLN B 468 -4.79 -1.44 -21.91
CA GLN B 468 -3.84 -2.52 -22.14
C GLN B 468 -3.94 -2.78 -23.64
N LYS B 469 -3.09 -3.65 -24.17
CA LYS B 469 -3.05 -3.92 -25.61
C LYS B 469 -2.65 -2.64 -26.43
N LEU B 470 -3.28 -2.40 -27.58
CA LEU B 470 -2.95 -1.23 -28.38
C LEU B 470 -3.65 0.06 -27.90
N SER B 471 -4.52 -0.04 -26.91
CA SER B 471 -4.95 1.16 -26.20
C SER B 471 -3.80 1.77 -25.36
N GLY B 472 -2.68 1.05 -25.19
CA GLY B 472 -1.54 1.61 -24.49
C GLY B 472 -1.40 1.16 -23.05
N TYR B 473 -0.85 2.00 -22.17
CA TYR B 473 -0.50 1.52 -20.80
C TYR B 473 -0.31 2.72 -19.88
N GLY B 474 -0.12 2.54 -18.58
CA GLY B 474 0.02 3.73 -17.73
C GLY B 474 -1.38 4.27 -17.47
N LYS B 475 -1.50 5.12 -16.46
CA LYS B 475 -2.81 5.51 -16.00
C LYS B 475 -2.93 7.02 -15.81
N ASP B 476 -4.11 7.53 -16.13
CA ASP B 476 -4.50 8.87 -15.72
C ASP B 476 -5.42 8.85 -14.52
N MET B 477 -5.27 9.87 -13.67
CA MET B 477 -5.94 9.95 -12.40
C MET B 477 -5.47 8.85 -11.43
N SER B 478 -5.94 8.95 -10.17
CA SER B 478 -5.71 7.99 -9.07
C SER B 478 -4.25 8.05 -8.62
N LEU B 479 -3.98 7.44 -7.48
CA LEU B 479 -2.56 7.28 -7.03
C LEU B 479 -1.63 6.64 -8.07
N TYR B 480 -2.15 5.67 -8.83
CA TYR B 480 -1.39 5.01 -9.95
C TYR B 480 -0.83 6.00 -10.96
N GLY B 481 -1.61 7.05 -11.20
CA GLY B 481 -1.26 8.00 -12.23
C GLY B 481 -0.17 8.92 -11.73
N LEU B 482 -0.11 9.11 -10.42
CA LEU B 482 1.03 9.79 -9.79
C LEU B 482 2.30 8.90 -9.78
N GLU B 483 2.10 7.62 -9.45
CA GLU B 483 3.23 6.68 -9.41
C GLU B 483 3.93 6.58 -10.76
N ASP B 484 3.16 6.64 -11.86
CA ASP B 484 3.75 6.60 -13.20
C ASP B 484 4.84 7.66 -13.51
N TYR B 485 4.93 8.73 -12.69
CA TYR B 485 5.86 9.84 -12.90
C TYR B 485 6.92 9.86 -11.82
N THR B 486 7.22 8.71 -11.23
CA THR B 486 8.27 8.62 -10.23
C THR B 486 9.21 7.48 -10.62
N VAL B 487 10.44 7.49 -10.09
CA VAL B 487 11.29 6.31 -10.09
C VAL B 487 11.44 5.78 -8.65
N VAL B 488 11.21 4.49 -8.48
CA VAL B 488 11.31 3.87 -7.16
C VAL B 488 12.80 3.64 -6.99
N ARG B 489 13.33 3.95 -5.79
CA ARG B 489 14.74 3.78 -5.52
C ARG B 489 14.99 3.08 -4.18
N HIS B 490 15.92 2.13 -4.22
CA HIS B 490 16.38 1.38 -3.09
C HIS B 490 17.63 1.99 -2.49
N VAL B 491 17.54 2.55 -1.29
CA VAL B 491 18.77 3.03 -0.58
C VAL B 491 19.11 2.04 0.55
N MET B 492 20.35 1.55 0.57
CA MET B 492 20.70 0.53 1.57
C MET B 492 21.98 0.95 2.37
N VAL B 493 21.84 1.06 3.69
CA VAL B 493 22.91 1.62 4.55
C VAL B 493 23.53 0.53 5.37
N LYS B 494 24.80 0.25 5.14
CA LYS B 494 25.49 -0.72 5.99
C LYS B 494 25.69 -0.15 7.40
N HIS B 495 25.42 -0.99 8.43
CA HIS B 495 25.73 -0.68 9.86
C HIS B 495 27.23 -0.73 10.29
N MET C 22 -14.57 36.29 23.08
CA MET C 22 -14.83 35.37 24.20
C MET C 22 -16.06 34.54 23.91
N GLN C 23 -15.82 33.40 23.33
CA GLN C 23 -16.89 32.49 22.94
C GLN C 23 -16.98 31.29 23.89
N HIS C 24 -18.28 31.03 24.44
CA HIS C 24 -18.47 30.13 25.58
C HIS C 24 -19.55 29.04 25.46
N LYS C 25 -20.15 28.92 24.28
CA LYS C 25 -21.29 28.00 24.13
C LYS C 25 -20.87 26.66 23.50
N LEU C 26 -21.60 25.59 23.80
CA LEU C 26 -21.29 24.29 23.22
C LEU C 26 -21.84 24.26 21.79
N LEU C 27 -21.33 23.35 20.97
CA LEU C 27 -21.96 23.08 19.68
C LEU C 27 -22.56 21.69 19.78
N ILE C 28 -23.85 21.60 19.55
CA ILE C 28 -24.60 20.37 19.65
C ILE C 28 -25.61 20.41 18.54
N ASN C 29 -25.52 19.48 17.60
CA ASN C 29 -26.50 19.30 16.53
C ASN C 29 -26.69 20.53 15.69
N GLY C 30 -25.58 21.15 15.31
CA GLY C 30 -25.57 22.38 14.52
C GLY C 30 -26.02 23.67 15.21
N GLU C 31 -26.12 23.65 16.54
CA GLU C 31 -26.54 24.83 17.32
C GLU C 31 -25.53 25.13 18.43
N LEU C 32 -25.35 26.43 18.68
CA LEU C 32 -24.51 26.96 19.76
C LEU C 32 -25.40 27.12 20.98
N VAL C 33 -25.07 26.42 22.06
CA VAL C 33 -25.92 26.38 23.25
C VAL C 33 -25.12 26.50 24.57
N SER C 34 -25.62 27.30 25.50
CA SER C 34 -24.96 27.45 26.79
C SER C 34 -25.02 26.13 27.54
N GLY C 35 -23.91 25.71 28.14
CA GLY C 35 -23.97 24.57 29.02
C GLY C 35 -24.99 24.81 30.15
N GLU C 36 -25.69 23.76 30.58
CA GLU C 36 -26.69 23.87 31.63
C GLU C 36 -26.14 23.19 32.88
N GLY C 37 -24.85 22.88 32.86
CA GLY C 37 -24.14 22.31 34.00
C GLY C 37 -23.48 23.35 34.90
N GLU C 38 -22.65 22.93 35.85
CA GLU C 38 -21.97 23.82 36.79
C GLU C 38 -20.92 24.66 36.08
N LYS C 39 -20.89 25.94 36.48
CA LYS C 39 -19.85 26.88 36.06
C LYS C 39 -18.49 26.51 36.63
N GLN C 40 -17.47 26.70 35.80
CA GLN C 40 -16.10 26.45 36.18
C GLN C 40 -15.19 27.56 35.68
N PRO C 41 -14.24 27.93 36.52
CA PRO C 41 -13.25 28.98 36.22
C PRO C 41 -12.25 28.64 35.12
N VAL C 42 -11.93 29.61 34.26
CA VAL C 42 -10.83 29.42 33.31
C VAL C 42 -9.72 30.46 33.55
N TYR C 43 -8.47 30.03 33.77
CA TYR C 43 -7.40 30.97 34.15
C TYR C 43 -6.47 31.44 33.04
N ASN C 44 -6.02 32.69 33.14
CA ASN C 44 -4.81 33.14 32.42
C ASN C 44 -3.51 32.76 33.18
N PRO C 45 -2.80 31.72 32.72
CA PRO C 45 -1.64 31.23 33.48
C PRO C 45 -0.48 32.24 33.55
N ALA C 46 -0.44 33.22 32.65
CA ALA C 46 0.59 34.24 32.77
C ALA C 46 0.36 35.16 33.99
N THR C 47 -0.89 35.28 34.46
CA THR C 47 -1.19 36.18 35.58
C THR C 47 -1.90 35.53 36.79
N GLY C 48 -2.36 34.30 36.62
CA GLY C 48 -3.22 33.69 37.59
C GLY C 48 -4.65 34.22 37.67
N ASP C 49 -5.02 35.20 36.86
CA ASP C 49 -6.38 35.78 36.88
C ASP C 49 -7.37 34.84 36.19
N VAL C 50 -8.65 34.87 36.62
CA VAL C 50 -9.74 34.23 35.85
C VAL C 50 -10.06 35.03 34.58
N LEU C 51 -10.09 34.36 33.44
CA LEU C 51 -10.55 34.96 32.19
C LEU C 51 -12.07 35.06 32.17
N LEU C 52 -12.74 33.93 32.41
CA LEU C 52 -14.19 33.87 32.60
C LEU C 52 -14.57 32.54 33.26
N GLU C 53 -15.83 32.40 33.69
CA GLU C 53 -16.42 31.14 34.10
C GLU C 53 -17.32 30.64 32.98
N ILE C 54 -17.33 29.33 32.77
CA ILE C 54 -18.12 28.72 31.73
C ILE C 54 -18.88 27.57 32.33
N ALA C 55 -20.16 27.49 32.01
CA ALA C 55 -21.02 26.39 32.47
C ALA C 55 -20.73 25.09 31.70
N GLU C 56 -20.64 23.95 32.42
CA GLU C 56 -20.29 22.67 31.80
C GLU C 56 -21.48 22.17 31.06
N ALA C 57 -21.28 21.21 30.13
CA ALA C 57 -22.42 20.45 29.59
C ALA C 57 -23.04 19.58 30.73
N SER C 58 -24.37 19.56 30.81
CA SER C 58 -25.10 18.71 31.77
C SER C 58 -25.11 17.28 31.24
N ALA C 59 -25.50 16.33 32.10
CA ALA C 59 -25.66 14.92 31.73
C ALA C 59 -26.54 14.80 30.49
N GLU C 60 -27.58 15.62 30.42
CA GLU C 60 -28.59 15.55 29.36
C GLU C 60 -27.96 16.06 28.07
N GLN C 61 -27.11 17.10 28.18
CA GLN C 61 -26.38 17.63 27.04
C GLN C 61 -25.34 16.66 26.44
N VAL C 62 -24.58 15.94 27.28
CA VAL C 62 -23.64 14.90 26.79
C VAL C 62 -24.42 13.87 25.96
N ASP C 63 -25.45 13.28 26.59
CA ASP C 63 -26.35 12.36 25.91
C ASP C 63 -27.01 12.92 24.59
N ALA C 64 -27.60 14.13 24.62
CA ALA C 64 -28.07 14.77 23.36
C ALA C 64 -26.95 14.87 22.32
N ALA C 65 -25.75 15.22 22.75
CA ALA C 65 -24.67 15.37 21.79
C ALA C 65 -24.38 14.03 21.14
N VAL C 66 -24.39 12.96 21.94
CA VAL C 66 -24.01 11.70 21.38
C VAL C 66 -25.14 11.23 20.47
N ARG C 67 -26.39 11.61 20.79
CA ARG C 67 -27.55 11.09 20.04
C ARG C 67 -27.64 11.76 18.68
N ALA C 68 -27.36 13.05 18.65
CA ALA C 68 -27.29 13.80 17.42
C ALA C 68 -26.19 13.23 16.51
N ALA C 69 -25.03 12.95 17.08
CA ALA C 69 -23.94 12.34 16.31
C ALA C 69 -24.38 11.02 15.70
N ASP C 70 -25.06 10.22 16.51
CA ASP C 70 -25.55 8.94 16.05
C ASP C 70 -26.56 9.10 14.91
N ALA C 71 -27.46 10.08 15.00
CA ALA C 71 -28.46 10.28 13.98
C ALA C 71 -27.80 10.87 12.74
N ALA C 72 -26.83 11.75 12.95
CA ALA C 72 -26.11 12.28 11.78
C ALA C 72 -25.34 11.20 11.00
N PHE C 73 -24.86 10.15 11.69
CA PHE C 73 -24.07 9.10 11.02
C PHE C 73 -24.78 8.34 9.85
N ALA C 74 -26.08 8.15 9.91
CA ALA C 74 -26.85 7.47 8.86
C ALA C 74 -26.50 8.05 7.48
N GLU C 75 -26.59 9.38 7.32
CA GLU C 75 -26.17 10.03 6.09
C GLU C 75 -24.63 10.33 6.01
N TRP C 76 -24.05 10.93 7.07
CA TRP C 76 -22.64 11.26 7.01
C TRP C 76 -21.72 10.07 6.65
N GLY C 77 -22.04 8.88 7.15
CA GLY C 77 -21.16 7.72 6.98
C GLY C 77 -21.25 7.08 5.62
N GLN C 78 -22.18 7.60 4.81
CA GLN C 78 -22.29 7.19 3.43
C GLN C 78 -21.81 8.25 2.45
N THR C 79 -21.18 9.32 2.94
CA THR C 79 -20.67 10.33 2.02
C THR C 79 -19.50 9.78 1.17
N THR C 80 -19.16 10.46 0.07
CA THR C 80 -17.98 10.08 -0.68
C THR C 80 -16.76 10.74 -0.08
N PRO C 81 -15.60 10.13 -0.20
CA PRO C 81 -14.34 10.82 0.09
C PRO C 81 -14.27 12.27 -0.38
N LYS C 82 -14.71 12.57 -1.58
CA LYS C 82 -14.53 13.87 -2.16
C LYS C 82 -15.36 14.92 -1.37
N VAL C 83 -16.57 14.53 -0.95
CA VAL C 83 -17.42 15.45 -0.19
C VAL C 83 -16.78 15.75 1.16
N ARG C 84 -16.18 14.74 1.76
CA ARG C 84 -15.55 14.89 3.09
C ARG C 84 -14.29 15.75 2.97
N ALA C 85 -13.46 15.40 2.00
CA ALA C 85 -12.30 16.19 1.60
C ALA C 85 -12.66 17.68 1.51
N GLU C 86 -13.81 17.98 0.96
CA GLU C 86 -14.18 19.38 0.67
C GLU C 86 -14.60 20.05 1.92
N CYS C 87 -15.28 19.34 2.82
CA CYS C 87 -15.63 19.88 4.16
C CYS C 87 -14.34 20.20 4.91
N LEU C 88 -13.42 19.26 4.94
CA LEU C 88 -12.13 19.49 5.59
C LEU C 88 -11.29 20.70 5.04
N LEU C 89 -11.24 20.87 3.70
CA LEU C 89 -10.57 22.03 3.12
C LEU C 89 -11.24 23.33 3.54
N LYS C 90 -12.56 23.35 3.70
CA LYS C 90 -13.23 24.60 4.11
C LYS C 90 -12.92 24.89 5.59
N LEU C 91 -12.87 23.83 6.39
CA LEU C 91 -12.51 23.95 7.80
C LEU C 91 -11.07 24.51 7.90
N ALA C 92 -10.15 23.93 7.12
CA ALA C 92 -8.83 24.50 6.94
C ALA C 92 -8.83 26.03 6.64
N ASP C 93 -9.63 26.44 5.67
CA ASP C 93 -9.66 27.87 5.27
C ASP C 93 -10.11 28.80 6.38
N VAL C 94 -11.08 28.35 7.15
CA VAL C 94 -11.70 29.10 8.22
C VAL C 94 -10.75 29.28 9.42
N ILE C 95 -10.00 28.23 9.69
CA ILE C 95 -9.00 28.37 10.70
C ILE C 95 -7.91 29.33 10.17
N GLU C 96 -7.52 29.19 8.93
CA GLU C 96 -6.41 30.02 8.39
C GLU C 96 -6.76 31.52 8.39
N GLU C 97 -7.98 31.88 7.97
CA GLU C 97 -8.51 33.25 7.92
C GLU C 97 -8.62 33.88 9.29
N ASN C 98 -8.72 33.01 10.31
CA ASN C 98 -8.83 33.42 11.69
C ASN C 98 -7.58 33.07 12.52
N GLY C 99 -6.40 33.04 11.92
CA GLY C 99 -5.20 32.60 12.61
C GLY C 99 -4.85 33.49 13.80
N GLN C 100 -4.92 34.79 13.59
CA GLN C 100 -4.58 35.79 14.59
C GLN C 100 -5.44 35.64 15.81
N VAL C 101 -6.75 35.58 15.65
CA VAL C 101 -7.68 35.44 16.75
C VAL C 101 -7.40 34.11 17.51
N PHE C 102 -7.29 33.00 16.75
CA PHE C 102 -6.92 31.74 17.36
C PHE C 102 -5.60 31.78 18.18
N ALA C 103 -4.53 32.32 17.60
CA ALA C 103 -3.29 32.43 18.38
C ALA C 103 -3.50 33.22 19.66
N GLU C 104 -4.23 34.37 19.57
CA GLU C 104 -4.41 35.23 20.73
C GLU C 104 -5.13 34.45 21.83
N LEU C 105 -6.24 33.79 21.49
CA LEU C 105 -6.96 33.00 22.51
C LEU C 105 -6.08 31.89 23.12
N GLU C 106 -5.28 31.20 22.31
CA GLU C 106 -4.41 30.14 22.84
C GLU C 106 -3.32 30.72 23.77
N SER C 107 -2.73 31.83 23.37
CA SER C 107 -1.72 32.48 24.18
C SER C 107 -2.32 32.99 25.49
N ARG C 108 -3.52 33.56 25.44
CA ARG C 108 -4.19 34.01 26.66
C ARG C 108 -4.56 32.87 27.59
N ASN C 109 -5.00 31.75 27.01
CA ASN C 109 -5.49 30.60 27.79
C ASN C 109 -4.34 29.73 28.25
N CYS C 110 -3.25 29.64 27.44
CA CYS C 110 -2.14 28.72 27.74
C CYS C 110 -0.83 29.37 28.17
N GLY C 111 -0.78 30.69 28.09
CA GLY C 111 0.49 31.40 28.23
C GLY C 111 1.59 31.11 27.20
N LYS C 112 1.25 30.47 26.07
CA LYS C 112 2.21 30.39 24.96
C LYS C 112 2.70 31.79 24.50
N PRO C 113 4.00 31.96 24.25
CA PRO C 113 4.50 33.21 23.66
C PRO C 113 3.71 33.37 22.39
N LEU C 114 3.08 34.54 22.21
CA LEU C 114 2.16 34.73 21.10
C LEU C 114 2.85 34.39 19.78
N HIS C 115 4.09 34.83 19.64
CA HIS C 115 4.81 34.69 18.39
C HIS C 115 4.99 33.17 18.08
N SER C 116 5.19 32.37 19.13
CA SER C 116 5.27 30.92 18.97
C SER C 116 3.94 30.32 18.54
N ALA C 117 2.87 30.70 19.22
CA ALA C 117 1.56 30.17 18.87
C ALA C 117 1.24 30.53 17.41
N PHE C 118 1.41 31.80 17.10
CA PHE C 118 1.07 32.30 15.77
C PHE C 118 1.92 31.74 14.65
N ASN C 119 3.25 31.73 14.82
CA ASN C 119 4.15 31.27 13.77
C ASN C 119 4.36 29.75 13.67
N ASP C 120 4.26 29.02 14.78
CA ASP C 120 4.56 27.61 14.74
C ASP C 120 3.28 26.83 14.70
N GLU C 121 2.32 27.10 15.58
CA GLU C 121 1.17 26.21 15.73
C GLU C 121 0.10 26.43 14.67
N ILE C 122 -0.28 27.68 14.44
CA ILE C 122 -1.37 27.92 13.54
C ILE C 122 -1.11 27.30 12.15
N PRO C 123 0.00 27.64 11.46
CA PRO C 123 0.28 26.98 10.18
C PRO C 123 0.18 25.47 10.25
N ALA C 124 0.63 24.84 11.34
CA ALA C 124 0.57 23.37 11.47
C ALA C 124 -0.85 22.85 11.54
N ILE C 125 -1.68 23.55 12.29
CA ILE C 125 -3.07 23.16 12.46
C ILE C 125 -3.85 23.21 11.11
N VAL C 126 -3.57 24.23 10.30
CA VAL C 126 -4.20 24.38 9.03
C VAL C 126 -3.77 23.22 8.11
N ASP C 127 -2.48 22.87 8.19
CA ASP C 127 -1.88 21.86 7.34
C ASP C 127 -2.42 20.45 7.73
N VAL C 128 -2.57 20.20 9.02
CA VAL C 128 -3.21 18.93 9.42
C VAL C 128 -4.52 18.74 8.64
N PHE C 129 -5.33 19.79 8.57
CA PHE C 129 -6.64 19.70 7.97
C PHE C 129 -6.54 19.49 6.43
N ARG C 130 -5.63 20.20 5.77
CA ARG C 130 -5.43 20.07 4.37
C ARG C 130 -4.89 18.70 4.06
N PHE C 131 -4.00 18.20 4.91
CA PHE C 131 -3.40 16.88 4.65
C PHE C 131 -4.47 15.73 4.77
N PHE C 132 -5.27 15.78 5.83
CA PHE C 132 -6.35 14.82 5.98
C PHE C 132 -7.46 14.96 4.92
N ALA C 133 -7.71 16.16 4.39
CA ALA C 133 -8.56 16.25 3.19
C ALA C 133 -8.04 15.39 1.98
N GLY C 134 -6.73 15.39 1.79
CA GLY C 134 -6.13 14.73 0.69
C GLY C 134 -6.11 13.24 0.93
N ALA C 135 -5.74 12.89 2.15
CA ALA C 135 -5.63 11.50 2.55
C ALA C 135 -6.99 10.78 2.54
N ALA C 136 -8.07 11.54 2.78
CA ALA C 136 -9.40 10.99 2.76
C ALA C 136 -9.63 10.25 1.48
N ARG C 137 -8.93 10.70 0.42
CA ARG C 137 -9.24 10.27 -0.96
C ARG C 137 -8.23 9.21 -1.36
N CYS C 138 -7.35 8.84 -0.46
CA CYS C 138 -6.21 8.01 -0.88
C CYS C 138 -6.06 6.70 -0.14
N LEU C 139 -7.15 6.08 0.26
CA LEU C 139 -7.02 4.96 1.21
C LEU C 139 -6.64 3.68 0.49
N ASN C 140 -5.70 2.92 1.04
CA ASN C 140 -5.22 1.71 0.36
C ASN C 140 -6.06 0.49 0.70
N GLY C 141 -5.78 -0.65 0.09
CA GLY C 141 -6.63 -1.82 0.27
C GLY C 141 -5.82 -2.98 -0.21
N LEU C 142 -6.50 -4.09 -0.47
CA LEU C 142 -5.89 -5.25 -1.13
C LEU C 142 -6.50 -5.34 -2.54
N ALA C 143 -5.78 -5.92 -3.50
CA ALA C 143 -6.31 -6.05 -4.87
C ALA C 143 -7.59 -6.90 -4.83
N ALA C 144 -8.64 -6.54 -5.55
CA ALA C 144 -9.84 -7.37 -5.61
C ALA C 144 -9.56 -8.43 -6.68
N GLY C 145 -10.20 -9.58 -6.56
CA GLY C 145 -9.94 -10.74 -7.40
C GLY C 145 -10.54 -12.03 -6.80
N GLU C 146 -10.25 -13.14 -7.45
CA GLU C 146 -10.77 -14.42 -7.09
C GLU C 146 -9.65 -15.17 -6.40
N TYR C 147 -9.53 -14.92 -5.09
CA TYR C 147 -8.68 -15.68 -4.16
C TYR C 147 -9.21 -17.09 -3.85
N LEU C 148 -10.52 -17.29 -4.01
CA LEU C 148 -11.15 -18.60 -4.06
C LEU C 148 -11.86 -18.65 -5.43
N GLU C 149 -11.59 -19.76 -6.13
CA GLU C 149 -12.18 -20.04 -7.40
C GLU C 149 -13.68 -19.72 -7.43
N GLY C 150 -14.11 -19.02 -8.49
CA GLY C 150 -15.53 -18.75 -8.69
C GLY C 150 -16.14 -17.76 -7.66
N HIS C 151 -15.29 -16.99 -6.96
CA HIS C 151 -15.79 -15.96 -6.02
C HIS C 151 -14.96 -14.66 -6.12
N THR C 152 -15.60 -13.49 -6.26
CA THR C 152 -14.85 -12.23 -6.21
C THR C 152 -14.81 -11.55 -4.81
N SER C 153 -13.60 -11.41 -4.25
CA SER C 153 -13.33 -10.74 -2.95
C SER C 153 -12.81 -9.33 -3.19
N MET C 154 -13.31 -8.38 -2.39
CA MET C 154 -12.84 -7.00 -2.37
C MET C 154 -12.75 -6.55 -0.89
N ILE C 155 -11.88 -5.59 -0.62
CA ILE C 155 -11.70 -5.07 0.74
C ILE C 155 -12.16 -3.60 0.78
N ARG C 156 -13.02 -3.20 1.75
CA ARG C 156 -13.42 -1.81 1.95
C ARG C 156 -12.82 -1.25 3.24
N ARG C 157 -12.89 0.08 3.41
CA ARG C 157 -12.70 0.74 4.73
C ARG C 157 -13.91 1.58 5.09
N ASP C 158 -14.77 1.05 5.97
CA ASP C 158 -15.94 1.80 6.43
C ASP C 158 -15.70 2.50 7.80
N PRO C 159 -16.47 3.56 8.10
CA PRO C 159 -16.28 4.26 9.37
C PRO C 159 -16.98 3.43 10.45
N LEU C 160 -16.63 3.72 11.70
CA LEU C 160 -17.19 3.11 12.94
C LEU C 160 -18.48 3.68 13.54
N GLY C 161 -18.74 4.95 13.38
CA GLY C 161 -19.95 5.49 13.98
C GLY C 161 -19.62 6.79 14.71
N VAL C 162 -19.84 6.82 16.04
CA VAL C 162 -19.55 8.00 16.84
C VAL C 162 -18.22 7.81 17.55
N VAL C 163 -17.37 8.80 17.48
CA VAL C 163 -16.08 8.80 18.15
C VAL C 163 -16.15 9.80 19.32
N ALA C 164 -15.70 9.39 20.51
CA ALA C 164 -15.48 10.35 21.63
C ALA C 164 -14.01 10.80 21.63
N SER C 165 -13.78 12.10 21.50
CA SER C 165 -12.40 12.62 21.42
C SER C 165 -12.15 13.50 22.66
N ILE C 166 -11.05 13.23 23.33
CA ILE C 166 -10.69 13.89 24.55
C ILE C 166 -9.36 14.53 24.38
N ALA C 167 -9.37 15.86 24.40
CA ALA C 167 -8.15 16.62 24.14
C ALA C 167 -7.54 17.16 25.45
N PRO C 168 -6.19 17.26 25.44
CA PRO C 168 -5.39 17.76 26.59
C PRO C 168 -5.15 19.26 26.64
N TRP C 169 -4.47 19.77 27.69
CA TRP C 169 -4.32 21.22 27.88
C TRP C 169 -3.06 21.83 27.24
N ASN C 170 -2.12 21.00 26.79
CA ASN C 170 -0.84 21.54 26.41
C ASN C 170 -0.84 22.09 24.98
N TYR C 171 -1.67 21.52 24.10
CA TYR C 171 -1.81 22.02 22.75
C TYR C 171 -3.32 21.96 22.38
N PRO C 172 -4.11 22.83 22.99
CA PRO C 172 -5.57 22.69 22.92
C PRO C 172 -6.12 22.55 21.48
N LEU C 173 -5.80 23.49 20.60
CA LEU C 173 -6.38 23.54 19.25
C LEU C 173 -5.72 22.48 18.40
N MET C 174 -4.41 22.36 18.51
CA MET C 174 -3.68 21.32 17.79
C MET C 174 -4.16 19.87 18.07
N MET C 175 -4.42 19.54 19.31
CA MET C 175 -4.96 18.22 19.62
C MET C 175 -6.37 18.00 19.06
N ALA C 176 -7.19 19.05 19.19
CA ALA C 176 -8.51 19.16 18.63
C ALA C 176 -8.48 18.80 17.15
N ALA C 177 -7.56 19.43 16.38
CA ALA C 177 -7.31 19.15 14.96
C ALA C 177 -6.87 17.69 14.73
N TRP C 178 -5.91 17.21 15.51
CA TRP C 178 -5.48 15.82 15.39
C TRP C 178 -6.62 14.79 15.65
N LYS C 179 -7.63 15.16 16.41
CA LYS C 179 -8.69 14.19 16.72
C LYS C 179 -9.86 14.31 15.72
N LEU C 180 -10.21 15.54 15.40
CA LEU C 180 -11.25 15.80 14.45
C LEU C 180 -10.94 15.33 13.00
N ALA C 181 -9.81 15.79 12.48
CA ALA C 181 -9.50 15.64 11.08
C ALA C 181 -9.50 14.19 10.58
N PRO C 182 -8.76 13.24 11.19
CA PRO C 182 -8.82 11.89 10.66
C PRO C 182 -10.21 11.22 11.01
N ALA C 183 -10.89 11.60 12.06
CA ALA C 183 -12.15 10.93 12.33
C ALA C 183 -13.20 11.29 11.24
N LEU C 184 -13.36 12.58 10.96
CA LEU C 184 -14.15 13.10 9.88
C LEU C 184 -13.75 12.59 8.50
N ALA C 185 -12.47 12.43 8.26
CA ALA C 185 -12.00 12.11 6.96
C ALA C 185 -12.46 10.72 6.64
N ALA C 186 -12.50 9.90 7.70
CA ALA C 186 -12.89 8.52 7.64
C ALA C 186 -14.42 8.36 7.64
N GLY C 187 -15.22 9.44 7.82
CA GLY C 187 -16.66 9.30 7.77
C GLY C 187 -17.41 9.00 9.07
N ASN C 188 -16.73 9.22 10.19
CA ASN C 188 -17.33 9.22 11.52
C ASN C 188 -17.89 10.59 11.96
N CYS C 189 -18.80 10.56 12.93
CA CYS C 189 -19.27 11.77 13.60
C CYS C 189 -18.54 11.91 14.94
N VAL C 190 -18.37 13.14 15.40
CA VAL C 190 -17.46 13.36 16.51
C VAL C 190 -18.09 14.18 17.60
N VAL C 191 -17.80 13.75 18.81
CA VAL C 191 -18.12 14.49 20.00
C VAL C 191 -16.82 14.80 20.72
N LEU C 192 -16.43 16.07 20.72
CA LEU C 192 -15.13 16.51 21.26
C LEU C 192 -15.22 17.20 22.64
N LYS C 193 -14.47 16.70 23.61
CA LYS C 193 -14.36 17.36 24.91
C LYS C 193 -12.96 17.89 25.04
N PRO C 194 -12.80 19.19 25.02
CA PRO C 194 -11.47 19.75 25.24
C PRO C 194 -11.18 19.64 26.77
N SER C 195 -9.93 19.86 27.17
CA SER C 195 -9.63 19.97 28.59
C SER C 195 -10.41 21.17 29.19
N GLU C 196 -10.80 21.07 30.45
CA GLU C 196 -11.58 22.10 31.11
C GLU C 196 -10.66 23.28 31.48
N ILE C 197 -9.35 23.06 31.52
CA ILE C 197 -8.33 24.11 31.72
C ILE C 197 -8.25 25.04 30.49
N THR C 198 -8.44 24.44 29.31
CA THR C 198 -8.20 25.06 28.03
C THR C 198 -9.27 24.82 26.93
N PRO C 199 -10.47 25.37 27.12
CA PRO C 199 -11.55 25.23 26.15
C PRO C 199 -11.66 26.38 25.16
N LEU C 200 -10.90 27.46 25.33
CA LEU C 200 -11.24 28.71 24.64
C LEU C 200 -11.19 28.61 23.13
N THR C 201 -10.13 27.96 22.61
CA THR C 201 -10.04 27.84 21.14
C THR C 201 -10.97 26.77 20.61
N ALA C 202 -11.27 25.71 21.39
CA ALA C 202 -12.28 24.75 20.97
C ALA C 202 -13.65 25.40 20.88
N LEU C 203 -13.98 26.25 21.83
CA LEU C 203 -15.27 26.96 21.76
C LEU C 203 -15.32 28.07 20.70
N LYS C 204 -14.21 28.69 20.33
CA LYS C 204 -14.21 29.56 19.17
C LYS C 204 -14.34 28.74 17.83
N LEU C 205 -13.70 27.56 17.76
CA LEU C 205 -13.81 26.68 16.62
C LEU C 205 -15.24 26.24 16.44
N ALA C 206 -15.88 25.84 17.54
CA ALA C 206 -17.30 25.51 17.55
C ALA C 206 -18.16 26.61 16.85
N GLU C 207 -17.97 27.85 17.28
CA GLU C 207 -18.71 28.93 16.68
C GLU C 207 -18.45 29.05 15.17
N LEU C 208 -17.18 29.02 14.78
CA LEU C 208 -16.80 29.19 13.39
C LEU C 208 -17.13 28.00 12.50
N ALA C 209 -16.97 26.78 13.02
CA ALA C 209 -17.15 25.52 12.26
C ALA C 209 -18.61 25.03 12.21
N LYS C 210 -19.50 25.82 12.84
CA LYS C 210 -20.92 25.45 13.06
C LYS C 210 -21.66 24.87 11.86
N ASP C 211 -21.45 25.47 10.68
CA ASP C 211 -22.25 25.20 9.46
C ASP C 211 -21.46 24.52 8.34
N ILE C 212 -20.21 24.22 8.59
CA ILE C 212 -19.39 23.56 7.62
C ILE C 212 -19.78 22.10 7.43
N PHE C 213 -20.10 21.40 8.52
CA PHE C 213 -20.51 20.00 8.39
C PHE C 213 -21.99 19.95 8.67
N PRO C 214 -22.72 18.92 8.19
CA PRO C 214 -24.14 18.77 8.55
C PRO C 214 -24.30 18.66 10.07
N ALA C 215 -25.48 19.05 10.57
CA ALA C 215 -25.79 19.06 11.97
C ALA C 215 -25.53 17.72 12.67
N GLY C 216 -24.70 17.76 13.73
CA GLY C 216 -24.50 16.61 14.59
C GLY C 216 -23.26 15.84 14.20
N VAL C 217 -22.69 16.19 13.07
CA VAL C 217 -21.49 15.54 12.56
C VAL C 217 -20.28 15.89 13.46
N VAL C 218 -20.28 17.14 13.93
CA VAL C 218 -19.30 17.68 14.86
C VAL C 218 -20.06 18.33 16.04
N ASN C 219 -19.75 17.87 17.24
CA ASN C 219 -20.27 18.38 18.50
C ASN C 219 -19.09 18.63 19.40
N ILE C 220 -19.10 19.78 20.05
CA ILE C 220 -18.01 20.16 20.94
C ILE C 220 -18.58 20.56 22.27
N LEU C 221 -18.07 19.93 23.34
CA LEU C 221 -18.65 20.13 24.66
C LEU C 221 -17.66 20.90 25.55
N PHE C 222 -18.02 21.12 26.81
CA PHE C 222 -17.14 21.68 27.83
C PHE C 222 -17.31 20.97 29.21
N GLY C 223 -16.19 20.72 29.91
CA GLY C 223 -16.21 20.34 31.30
C GLY C 223 -15.16 19.31 31.67
N ARG C 224 -15.24 18.85 32.92
CA ARG C 224 -14.18 18.08 33.58
C ARG C 224 -14.33 16.58 33.25
N GLY C 225 -13.23 15.83 33.38
CA GLY C 225 -13.22 14.37 33.20
C GLY C 225 -14.39 13.59 33.83
N LYS C 226 -14.59 13.80 35.10
CA LYS C 226 -15.64 13.11 35.90
C LYS C 226 -17.07 13.48 35.55
N THR C 227 -17.29 14.74 35.24
CA THR C 227 -18.65 15.23 35.08
C THR C 227 -19.15 15.12 33.61
N VAL C 228 -18.24 15.36 32.66
CA VAL C 228 -18.57 15.32 31.25
C VAL C 228 -17.88 14.12 30.56
N GLY C 229 -16.63 13.85 30.94
CA GLY C 229 -15.85 12.81 30.32
C GLY C 229 -16.37 11.43 30.55
N ASP C 230 -16.66 11.07 31.80
CA ASP C 230 -17.28 9.76 32.09
C ASP C 230 -18.58 9.44 31.34
N PRO C 231 -19.61 10.32 31.37
CA PRO C 231 -20.84 10.02 30.60
C PRO C 231 -20.59 9.96 29.10
N LEU C 232 -19.62 10.71 28.58
CA LEU C 232 -19.34 10.71 27.17
C LEU C 232 -18.72 9.39 26.75
N THR C 233 -17.61 9.04 27.40
CA THR C 233 -16.88 7.88 26.99
C THR C 233 -17.63 6.62 27.27
N GLY C 234 -18.60 6.63 28.18
CA GLY C 234 -19.31 5.42 28.51
C GLY C 234 -20.65 5.25 27.80
N HIS C 235 -20.96 6.14 26.87
CA HIS C 235 -22.23 6.05 26.11
C HIS C 235 -22.28 4.81 25.20
N PRO C 236 -23.39 4.05 25.24
CA PRO C 236 -23.56 2.85 24.41
C PRO C 236 -23.42 3.08 22.91
N LYS C 237 -23.69 4.30 22.44
CA LYS C 237 -23.54 4.58 21.04
C LYS C 237 -22.15 5.10 20.61
N VAL C 238 -21.25 5.35 21.54
CA VAL C 238 -19.90 5.82 21.16
C VAL C 238 -19.11 4.53 20.88
N ARG C 239 -18.43 4.46 19.75
CA ARG C 239 -17.92 3.16 19.30
C ARG C 239 -16.44 3.20 19.44
N MET C 240 -15.93 4.41 19.63
CA MET C 240 -14.46 4.57 19.70
C MET C 240 -14.14 5.75 20.61
N VAL C 241 -13.17 5.60 21.51
CA VAL C 241 -12.72 6.74 22.32
C VAL C 241 -11.30 7.01 21.90
N SER C 242 -10.98 8.26 21.58
CA SER C 242 -9.60 8.67 21.29
C SER C 242 -9.08 9.64 22.31
N LEU C 243 -7.90 9.38 22.90
CA LEU C 243 -7.38 10.17 24.05
C LEU C 243 -5.92 10.55 23.94
N THR C 244 -5.65 11.80 24.30
CA THR C 244 -4.31 12.26 24.53
C THR C 244 -4.37 12.88 25.96
N GLY C 245 -3.64 12.25 26.88
CA GLY C 245 -3.50 12.77 28.22
C GLY C 245 -2.60 11.86 29.01
N SER C 246 -2.81 11.79 30.32
CA SER C 246 -1.94 11.03 31.21
C SER C 246 -2.27 9.52 31.22
N ILE C 247 -1.30 8.71 31.66
CA ILE C 247 -1.49 7.27 31.77
C ILE C 247 -2.66 6.93 32.69
N ALA C 248 -2.84 7.68 33.77
CA ALA C 248 -3.91 7.28 34.73
C ALA C 248 -5.24 7.51 34.07
N THR C 249 -5.31 8.57 33.25
CA THR C 249 -6.55 8.81 32.48
C THR C 249 -6.83 7.68 31.46
N GLY C 250 -5.76 7.26 30.77
CA GLY C 250 -5.79 6.18 29.77
C GLY C 250 -6.29 4.89 30.39
N GLU C 251 -5.64 4.50 31.48
CA GLU C 251 -6.05 3.37 32.32
C GLU C 251 -7.53 3.35 32.71
N HIS C 252 -7.99 4.51 33.23
CA HIS C 252 -9.37 4.75 33.55
C HIS C 252 -10.34 4.56 32.36
N ILE C 253 -10.05 5.24 31.24
CA ILE C 253 -10.92 5.14 30.04
C ILE C 253 -10.97 3.67 29.51
N ILE C 254 -9.82 3.03 29.42
CA ILE C 254 -9.81 1.61 29.09
C ILE C 254 -10.72 0.67 30.00
N SER C 255 -10.59 0.68 31.35
CA SER C 255 -11.49 -0.11 32.21
C SER C 255 -12.93 0.31 32.14
N HIS C 256 -13.16 1.62 32.10
CA HIS C 256 -14.47 2.23 32.06
C HIS C 256 -15.24 1.87 30.77
N THR C 257 -14.53 1.59 29.68
CA THR C 257 -15.20 1.25 28.42
C THR C 257 -15.03 -0.22 28.05
N ALA C 258 -14.41 -1.00 28.93
CA ALA C 258 -14.20 -2.42 28.66
C ALA C 258 -15.52 -3.28 28.45
N SER C 259 -16.58 -2.95 29.19
CA SER C 259 -17.87 -3.62 29.09
C SER C 259 -18.46 -3.54 27.67
N SER C 260 -18.03 -2.61 26.83
CA SER C 260 -18.54 -2.58 25.43
C SER C 260 -17.48 -2.75 24.37
N ILE C 261 -16.36 -3.34 24.77
CA ILE C 261 -15.19 -3.55 23.88
C ILE C 261 -14.95 -2.38 22.94
N LYS C 262 -15.05 -1.16 23.45
CA LYS C 262 -14.84 -0.01 22.60
C LYS C 262 -13.45 0.03 22.00
N ARG C 263 -13.38 0.48 20.75
CA ARG C 263 -12.11 0.79 20.13
C ARG C 263 -11.47 1.90 20.96
N THR C 264 -10.23 1.71 21.37
CA THR C 264 -9.52 2.83 21.95
C THR C 264 -8.31 3.26 21.11
N HIS C 265 -7.89 4.48 21.33
CA HIS C 265 -6.84 5.12 20.54
C HIS C 265 -6.19 6.10 21.53
N MET C 266 -4.92 5.86 21.84
CA MET C 266 -4.30 6.41 23.03
C MET C 266 -2.89 6.92 22.83
N GLU C 267 -2.71 8.17 23.28
CA GLU C 267 -1.40 8.79 23.33
C GLU C 267 -1.14 9.39 24.72
N LEU C 268 -0.29 8.71 25.50
CA LEU C 268 -0.25 8.99 26.95
C LEU C 268 1.08 9.56 27.41
N GLY C 269 1.78 10.28 26.55
CA GLY C 269 3.00 10.91 26.97
C GLY C 269 4.24 10.06 26.69
N GLY C 270 5.40 10.60 27.08
CA GLY C 270 6.65 9.97 26.73
C GLY C 270 7.70 10.47 27.65
N LYS C 271 8.93 10.04 27.43
CA LYS C 271 10.06 10.52 28.18
C LYS C 271 11.19 10.25 27.24
N ALA C 272 11.35 11.18 26.32
CA ALA C 272 12.23 10.97 25.18
C ALA C 272 13.69 10.91 25.65
N PRO C 273 14.38 9.81 25.44
CA PRO C 273 15.81 9.76 25.68
C PRO C 273 16.48 10.57 24.56
N VAL C 274 17.53 11.29 24.90
CA VAL C 274 18.31 12.06 23.93
C VAL C 274 19.68 11.44 24.05
N ILE C 275 20.08 10.62 23.09
CA ILE C 275 21.33 9.87 23.25
C ILE C 275 22.52 10.59 22.57
N VAL C 276 23.49 11.07 23.35
CA VAL C 276 24.52 11.91 22.76
C VAL C 276 25.85 11.21 22.90
N PHE C 277 26.40 10.77 21.79
CA PHE C 277 27.69 10.06 21.80
C PHE C 277 28.84 11.05 21.67
N ASP C 278 30.06 10.57 21.88
CA ASP C 278 31.26 11.40 21.85
C ASP C 278 31.54 12.17 20.58
N ASP C 279 31.05 11.66 19.45
CA ASP C 279 31.29 12.27 18.15
C ASP C 279 30.14 13.20 17.69
N ALA C 280 29.20 13.50 18.58
CA ALA C 280 28.15 14.48 18.31
C ALA C 280 28.69 15.91 18.16
N ASP C 281 27.94 16.71 17.43
CA ASP C 281 28.24 18.13 17.36
C ASP C 281 27.70 18.77 18.63
N ILE C 282 28.57 19.02 19.60
CA ILE C 282 28.05 19.37 20.95
C ILE C 282 27.26 20.64 20.93
N GLU C 283 27.73 21.61 20.15
CA GLU C 283 27.01 22.88 19.99
C GLU C 283 25.59 22.75 19.43
N ALA C 284 25.39 21.74 18.61
CA ALA C 284 24.09 21.53 17.93
C ALA C 284 23.20 20.88 18.95
N VAL C 285 23.78 20.02 19.79
CA VAL C 285 23.00 19.38 20.84
C VAL C 285 22.48 20.49 21.76
N VAL C 286 23.33 21.45 22.04
CA VAL C 286 23.00 22.39 23.10
C VAL C 286 21.93 23.29 22.54
N GLU C 287 22.18 23.80 21.33
CA GLU C 287 21.20 24.62 20.59
C GLU C 287 19.87 23.93 20.48
N GLY C 288 19.88 22.63 20.18
CA GLY C 288 18.67 21.83 20.07
C GLY C 288 17.83 21.65 21.32
N VAL C 289 18.48 21.18 22.40
CA VAL C 289 17.87 20.98 23.74
C VAL C 289 17.38 22.29 24.36
N ARG C 290 18.16 23.36 24.16
CA ARG C 290 17.76 24.67 24.64
C ARG C 290 16.33 24.98 24.13
N THR C 291 16.04 24.53 22.90
CA THR C 291 14.70 24.75 22.32
C THR C 291 13.73 23.62 22.66
N PHE C 292 14.18 22.36 22.46
CA PHE C 292 13.31 21.16 22.55
C PHE C 292 13.08 20.62 23.99
N GLY C 293 13.90 21.09 24.93
CA GLY C 293 13.78 20.73 26.34
C GLY C 293 12.73 21.59 27.01
N TYR C 294 12.50 22.76 26.42
CA TYR C 294 11.85 23.84 27.15
C TYR C 294 10.70 24.53 26.42
N TYR C 295 10.53 24.17 25.15
CA TYR C 295 9.54 24.81 24.30
C TYR C 295 8.20 24.42 24.91
N ASN C 296 7.24 25.33 24.83
CA ASN C 296 5.97 25.15 25.58
C ASN C 296 6.16 24.87 27.08
N ALA C 297 7.22 25.42 27.68
CA ALA C 297 7.70 25.05 29.07
C ALA C 297 7.87 23.54 29.34
N GLY C 298 8.27 22.81 28.28
CA GLY C 298 8.46 21.36 28.34
C GLY C 298 7.18 20.53 28.49
N GLN C 299 6.02 21.15 28.33
CA GLN C 299 4.75 20.46 28.50
C GLN C 299 4.44 19.90 27.10
N ASP C 300 5.21 18.91 26.68
CA ASP C 300 5.16 18.45 25.32
C ASP C 300 5.53 16.95 25.36
N CYS C 301 4.70 16.14 24.73
CA CYS C 301 4.88 14.70 24.84
C CYS C 301 6.21 14.20 24.14
N THR C 302 6.75 15.02 23.24
CA THR C 302 8.08 14.75 22.65
C THR C 302 9.27 15.57 23.19
N ALA C 303 9.11 16.25 24.36
CA ALA C 303 10.20 17.08 24.95
C ALA C 303 11.49 16.30 25.11
N ALA C 304 12.56 16.96 24.71
CA ALA C 304 13.90 16.49 24.87
C ALA C 304 14.35 16.57 26.36
N CYS C 305 13.82 15.67 27.22
CA CYS C 305 13.93 15.81 28.67
C CYS C 305 14.94 14.88 29.35
N ARG C 306 15.34 13.81 28.69
CA ARG C 306 16.17 12.80 29.31
C ARG C 306 17.45 12.57 28.54
N ILE C 307 18.51 13.29 28.86
CA ILE C 307 19.75 13.13 28.14
C ILE C 307 20.60 11.99 28.71
N TYR C 308 21.02 11.08 27.82
CA TYR C 308 22.16 10.18 28.04
C TYR C 308 23.38 10.75 27.28
N ALA C 309 24.42 11.11 28.01
CA ALA C 309 25.59 11.69 27.34
C ALA C 309 26.85 10.88 27.59
N GLN C 310 27.49 10.40 26.54
CA GLN C 310 28.71 9.61 26.71
C GLN C 310 29.81 10.26 27.65
N LYS C 311 30.61 9.45 28.34
CA LYS C 311 31.44 10.06 29.41
C LYS C 311 32.55 11.04 28.92
N GLY C 312 33.08 10.73 27.74
CA GLY C 312 33.89 11.67 26.99
C GLY C 312 33.34 13.09 26.95
N ILE C 313 32.10 13.32 26.59
CA ILE C 313 31.61 14.69 26.35
C ILE C 313 30.72 15.27 27.47
N TYR C 314 30.44 14.43 28.45
CA TYR C 314 29.52 14.73 29.53
C TYR C 314 29.74 16.11 30.16
N ASP C 315 30.97 16.42 30.56
CA ASP C 315 31.17 17.61 31.43
C ASP C 315 31.04 18.83 30.58
N THR C 316 31.58 18.77 29.37
CA THR C 316 31.46 19.83 28.39
C THR C 316 30.02 20.07 28.06
N LEU C 317 29.29 19.03 27.66
CA LEU C 317 27.84 19.18 27.46
C LEU C 317 27.07 19.85 28.63
N VAL C 318 27.31 19.39 29.85
CA VAL C 318 26.57 19.90 31.05
C VAL C 318 26.80 21.43 31.27
N GLU C 319 28.07 21.82 31.21
CA GLU C 319 28.53 23.20 31.31
C GLU C 319 27.89 24.08 30.27
N LYS C 320 27.95 23.64 29.00
CA LYS C 320 27.52 24.43 27.90
C LYS C 320 26.00 24.47 27.88
N LEU C 321 25.37 23.35 28.24
CA LEU C 321 23.91 23.30 28.32
C LEU C 321 23.34 24.18 29.43
N GLY C 322 23.92 24.05 30.62
CA GLY C 322 23.57 24.90 31.73
C GLY C 322 23.60 26.39 31.38
N ALA C 323 24.69 26.86 30.77
CA ALA C 323 24.84 28.24 30.28
C ALA C 323 23.87 28.66 29.17
N ALA C 324 23.61 27.82 28.17
CA ALA C 324 22.54 28.14 27.21
C ALA C 324 21.11 28.13 27.84
N VAL C 325 20.83 27.18 28.73
CA VAL C 325 19.47 27.13 29.31
C VAL C 325 19.20 28.36 30.18
N ALA C 326 20.24 28.80 30.90
CA ALA C 326 20.13 29.94 31.82
C ALA C 326 19.71 31.26 31.15
N THR C 327 19.86 31.35 29.84
CA THR C 327 19.52 32.59 29.14
C THR C 327 18.11 32.59 28.59
N LEU C 328 17.37 31.48 28.69
CA LEU C 328 15.98 31.44 28.24
C LEU C 328 15.20 32.58 28.92
N LYS C 329 14.54 33.39 28.10
CA LYS C 329 13.83 34.58 28.58
C LYS C 329 12.37 34.28 28.81
N SER C 330 11.95 34.50 30.06
CA SER C 330 10.54 34.49 30.47
C SER C 330 10.02 35.92 30.51
N GLY C 331 8.73 36.11 30.29
CA GLY C 331 8.16 37.43 30.33
C GLY C 331 6.74 37.40 29.89
N ALA C 332 6.14 38.56 29.64
CA ALA C 332 4.77 38.54 29.07
C ALA C 332 4.73 37.68 27.77
N PRO C 333 3.69 36.86 27.65
CA PRO C 333 3.47 36.12 26.40
C PRO C 333 3.27 37.01 25.15
N ASP C 334 2.74 38.21 25.28
CA ASP C 334 2.56 39.02 24.08
C ASP C 334 3.82 39.88 23.72
N ASP C 335 4.87 39.68 24.50
CA ASP C 335 6.18 40.24 24.20
C ASP C 335 6.96 39.29 23.31
N GLU C 336 7.44 39.82 22.20
CA GLU C 336 8.20 39.05 21.24
C GLU C 336 9.50 38.49 21.78
N SER C 337 10.07 39.10 22.82
CA SER C 337 11.34 38.60 23.31
C SER C 337 11.17 37.33 24.19
N THR C 338 9.93 37.06 24.57
CA THR C 338 9.60 35.91 25.40
C THR C 338 9.78 34.56 24.72
N GLU C 339 10.63 33.73 25.32
CA GLU C 339 10.87 32.42 24.81
C GLU C 339 10.17 31.38 25.68
N LEU C 340 10.05 31.64 26.99
CA LEU C 340 9.54 30.68 28.02
C LEU C 340 8.37 31.22 28.81
N GLY C 341 7.19 30.64 28.57
CA GLY C 341 5.98 31.11 29.22
C GLY C 341 5.72 30.28 30.46
N PRO C 342 4.59 30.52 31.10
CA PRO C 342 4.25 29.85 32.36
C PRO C 342 3.87 28.36 32.19
N LEU C 343 3.69 27.67 33.30
CA LEU C 343 3.06 26.36 33.29
C LEU C 343 1.54 26.52 33.26
N SER C 344 0.82 25.44 32.89
CA SER C 344 -0.61 25.48 32.57
C SER C 344 -1.57 25.82 33.72
N SER C 345 -1.19 25.46 34.97
CA SER C 345 -2.09 25.66 36.11
C SER C 345 -1.29 25.72 37.38
N LEU C 346 -1.88 26.29 38.42
CA LEU C 346 -1.27 26.16 39.74
C LEU C 346 -0.90 24.70 40.09
N ALA C 347 -1.85 23.75 40.06
CA ALA C 347 -1.53 22.32 40.32
C ALA C 347 -0.33 21.76 39.51
N HIS C 348 -0.28 22.05 38.22
CA HIS C 348 0.83 21.58 37.43
C HIS C 348 2.13 22.19 37.91
N LEU C 349 2.11 23.47 38.27
CA LEU C 349 3.32 24.09 38.74
C LEU C 349 3.82 23.35 40.01
N GLU C 350 2.93 23.10 40.97
CA GLU C 350 3.33 22.35 42.16
C GLU C 350 3.84 20.94 41.82
N ARG C 351 3.22 20.30 40.84
CA ARG C 351 3.61 18.98 40.40
C ARG C 351 5.04 18.99 39.93
N VAL C 352 5.38 19.92 39.06
CA VAL C 352 6.69 20.00 38.45
C VAL C 352 7.74 20.36 39.50
N GLY C 353 7.42 21.34 40.32
CA GLY C 353 8.22 21.70 41.50
C GLY C 353 8.57 20.56 42.46
N LYS C 354 7.57 19.73 42.81
CA LYS C 354 7.76 18.50 43.62
C LYS C 354 8.74 17.47 43.04
N ALA C 355 8.63 17.25 41.73
CA ALA C 355 9.44 16.27 41.03
C ALA C 355 10.87 16.68 41.14
N VAL C 356 11.11 18.00 41.11
CA VAL C 356 12.47 18.53 41.05
C VAL C 356 13.09 18.44 42.45
N GLU C 357 12.32 18.88 43.46
CA GLU C 357 12.68 18.65 44.87
C GLU C 357 12.94 17.17 45.18
N GLU C 358 12.19 16.28 44.53
CA GLU C 358 12.45 14.87 44.81
C GLU C 358 13.76 14.36 44.15
N ALA C 359 14.13 14.96 43.02
CA ALA C 359 15.46 14.81 42.39
C ALA C 359 16.58 15.30 43.31
N LYS C 360 16.42 16.54 43.77
CA LYS C 360 17.33 17.17 44.69
C LYS C 360 17.58 16.27 45.90
N ALA C 361 16.49 15.70 46.46
CA ALA C 361 16.49 14.87 47.68
C ALA C 361 17.35 13.60 47.64
N THR C 362 17.62 13.08 46.45
CA THR C 362 18.47 11.89 46.30
C THR C 362 19.93 12.14 46.78
N GLY C 363 20.36 13.39 46.81
CA GLY C 363 21.74 13.70 47.11
C GLY C 363 22.77 13.62 45.99
N HIS C 364 22.49 12.97 44.88
CA HIS C 364 23.53 12.90 43.83
C HIS C 364 23.14 13.71 42.58
N ILE C 365 21.92 14.22 42.55
CA ILE C 365 21.54 15.08 41.44
C ILE C 365 21.90 16.55 41.78
N LYS C 366 22.61 17.23 40.85
CA LYS C 366 23.06 18.60 41.03
C LYS C 366 22.19 19.50 40.13
N VAL C 367 21.74 20.62 40.72
CA VAL C 367 21.04 21.68 40.01
C VAL C 367 22.09 22.52 39.28
N ILE C 368 22.07 22.49 37.95
CA ILE C 368 23.08 23.25 37.21
C ILE C 368 22.58 24.66 37.03
N THR C 369 21.29 24.76 36.78
CA THR C 369 20.61 26.05 36.70
C THR C 369 19.11 25.83 36.95
N GLY C 370 18.42 26.84 37.49
CA GLY C 370 16.98 26.74 37.65
C GLY C 370 16.60 26.09 38.98
N GLY C 371 15.58 25.25 38.92
CA GLY C 371 15.16 24.51 40.11
C GLY C 371 14.35 25.34 41.08
N GLU C 372 13.63 26.35 40.59
CA GLU C 372 12.82 27.18 41.49
C GLU C 372 11.57 27.65 40.77
N LYS C 373 10.47 27.85 41.48
CA LYS C 373 9.36 28.68 40.98
C LYS C 373 9.87 30.12 40.92
N ARG C 374 9.39 30.87 39.93
CA ARG C 374 9.69 32.29 39.76
C ARG C 374 8.75 33.05 40.68
N LYS C 375 9.15 34.28 41.03
CA LYS C 375 8.26 35.13 41.82
C LYS C 375 7.25 35.77 40.90
N GLY C 376 6.07 36.08 41.44
CA GLY C 376 5.06 36.73 40.64
C GLY C 376 3.85 35.86 40.64
N ASN C 377 2.78 36.38 40.06
CA ASN C 377 1.57 35.60 39.88
C ASN C 377 1.73 34.97 38.50
N GLY C 378 0.83 34.08 38.11
CA GLY C 378 1.13 33.35 36.89
C GLY C 378 2.07 32.23 37.25
N TYR C 379 2.10 31.18 36.44
CA TYR C 379 2.61 29.93 36.95
C TYR C 379 3.98 29.60 36.35
N TYR C 380 4.95 30.49 36.58
CA TYR C 380 6.28 30.34 35.98
C TYR C 380 7.22 29.50 36.85
N TYR C 381 7.87 28.54 36.21
CA TYR C 381 8.95 27.78 36.84
C TYR C 381 10.26 28.06 36.09
N ALA C 382 11.39 28.07 36.82
CA ALA C 382 12.67 28.38 36.21
C ALA C 382 13.14 27.27 35.24
N PRO C 383 13.83 27.65 34.15
CA PRO C 383 14.39 26.65 33.26
C PRO C 383 15.50 25.94 33.99
N THR C 384 15.43 24.62 33.95
CA THR C 384 16.16 23.84 34.86
C THR C 384 16.92 22.79 34.15
N LEU C 385 18.14 22.58 34.62
CA LEU C 385 19.01 21.50 34.18
C LEU C 385 19.57 20.80 35.42
N LEU C 386 19.51 19.46 35.39
CA LEU C 386 19.89 18.58 36.50
C LEU C 386 20.91 17.57 36.01
N ALA C 387 22.01 17.40 36.72
CA ALA C 387 23.07 16.55 36.18
C ALA C 387 23.30 15.45 37.19
N GLY C 388 23.88 14.34 36.77
CA GLY C 388 24.24 13.27 37.68
C GLY C 388 23.04 12.38 38.02
N ALA C 389 22.04 12.43 37.14
CA ALA C 389 20.84 11.62 37.30
C ALA C 389 21.18 10.19 36.85
N LEU C 390 20.80 9.21 37.65
CA LEU C 390 21.10 7.80 37.43
C LEU C 390 19.89 7.14 36.78
N GLN C 391 20.17 6.06 36.04
CA GLN C 391 19.13 5.34 35.31
C GLN C 391 17.85 5.04 36.13
N ASP C 392 18.01 4.62 37.38
CA ASP C 392 16.88 4.22 38.17
C ASP C 392 16.23 5.37 38.96
N ASP C 393 16.67 6.61 38.74
CA ASP C 393 16.08 7.78 39.38
C ASP C 393 14.71 8.15 38.86
N ALA C 394 13.82 8.63 39.74
CA ALA C 394 12.48 8.97 39.28
C ALA C 394 12.51 10.09 38.22
N ILE C 395 13.48 10.99 38.31
CA ILE C 395 13.69 12.03 37.30
C ILE C 395 13.98 11.49 35.87
N VAL C 396 14.64 10.34 35.79
CA VAL C 396 14.89 9.67 34.50
C VAL C 396 13.72 8.81 34.08
N GLN C 397 13.04 8.19 35.03
CA GLN C 397 12.04 7.19 34.67
C GLN C 397 10.59 7.74 34.53
N LYS C 398 10.27 8.87 35.16
CA LYS C 398 8.88 9.38 35.08
C LYS C 398 8.85 10.75 34.45
N GLU C 399 7.81 10.95 33.67
CA GLU C 399 7.66 12.15 32.86
C GLU C 399 7.37 13.31 33.76
N VAL C 400 8.08 14.43 33.55
CA VAL C 400 7.88 15.65 34.34
C VAL C 400 7.03 16.71 33.68
N PHE C 401 7.14 16.82 32.35
CA PHE C 401 6.26 17.68 31.61
C PHE C 401 6.44 19.12 32.03
N GLY C 402 7.66 19.47 32.43
CA GLY C 402 7.92 20.85 32.74
C GLY C 402 9.26 21.30 32.16
N PRO C 403 9.69 22.52 32.48
CA PRO C 403 10.89 23.09 31.86
C PRO C 403 12.14 22.57 32.55
N VAL C 404 12.36 21.26 32.44
CA VAL C 404 13.34 20.56 33.29
C VAL C 404 13.99 19.49 32.41
N VAL C 405 15.32 19.49 32.36
CA VAL C 405 16.09 18.47 31.61
C VAL C 405 17.17 17.85 32.50
N SER C 406 17.24 16.50 32.48
CA SER C 406 18.20 15.72 33.28
C SER C 406 19.35 15.14 32.42
N VAL C 407 20.54 15.01 33.01
CA VAL C 407 21.67 14.42 32.27
C VAL C 407 22.28 13.23 33.02
N THR C 408 22.44 12.11 32.30
CA THR C 408 22.96 10.84 32.81
C THR C 408 24.23 10.38 32.04
N PRO C 409 25.36 10.14 32.70
CA PRO C 409 26.54 9.70 31.96
C PRO C 409 26.37 8.23 31.50
N PHE C 410 26.85 7.87 30.32
CA PHE C 410 26.96 6.46 29.93
C PHE C 410 28.32 6.14 29.34
N ASP C 411 28.64 4.83 29.29
CA ASP C 411 29.94 4.35 28.78
C ASP C 411 29.87 3.89 27.34
N ASN C 412 28.85 3.11 26.98
CA ASN C 412 28.87 2.49 25.67
C ASN C 412 27.50 2.34 25.00
N GLU C 413 27.52 2.19 23.68
CA GLU C 413 26.31 2.07 22.85
C GLU C 413 25.30 1.01 23.35
N GLU C 414 25.78 -0.20 23.56
CA GLU C 414 24.92 -1.30 24.00
C GLU C 414 24.22 -1.01 25.32
N GLN C 415 25.00 -0.59 26.30
CA GLN C 415 24.49 -0.21 27.60
C GLN C 415 23.45 0.90 27.55
N VAL C 416 23.66 1.91 26.70
CA VAL C 416 22.75 3.07 26.69
C VAL C 416 21.46 2.70 25.87
N VAL C 417 21.59 1.79 24.92
CA VAL C 417 20.38 1.38 24.17
C VAL C 417 19.47 0.54 25.12
N ASN C 418 20.07 -0.38 25.89
CA ASN C 418 19.31 -1.16 26.88
C ASN C 418 18.71 -0.21 27.93
N TRP C 419 19.43 0.82 28.35
CA TRP C 419 18.81 1.81 29.27
C TRP C 419 17.62 2.55 28.65
N ALA C 420 17.83 3.18 27.51
CA ALA C 420 16.76 3.87 26.79
C ALA C 420 15.51 3.01 26.63
N ASN C 421 15.68 1.74 26.28
CA ASN C 421 14.58 0.81 26.01
C ASN C 421 13.95 0.16 27.28
N ASP C 422 14.64 0.23 28.41
CA ASP C 422 14.11 -0.20 29.70
C ASP C 422 13.32 0.98 30.26
N SER C 423 12.16 1.19 29.65
CA SER C 423 11.35 2.35 29.98
C SER C 423 9.92 1.89 29.81
N GLN C 424 8.99 2.53 30.51
CA GLN C 424 7.61 2.17 30.23
C GLN C 424 7.04 3.03 29.14
N TYR C 425 7.78 4.07 28.78
CA TYR C 425 7.38 4.98 27.73
C TYR C 425 7.91 4.53 26.36
N GLY C 426 7.27 5.03 25.30
CA GLY C 426 7.60 4.52 23.95
C GLY C 426 7.23 5.45 22.80
N LEU C 427 7.14 6.78 23.06
CA LEU C 427 6.65 7.72 22.04
C LEU C 427 7.73 8.36 21.09
N ALA C 428 8.81 8.90 21.66
CA ALA C 428 9.81 9.62 20.84
C ALA C 428 11.20 9.55 21.48
N SER C 429 12.22 9.92 20.71
CA SER C 429 13.61 9.73 21.06
C SER C 429 14.48 10.37 20.02
N SER C 430 15.73 10.65 20.35
CA SER C 430 16.72 11.03 19.32
C SER C 430 18.11 10.50 19.65
N VAL C 431 18.93 10.39 18.61
CA VAL C 431 20.30 9.99 18.78
C VAL C 431 21.19 11.04 18.11
N TRP C 432 22.24 11.43 18.80
CA TRP C 432 23.14 12.42 18.25
C TRP C 432 24.54 11.78 18.13
N THR C 433 24.98 11.56 16.88
CA THR C 433 26.28 11.00 16.56
C THR C 433 26.54 11.35 15.10
N LYS C 434 27.80 11.54 14.72
CA LYS C 434 28.08 11.86 13.33
C LYS C 434 28.29 10.56 12.49
N ASP C 435 28.55 9.42 13.17
CA ASP C 435 28.81 8.13 12.50
C ASP C 435 27.55 7.51 11.78
N VAL C 436 27.64 7.17 10.49
CA VAL C 436 26.44 6.66 9.75
C VAL C 436 25.92 5.35 10.33
N GLY C 437 26.86 4.44 10.61
CA GLY C 437 26.59 3.07 11.02
C GLY C 437 25.89 3.10 12.35
N ARG C 438 26.53 3.75 13.35
CA ARG C 438 25.93 3.94 14.64
C ARG C 438 24.52 4.57 14.62
N ALA C 439 24.33 5.66 13.88
CA ALA C 439 22.98 6.24 13.75
C ALA C 439 21.92 5.25 13.25
N HIS C 440 22.29 4.39 12.27
CA HIS C 440 21.34 3.38 11.80
C HIS C 440 21.07 2.20 12.74
N ARG C 441 22.13 1.74 13.43
CA ARG C 441 22.03 0.74 14.51
C ARG C 441 21.16 1.17 15.67
N VAL C 442 21.41 2.38 16.13
CA VAL C 442 20.65 2.85 17.29
C VAL C 442 19.19 3.08 16.87
N SER C 443 19.01 3.75 15.76
CA SER C 443 17.68 3.94 15.17
C SER C 443 16.85 2.68 15.01
N ALA C 444 17.45 1.59 14.49
CA ALA C 444 16.75 0.32 14.31
C ALA C 444 16.36 -0.28 15.64
N ARG C 445 17.15 -0.05 16.69
CA ARG C 445 16.92 -0.77 17.96
C ARG C 445 15.99 -0.06 18.94
N LEU C 446 15.88 1.27 18.83
CA LEU C 446 15.15 2.05 19.82
C LEU C 446 13.67 1.67 19.82
N GLN C 447 13.09 1.43 20.99
CA GLN C 447 11.68 0.98 21.08
C GLN C 447 10.78 2.20 21.32
N TYR C 448 10.83 3.13 20.35
CA TYR C 448 10.03 4.36 20.35
C TYR C 448 9.37 4.64 19.03
N GLY C 449 8.19 5.27 19.05
CA GLY C 449 7.40 5.54 17.85
C GLY C 449 8.16 6.34 16.81
N CYS C 450 9.05 7.18 17.31
CA CYS C 450 9.75 8.13 16.51
C CYS C 450 11.22 8.18 17.01
N THR C 451 12.21 8.26 16.10
CA THR C 451 13.59 8.54 16.45
C THR C 451 14.09 9.61 15.48
N TRP C 452 14.54 10.74 16.02
CA TRP C 452 15.25 11.70 15.19
C TRP C 452 16.75 11.40 15.27
N VAL C 453 17.45 11.67 14.16
CA VAL C 453 18.92 11.59 14.12
C VAL C 453 19.50 13.00 14.00
N ASN C 454 20.23 13.45 15.03
CA ASN C 454 20.90 14.77 15.01
C ASN C 454 19.98 15.98 14.96
N THR C 455 18.76 15.76 15.41
CA THR C 455 17.80 16.84 15.67
C THR C 455 16.79 16.23 16.64
N HIS C 456 15.68 16.91 16.91
CA HIS C 456 14.66 16.41 17.83
C HIS C 456 13.43 17.18 17.40
N PHE C 457 12.25 16.72 17.84
CA PHE C 457 11.09 17.57 17.93
C PHE C 457 10.33 17.74 16.61
N MET C 458 10.91 17.43 15.45
CA MET C 458 10.25 17.84 14.18
C MET C 458 9.09 16.93 13.80
N LEU C 459 7.93 17.53 13.53
CA LEU C 459 6.84 16.72 13.01
C LEU C 459 6.32 17.25 11.74
N VAL C 460 5.92 16.34 10.87
CA VAL C 460 5.21 16.70 9.62
C VAL C 460 3.93 15.94 9.53
N SER C 461 2.91 16.53 8.91
CA SER C 461 1.60 15.91 8.84
C SER C 461 1.56 14.54 8.16
N GLU C 462 2.53 14.26 7.29
CA GLU C 462 2.63 12.99 6.52
C GLU C 462 3.17 11.84 7.33
N MET C 463 3.86 12.12 8.43
CA MET C 463 4.57 11.07 9.18
C MET C 463 3.85 10.79 10.49
N PRO C 464 3.64 9.52 10.83
CA PRO C 464 2.81 9.19 12.00
C PRO C 464 3.56 9.54 13.33
N HIS C 465 2.77 10.00 14.26
CA HIS C 465 3.18 10.28 15.67
C HIS C 465 2.38 9.32 16.60
N GLY C 466 3.07 8.47 17.36
CA GLY C 466 2.37 7.65 18.35
C GLY C 466 3.28 6.63 18.99
N GLY C 467 2.82 6.04 20.09
CA GLY C 467 3.73 5.28 20.91
C GLY C 467 3.63 3.76 20.91
N GLN C 468 4.27 3.16 21.91
CA GLN C 468 4.14 1.76 22.22
C GLN C 468 4.27 1.72 23.75
N LYS C 469 4.12 0.52 24.33
CA LYS C 469 4.05 0.30 25.79
C LYS C 469 3.04 1.29 26.41
N LEU C 470 3.42 1.84 27.55
CA LEU C 470 2.52 2.74 28.28
C LEU C 470 2.31 4.09 27.60
N SER C 471 3.16 4.44 26.63
CA SER C 471 2.81 5.61 25.83
C SER C 471 1.49 5.46 25.03
N GLY C 472 1.02 4.22 24.82
CA GLY C 472 -0.22 4.00 24.08
C GLY C 472 0.02 3.30 22.75
N TYR C 473 -0.87 3.53 21.78
CA TYR C 473 -0.83 2.79 20.54
C TYR C 473 -1.76 3.62 19.66
N GLY C 474 -1.61 3.54 18.36
CA GLY C 474 -2.49 4.34 17.51
C GLY C 474 -1.63 5.48 17.00
N LYS C 475 -2.02 6.04 15.86
CA LYS C 475 -1.27 7.14 15.30
C LYS C 475 -2.07 8.41 15.08
N ASP C 476 -1.41 9.52 15.27
CA ASP C 476 -1.91 10.82 14.90
C ASP C 476 -1.09 11.32 13.74
N MET C 477 -1.76 12.00 12.83
CA MET C 477 -1.16 12.39 11.57
C MET C 477 -0.90 11.12 10.71
N SER C 478 -0.44 11.37 9.48
CA SER C 478 -0.25 10.33 8.43
C SER C 478 -1.51 9.58 7.99
N LEU C 479 -1.41 8.87 6.87
CA LEU C 479 -2.44 7.88 6.47
C LEU C 479 -2.78 6.84 7.58
N TYR C 480 -1.80 6.44 8.38
CA TYR C 480 -2.05 5.48 9.48
C TYR C 480 -3.10 6.06 10.44
N GLY C 481 -2.96 7.37 10.65
CA GLY C 481 -3.84 8.13 11.49
C GLY C 481 -5.26 8.02 11.01
N LEU C 482 -5.46 8.01 9.69
CA LEU C 482 -6.80 7.90 9.16
C LEU C 482 -7.23 6.46 9.30
N GLU C 483 -6.30 5.51 9.10
CA GLU C 483 -6.68 4.11 9.09
C GLU C 483 -7.27 3.66 10.40
N ASP C 484 -6.76 4.22 11.51
CA ASP C 484 -7.23 3.91 12.85
C ASP C 484 -8.73 4.18 13.08
N TYR C 485 -9.38 5.00 12.22
CA TYR C 485 -10.81 5.35 12.41
C TYR C 485 -11.75 4.66 11.40
N THR C 486 -11.26 3.58 10.78
CA THR C 486 -12.00 2.77 9.82
C THR C 486 -12.04 1.34 10.27
N VAL C 487 -13.04 0.60 9.81
CA VAL C 487 -13.00 -0.88 9.94
C VAL C 487 -12.80 -1.46 8.55
N VAL C 488 -11.84 -2.37 8.43
CA VAL C 488 -11.55 -3.08 7.22
C VAL C 488 -12.60 -4.17 7.07
N ARG C 489 -13.20 -4.28 5.85
CA ARG C 489 -14.26 -5.25 5.63
C ARG C 489 -14.03 -6.12 4.35
N HIS C 490 -14.45 -7.37 4.40
CA HIS C 490 -14.24 -8.31 3.30
C HIS C 490 -15.60 -8.57 2.75
N VAL C 491 -15.83 -8.31 1.45
CA VAL C 491 -17.09 -8.70 0.77
C VAL C 491 -16.71 -9.69 -0.35
N MET C 492 -17.36 -10.82 -0.35
CA MET C 492 -16.99 -11.89 -1.25
C MET C 492 -18.24 -12.34 -1.98
N VAL C 493 -18.21 -12.21 -3.29
CA VAL C 493 -19.41 -12.37 -4.10
C VAL C 493 -19.26 -13.71 -4.86
N LYS C 494 -20.18 -14.64 -4.62
CA LYS C 494 -20.22 -15.89 -5.40
C LYS C 494 -20.61 -15.69 -6.89
N HIS C 495 -19.89 -16.32 -7.83
CA HIS C 495 -20.32 -16.31 -9.25
C HIS C 495 -21.42 -17.32 -9.60
N MET D 22 24.40 -31.15 -21.62
CA MET D 22 23.81 -32.48 -21.89
C MET D 22 22.32 -32.41 -22.23
N GLN D 23 21.54 -31.48 -21.67
CA GLN D 23 20.14 -31.34 -22.12
C GLN D 23 20.11 -30.26 -23.18
N HIS D 24 19.39 -30.53 -24.28
CA HIS D 24 19.41 -29.66 -25.47
C HIS D 24 18.05 -29.40 -26.13
N LYS D 25 16.98 -29.88 -25.53
CA LYS D 25 15.66 -29.74 -26.14
C LYS D 25 14.93 -28.52 -25.67
N LEU D 26 14.09 -27.98 -26.54
CA LEU D 26 13.21 -26.89 -26.25
C LEU D 26 12.02 -27.40 -25.46
N LEU D 27 11.43 -26.54 -24.65
CA LEU D 27 10.19 -26.85 -23.99
C LEU D 27 9.12 -26.08 -24.74
N ILE D 28 8.21 -26.81 -25.33
CA ILE D 28 7.09 -26.22 -26.02
C ILE D 28 5.81 -26.96 -25.58
N ASN D 29 4.79 -26.22 -25.12
CA ASN D 29 3.49 -26.79 -24.78
C ASN D 29 3.63 -28.07 -24.00
N GLY D 30 4.43 -28.05 -22.95
CA GLY D 30 4.55 -29.22 -22.07
C GLY D 30 5.34 -30.38 -22.64
N GLU D 31 5.92 -30.21 -23.84
CA GLU D 31 6.80 -31.22 -24.40
C GLU D 31 8.23 -30.74 -24.60
N LEU D 32 9.16 -31.70 -24.50
CA LEU D 32 10.59 -31.45 -24.72
C LEU D 32 10.88 -31.86 -26.10
N VAL D 33 11.36 -30.94 -26.96
CA VAL D 33 11.58 -31.21 -28.42
C VAL D 33 12.82 -30.57 -29.04
N SER D 34 13.48 -31.28 -29.93
CA SER D 34 14.66 -30.74 -30.58
C SER D 34 14.26 -29.58 -31.46
N GLY D 35 15.12 -28.55 -31.45
CA GLY D 35 15.11 -27.49 -32.43
C GLY D 35 15.20 -28.03 -33.83
N GLU D 36 14.53 -27.36 -34.73
CA GLU D 36 14.49 -27.80 -36.12
C GLU D 36 15.13 -26.75 -37.00
N GLY D 37 15.74 -25.75 -36.35
CA GLY D 37 16.50 -24.73 -37.03
C GLY D 37 17.99 -25.06 -37.09
N GLU D 38 18.79 -24.02 -37.22
CA GLU D 38 20.21 -24.17 -37.46
C GLU D 38 20.96 -24.54 -36.18
N LYS D 39 21.92 -25.45 -36.30
CA LYS D 39 22.78 -25.78 -35.18
C LYS D 39 23.77 -24.63 -34.89
N GLN D 40 24.01 -24.39 -33.61
CA GLN D 40 24.93 -23.34 -33.17
C GLN D 40 25.83 -23.93 -32.10
N PRO D 41 27.08 -23.46 -32.01
CA PRO D 41 28.02 -23.96 -31.01
C PRO D 41 27.89 -23.22 -29.70
N VAL D 42 28.09 -23.93 -28.58
CA VAL D 42 28.13 -23.38 -27.21
C VAL D 42 29.52 -23.67 -26.63
N TYR D 43 30.24 -22.65 -26.20
CA TYR D 43 31.59 -22.81 -25.66
C TYR D 43 31.76 -22.84 -24.11
N ASN D 44 32.78 -23.58 -23.70
CA ASN D 44 33.37 -23.43 -22.37
C ASN D 44 34.41 -22.30 -22.50
N PRO D 45 34.11 -21.14 -21.88
CA PRO D 45 34.98 -19.96 -21.92
C PRO D 45 36.30 -20.00 -21.11
N ALA D 46 36.39 -20.91 -20.14
CA ALA D 46 37.64 -21.20 -19.49
C ALA D 46 38.65 -21.93 -20.39
N THR D 47 38.21 -22.69 -21.39
CA THR D 47 39.12 -23.46 -22.28
C THR D 47 39.04 -23.08 -23.74
N GLY D 48 37.95 -22.41 -24.12
CA GLY D 48 37.64 -22.15 -25.52
C GLY D 48 37.16 -23.34 -26.34
N ASP D 49 36.96 -24.50 -25.71
CA ASP D 49 36.36 -25.70 -26.36
C ASP D 49 34.87 -25.56 -26.58
N VAL D 50 34.36 -26.28 -27.58
CA VAL D 50 32.92 -26.41 -27.81
C VAL D 50 32.40 -27.43 -26.78
N LEU D 51 31.38 -27.04 -26.01
CA LEU D 51 30.71 -27.99 -25.11
C LEU D 51 29.79 -28.89 -25.90
N LEU D 52 29.07 -28.30 -26.85
CA LEU D 52 28.18 -29.01 -27.80
C LEU D 52 27.50 -28.04 -28.79
N GLU D 53 26.86 -28.62 -29.81
CA GLU D 53 26.10 -27.89 -30.81
C GLU D 53 24.62 -28.16 -30.58
N ILE D 54 23.82 -27.09 -30.56
CA ILE D 54 22.39 -27.17 -30.26
C ILE D 54 21.57 -26.57 -31.40
N ALA D 55 20.58 -27.30 -31.89
CA ALA D 55 19.77 -26.75 -32.97
C ALA D 55 18.83 -25.67 -32.43
N GLU D 56 18.76 -24.54 -33.14
CA GLU D 56 17.89 -23.40 -32.78
C GLU D 56 16.42 -23.74 -32.95
N ALA D 57 15.54 -23.07 -32.21
CA ALA D 57 14.11 -23.05 -32.58
C ALA D 57 13.97 -22.61 -34.07
N SER D 58 13.18 -23.31 -34.87
CA SER D 58 12.85 -22.83 -36.21
C SER D 58 11.75 -21.77 -36.07
N ALA D 59 11.46 -21.04 -37.14
CA ALA D 59 10.41 -20.00 -37.09
C ALA D 59 9.03 -20.59 -36.76
N GLU D 60 8.76 -21.78 -37.28
CA GLU D 60 7.54 -22.52 -36.93
C GLU D 60 7.42 -22.82 -35.41
N GLN D 61 8.52 -23.26 -34.78
CA GLN D 61 8.56 -23.54 -33.32
C GLN D 61 8.31 -22.29 -32.45
N VAL D 62 8.90 -21.16 -32.85
CA VAL D 62 8.65 -19.89 -32.19
C VAL D 62 7.15 -19.59 -32.21
N ASP D 63 6.53 -19.70 -33.39
CA ASP D 63 5.09 -19.41 -33.54
C ASP D 63 4.29 -20.36 -32.63
N ALA D 64 4.63 -21.64 -32.74
CA ALA D 64 4.05 -22.68 -31.96
C ALA D 64 4.17 -22.45 -30.43
N ALA D 65 5.32 -21.96 -29.95
CA ALA D 65 5.43 -21.76 -28.50
C ALA D 65 4.55 -20.58 -28.05
N VAL D 66 4.49 -19.53 -28.87
CA VAL D 66 3.64 -18.39 -28.53
C VAL D 66 2.18 -18.80 -28.54
N ARG D 67 1.78 -19.61 -29.52
CA ARG D 67 0.35 -20.01 -29.61
C ARG D 67 -0.02 -20.97 -28.48
N ALA D 68 0.93 -21.73 -27.98
CA ALA D 68 0.69 -22.62 -26.83
C ALA D 68 0.49 -21.83 -25.52
N ALA D 69 1.24 -20.73 -25.38
CA ALA D 69 1.17 -19.86 -24.19
C ALA D 69 -0.13 -19.08 -24.24
N ASP D 70 -0.53 -18.62 -25.42
CA ASP D 70 -1.80 -17.91 -25.57
C ASP D 70 -2.99 -18.83 -25.24
N ALA D 71 -2.93 -20.07 -25.77
CA ALA D 71 -3.93 -21.09 -25.46
C ALA D 71 -3.94 -21.45 -23.97
N ALA D 72 -2.77 -21.63 -23.36
CA ALA D 72 -2.75 -21.93 -21.91
C ALA D 72 -3.23 -20.76 -21.03
N PHE D 73 -3.04 -19.52 -21.52
CA PHE D 73 -3.49 -18.35 -20.75
C PHE D 73 -5.00 -18.31 -20.35
N ALA D 74 -5.89 -18.91 -21.17
CA ALA D 74 -7.31 -18.93 -20.87
C ALA D 74 -7.65 -19.53 -19.50
N GLU D 75 -7.07 -20.69 -19.15
CA GLU D 75 -7.16 -21.17 -17.78
C GLU D 75 -6.13 -20.53 -16.83
N TRP D 76 -4.85 -20.47 -17.20
CA TRP D 76 -3.79 -20.06 -16.26
C TRP D 76 -4.04 -18.68 -15.66
N GLY D 77 -4.60 -17.80 -16.47
CA GLY D 77 -4.81 -16.44 -16.06
C GLY D 77 -5.97 -16.26 -15.14
N GLN D 78 -6.78 -17.32 -14.96
CA GLN D 78 -7.85 -17.32 -14.00
C GLN D 78 -7.51 -18.17 -12.79
N THR D 79 -6.29 -18.65 -12.67
CA THR D 79 -5.93 -19.34 -11.43
C THR D 79 -5.90 -18.41 -10.22
N THR D 80 -6.17 -18.98 -9.06
CA THR D 80 -5.95 -18.24 -7.78
C THR D 80 -4.47 -18.01 -7.43
N PRO D 81 -4.18 -16.94 -6.69
CA PRO D 81 -2.84 -16.72 -6.14
C PRO D 81 -2.29 -17.91 -5.37
N LYS D 82 -3.12 -18.57 -4.57
CA LYS D 82 -2.75 -19.73 -3.85
C LYS D 82 -2.14 -20.81 -4.78
N VAL D 83 -2.80 -21.09 -5.89
CA VAL D 83 -2.40 -22.15 -6.79
C VAL D 83 -1.10 -21.77 -7.50
N ARG D 84 -0.95 -20.49 -7.84
CA ARG D 84 0.27 -19.99 -8.51
C ARG D 84 1.45 -20.04 -7.55
N ALA D 85 1.22 -19.54 -6.33
CA ALA D 85 2.16 -19.68 -5.23
C ALA D 85 2.68 -21.11 -5.12
N GLU D 86 1.76 -22.07 -5.12
CA GLU D 86 2.08 -23.48 -4.87
C GLU D 86 2.94 -24.03 -6.00
N CYS D 87 2.59 -23.70 -7.27
CA CYS D 87 3.48 -23.95 -8.43
C CYS D 87 4.88 -23.36 -8.23
N LEU D 88 4.94 -22.13 -7.73
CA LEU D 88 6.25 -21.47 -7.61
C LEU D 88 7.13 -22.10 -6.52
N LEU D 89 6.52 -22.50 -5.39
CA LEU D 89 7.29 -23.18 -4.33
C LEU D 89 7.82 -24.55 -4.77
N LYS D 90 7.05 -25.27 -5.57
CA LYS D 90 7.51 -26.58 -6.04
C LYS D 90 8.61 -26.40 -7.05
N LEU D 91 8.58 -25.29 -7.81
CA LEU D 91 9.69 -24.96 -8.70
C LEU D 91 10.93 -24.61 -7.91
N ALA D 92 10.74 -23.78 -6.89
CA ALA D 92 11.87 -23.47 -5.97
C ALA D 92 12.52 -24.74 -5.39
N ASP D 93 11.70 -25.66 -4.86
CA ASP D 93 12.20 -26.98 -4.37
C ASP D 93 13.07 -27.75 -5.36
N VAL D 94 12.62 -27.78 -6.61
CA VAL D 94 13.28 -28.51 -7.67
C VAL D 94 14.66 -27.91 -8.02
N ILE D 95 14.73 -26.59 -8.13
CA ILE D 95 16.02 -25.96 -8.30
C ILE D 95 16.94 -26.29 -7.10
N GLU D 96 16.42 -26.12 -5.87
CA GLU D 96 17.23 -26.39 -4.69
C GLU D 96 17.77 -27.81 -4.73
N GLU D 97 16.89 -28.72 -5.13
CA GLU D 97 17.20 -30.16 -5.13
C GLU D 97 18.27 -30.45 -6.14
N ASN D 98 18.32 -29.63 -7.19
CA ASN D 98 19.30 -29.74 -8.26
C ASN D 98 20.39 -28.67 -8.23
N GLY D 99 20.74 -28.20 -7.04
CA GLY D 99 21.67 -27.08 -6.89
C GLY D 99 23.03 -27.35 -7.49
N GLN D 100 23.59 -28.52 -7.13
CA GLN D 100 24.90 -28.97 -7.57
C GLN D 100 24.93 -29.00 -9.10
N VAL D 101 23.96 -29.66 -9.70
CA VAL D 101 23.96 -29.79 -11.15
C VAL D 101 23.86 -28.41 -11.84
N PHE D 102 22.93 -27.56 -11.38
CA PHE D 102 22.79 -26.24 -11.94
C PHE D 102 24.10 -25.44 -11.83
N ALA D 103 24.73 -25.47 -10.65
CA ALA D 103 26.01 -24.79 -10.47
C ALA D 103 27.12 -25.31 -11.44
N GLU D 104 27.23 -26.64 -11.62
CA GLU D 104 28.23 -27.19 -12.53
C GLU D 104 28.02 -26.70 -13.97
N LEU D 105 26.77 -26.73 -14.44
CA LEU D 105 26.44 -26.32 -15.80
C LEU D 105 26.73 -24.82 -15.98
N GLU D 106 26.28 -24.01 -15.04
CA GLU D 106 26.57 -22.59 -15.07
C GLU D 106 28.09 -22.28 -15.05
N SER D 107 28.82 -22.97 -14.19
CA SER D 107 30.28 -22.89 -14.15
C SER D 107 30.92 -23.32 -15.47
N ARG D 108 30.49 -24.47 -15.99
CA ARG D 108 31.00 -24.92 -17.29
C ARG D 108 30.75 -23.97 -18.44
N ASN D 109 29.54 -23.44 -18.53
CA ASN D 109 29.10 -22.61 -19.63
C ASN D 109 29.55 -21.16 -19.49
N CYS D 110 29.78 -20.67 -18.27
CA CYS D 110 30.14 -19.27 -18.03
C CYS D 110 31.54 -18.99 -17.40
N GLY D 111 32.29 -20.00 -17.02
CA GLY D 111 33.55 -19.76 -16.36
C GLY D 111 33.49 -19.24 -14.91
N LYS D 112 32.29 -19.09 -14.36
CA LYS D 112 32.13 -18.66 -12.94
C LYS D 112 32.85 -19.66 -12.07
N PRO D 113 33.62 -19.21 -11.06
CA PRO D 113 34.29 -20.16 -10.16
C PRO D 113 33.16 -20.97 -9.51
N LEU D 114 33.32 -22.29 -9.47
CA LEU D 114 32.24 -23.16 -8.99
C LEU D 114 31.72 -22.77 -7.63
N HIS D 115 32.65 -22.51 -6.68
CA HIS D 115 32.29 -22.22 -5.30
C HIS D 115 31.34 -21.01 -5.27
N SER D 116 31.65 -20.01 -6.07
CA SER D 116 30.79 -18.85 -6.19
C SER D 116 29.39 -19.14 -6.81
N ALA D 117 29.34 -19.95 -7.85
CA ALA D 117 28.04 -20.20 -8.48
C ALA D 117 27.20 -20.98 -7.47
N PHE D 118 27.83 -21.97 -6.87
CA PHE D 118 27.09 -22.82 -5.94
C PHE D 118 26.66 -22.06 -4.70
N ASN D 119 27.59 -21.31 -4.08
CA ASN D 119 27.35 -20.70 -2.77
C ASN D 119 26.62 -19.35 -2.88
N ASP D 120 26.83 -18.62 -3.98
CA ASP D 120 26.21 -17.30 -4.07
C ASP D 120 24.92 -17.34 -4.89
N GLU D 121 24.99 -17.90 -6.11
CA GLU D 121 23.87 -17.80 -7.04
C GLU D 121 22.75 -18.78 -6.72
N ILE D 122 23.04 -20.06 -6.57
CA ILE D 122 21.95 -21.01 -6.29
C ILE D 122 20.96 -20.58 -5.20
N PRO D 123 21.45 -20.31 -3.97
CA PRO D 123 20.58 -19.85 -2.87
C PRO D 123 19.74 -18.62 -3.16
N ALA D 124 20.22 -17.66 -3.95
CA ALA D 124 19.49 -16.47 -4.35
C ALA D 124 18.42 -16.82 -5.36
N ILE D 125 18.73 -17.74 -6.26
CA ILE D 125 17.78 -18.15 -7.28
C ILE D 125 16.64 -18.90 -6.63
N VAL D 126 16.95 -19.80 -5.68
CA VAL D 126 15.89 -20.53 -4.99
C VAL D 126 15.03 -19.46 -4.30
N ASP D 127 15.69 -18.52 -3.64
CA ASP D 127 14.97 -17.55 -2.83
C ASP D 127 14.06 -16.62 -3.65
N VAL D 128 14.54 -16.22 -4.83
CA VAL D 128 13.71 -15.42 -5.71
C VAL D 128 12.32 -16.04 -5.94
N PHE D 129 12.30 -17.33 -6.20
CA PHE D 129 11.08 -18.05 -6.53
C PHE D 129 10.18 -18.20 -5.29
N ARG D 130 10.81 -18.43 -4.13
CA ARG D 130 10.10 -18.45 -2.85
C ARG D 130 9.49 -17.08 -2.50
N PHE D 131 10.21 -16.00 -2.81
CA PHE D 131 9.79 -14.66 -2.47
C PHE D 131 8.58 -14.34 -3.32
N PHE D 132 8.64 -14.69 -4.61
CA PHE D 132 7.56 -14.35 -5.48
C PHE D 132 6.32 -15.21 -5.26
N ALA D 133 6.48 -16.46 -4.76
CA ALA D 133 5.34 -17.29 -4.32
C ALA D 133 4.52 -16.56 -3.30
N GLY D 134 5.23 -16.03 -2.30
CA GLY D 134 4.60 -15.20 -1.30
C GLY D 134 3.98 -13.92 -1.80
N ALA D 135 4.71 -13.17 -2.64
CA ALA D 135 4.26 -11.87 -3.12
C ALA D 135 3.01 -12.00 -4.02
N ALA D 136 2.91 -13.10 -4.74
CA ALA D 136 1.72 -13.43 -5.52
C ALA D 136 0.40 -13.36 -4.72
N ARG D 137 0.48 -13.58 -3.41
CA ARG D 137 -0.71 -13.59 -2.51
C ARG D 137 -0.94 -12.25 -1.75
N CYS D 138 -0.05 -11.30 -2.02
CA CYS D 138 0.03 -10.08 -1.23
C CYS D 138 -0.15 -8.82 -2.01
N LEU D 139 -0.89 -8.81 -3.12
CA LEU D 139 -0.88 -7.66 -4.02
C LEU D 139 -1.79 -6.53 -3.50
N ASN D 140 -1.24 -5.31 -3.49
CA ASN D 140 -2.00 -4.16 -3.02
C ASN D 140 -3.04 -3.65 -3.95
N GLY D 141 -3.87 -2.73 -3.45
CA GLY D 141 -4.93 -2.12 -4.23
C GLY D 141 -5.39 -0.84 -3.53
N LEU D 142 -6.54 -0.33 -3.95
CA LEU D 142 -7.20 0.84 -3.35
C LEU D 142 -8.45 0.27 -2.60
N ALA D 143 -8.78 0.85 -1.44
CA ALA D 143 -10.01 0.50 -0.74
C ALA D 143 -11.19 0.50 -1.76
N ALA D 144 -11.98 -0.57 -1.82
CA ALA D 144 -13.21 -0.55 -2.61
C ALA D 144 -14.24 0.33 -1.89
N GLY D 145 -15.12 1.01 -2.63
CA GLY D 145 -16.07 1.87 -1.96
C GLY D 145 -16.85 2.68 -2.94
N GLU D 146 -17.65 3.61 -2.44
CA GLU D 146 -18.48 4.41 -3.29
C GLU D 146 -17.81 5.77 -3.39
N TYR D 147 -16.91 5.93 -4.36
CA TYR D 147 -16.27 7.20 -4.66
C TYR D 147 -17.20 8.13 -5.41
N LEU D 148 -18.24 7.54 -6.00
CA LEU D 148 -19.33 8.25 -6.65
C LEU D 148 -20.56 7.64 -5.95
N GLU D 149 -21.40 8.52 -5.39
CA GLU D 149 -22.69 8.18 -4.79
C GLU D 149 -23.39 7.06 -5.58
N GLY D 150 -23.82 5.97 -4.89
CA GLY D 150 -24.64 4.97 -5.60
C GLY D 150 -23.90 4.03 -6.56
N HIS D 151 -22.57 3.98 -6.45
CA HIS D 151 -21.67 3.20 -7.32
C HIS D 151 -20.54 2.64 -6.47
N THR D 152 -20.35 1.32 -6.50
CA THR D 152 -19.26 0.70 -5.77
C THR D 152 -18.10 0.43 -6.71
N SER D 153 -16.96 1.06 -6.48
CA SER D 153 -15.80 0.80 -7.36
C SER D 153 -14.88 -0.14 -6.60
N MET D 154 -14.28 -1.09 -7.31
CA MET D 154 -13.18 -1.88 -6.80
C MET D 154 -12.01 -1.84 -7.77
N ILE D 155 -10.82 -2.21 -7.29
CA ILE D 155 -9.60 -2.17 -8.11
C ILE D 155 -9.00 -3.60 -8.21
N ARG D 156 -8.73 -4.16 -9.45
CA ARG D 156 -8.08 -5.47 -9.63
C ARG D 156 -6.69 -5.32 -10.23
N ARG D 157 -6.01 -6.46 -10.23
CA ARG D 157 -4.65 -6.62 -10.78
C ARG D 157 -4.60 -7.92 -11.57
N ASP D 158 -5.03 -7.83 -12.81
CA ASP D 158 -5.08 -8.97 -13.72
C ASP D 158 -3.84 -9.03 -14.62
N PRO D 159 -3.55 -10.38 -15.06
CA PRO D 159 -2.39 -10.62 -15.92
C PRO D 159 -2.64 -10.01 -17.32
N LEU D 160 -1.54 -9.77 -18.03
CA LEU D 160 -1.57 -9.28 -19.41
C LEU D 160 -1.74 -10.37 -20.44
N GLY D 161 -1.17 -11.56 -20.23
CA GLY D 161 -1.23 -12.59 -21.26
C GLY D 161 0.07 -13.35 -21.48
N VAL D 162 0.56 -13.35 -22.72
CA VAL D 162 1.85 -13.96 -23.11
C VAL D 162 2.96 -12.93 -22.96
N VAL D 163 4.03 -13.33 -22.27
CA VAL D 163 5.18 -12.50 -21.94
C VAL D 163 6.36 -13.19 -22.62
N ALA D 164 7.11 -12.43 -23.43
CA ALA D 164 8.34 -12.89 -24.05
C ALA D 164 9.45 -12.39 -23.14
N SER D 165 10.35 -13.30 -22.77
CA SER D 165 11.40 -12.99 -21.83
C SER D 165 12.75 -13.28 -22.48
N ILE D 166 13.61 -12.27 -22.45
CA ILE D 166 14.93 -12.33 -23.06
C ILE D 166 16.04 -12.19 -22.03
N ALA D 167 16.79 -13.27 -21.85
CA ALA D 167 17.83 -13.28 -20.85
C ALA D 167 19.23 -13.10 -21.45
N PRO D 168 20.10 -12.49 -20.65
CA PRO D 168 21.50 -12.23 -21.02
C PRO D 168 22.49 -13.34 -20.63
N TRP D 169 23.73 -13.23 -21.10
CA TRP D 169 24.73 -14.24 -20.79
C TRP D 169 25.48 -14.06 -19.44
N ASN D 170 25.36 -12.92 -18.78
CA ASN D 170 26.16 -12.76 -17.58
C ASN D 170 25.65 -13.61 -16.45
N TYR D 171 24.33 -13.65 -16.21
CA TYR D 171 23.79 -14.49 -15.12
C TYR D 171 22.59 -15.32 -15.65
N PRO D 172 22.90 -16.39 -16.35
CA PRO D 172 21.90 -17.12 -17.15
C PRO D 172 20.73 -17.65 -16.33
N LEU D 173 20.96 -18.54 -15.38
CA LEU D 173 19.88 -19.06 -14.57
C LEU D 173 19.26 -17.93 -13.75
N MET D 174 20.09 -17.10 -13.12
CA MET D 174 19.54 -16.04 -12.28
C MET D 174 18.57 -15.14 -13.00
N MET D 175 18.93 -14.67 -14.21
CA MET D 175 18.04 -13.81 -15.03
C MET D 175 16.80 -14.51 -15.55
N ALA D 176 16.98 -15.77 -15.90
CA ALA D 176 15.86 -16.64 -16.18
C ALA D 176 14.88 -16.67 -14.99
N ALA D 177 15.38 -16.79 -13.75
CA ALA D 177 14.54 -16.72 -12.53
C ALA D 177 13.84 -15.35 -12.35
N TRP D 178 14.60 -14.28 -12.56
CA TRP D 178 14.06 -12.93 -12.45
C TRP D 178 12.94 -12.65 -13.47
N LYS D 179 12.96 -13.28 -14.64
CA LYS D 179 11.92 -13.05 -15.63
C LYS D 179 10.70 -13.97 -15.44
N LEU D 180 10.95 -15.24 -15.23
CA LEU D 180 9.94 -16.24 -14.97
C LEU D 180 9.09 -15.96 -13.70
N ALA D 181 9.76 -15.72 -12.55
CA ALA D 181 9.09 -15.75 -11.26
C ALA D 181 7.94 -14.71 -11.11
N PRO D 182 8.17 -13.41 -11.40
CA PRO D 182 7.08 -12.43 -11.31
C PRO D 182 6.09 -12.57 -12.49
N ALA D 183 6.52 -13.07 -13.64
CA ALA D 183 5.56 -13.14 -14.74
C ALA D 183 4.52 -14.22 -14.42
N LEU D 184 4.99 -15.40 -13.97
CA LEU D 184 4.13 -16.50 -13.50
C LEU D 184 3.32 -16.09 -12.26
N ALA D 185 3.96 -15.46 -11.29
CA ALA D 185 3.29 -15.11 -10.07
C ALA D 185 2.05 -14.25 -10.35
N ALA D 186 2.11 -13.46 -11.42
CA ALA D 186 1.07 -12.52 -11.82
C ALA D 186 0.01 -13.20 -12.69
N GLY D 187 0.32 -14.39 -13.21
CA GLY D 187 -0.69 -15.14 -13.92
C GLY D 187 -0.61 -15.07 -15.42
N ASN D 188 0.53 -14.61 -15.90
CA ASN D 188 0.90 -14.71 -17.31
C ASN D 188 1.56 -16.05 -17.71
N CYS D 189 1.50 -16.37 -19.00
CA CYS D 189 2.30 -17.46 -19.59
C CYS D 189 3.55 -16.85 -20.25
N VAL D 190 4.61 -17.65 -20.32
CA VAL D 190 5.91 -17.12 -20.64
C VAL D 190 6.58 -17.98 -21.67
N VAL D 191 7.21 -17.27 -22.61
CA VAL D 191 8.06 -17.86 -23.62
C VAL D 191 9.44 -17.22 -23.43
N LEU D 192 10.36 -18.03 -22.90
CA LEU D 192 11.71 -17.61 -22.56
C LEU D 192 12.75 -17.93 -23.62
N LYS D 193 13.56 -16.92 -23.95
CA LYS D 193 14.77 -17.10 -24.72
C LYS D 193 16.06 -16.71 -23.95
N PRO D 194 16.89 -17.70 -23.62
CA PRO D 194 18.21 -17.46 -23.03
C PRO D 194 19.14 -16.89 -24.06
N SER D 195 20.23 -16.28 -23.61
CA SER D 195 21.32 -16.00 -24.55
C SER D 195 21.69 -17.30 -25.27
N GLU D 196 21.91 -17.21 -26.59
CA GLU D 196 22.47 -18.31 -27.36
C GLU D 196 23.89 -18.75 -26.90
N ILE D 197 24.64 -17.83 -26.31
CA ILE D 197 25.98 -18.10 -25.72
C ILE D 197 25.86 -19.02 -24.51
N THR D 198 24.79 -18.86 -23.72
CA THR D 198 24.63 -19.58 -22.42
C THR D 198 23.22 -20.21 -22.16
N PRO D 199 22.83 -21.22 -22.93
CA PRO D 199 21.49 -21.78 -22.79
C PRO D 199 21.41 -22.96 -21.84
N LEU D 200 22.53 -23.40 -21.28
CA LEU D 200 22.59 -24.75 -20.73
C LEU D 200 21.75 -24.90 -19.44
N THR D 201 21.94 -24.01 -18.46
CA THR D 201 21.06 -24.10 -17.30
C THR D 201 19.56 -23.94 -17.68
N ALA D 202 19.28 -23.14 -18.73
CA ALA D 202 17.87 -22.87 -19.09
C ALA D 202 17.28 -24.11 -19.72
N LEU D 203 18.08 -24.81 -20.50
CA LEU D 203 17.60 -26.09 -21.04
C LEU D 203 17.46 -27.18 -20.00
N LYS D 204 18.31 -27.17 -18.95
CA LYS D 204 18.13 -28.11 -17.83
C LYS D 204 16.88 -27.71 -17.07
N LEU D 205 16.66 -26.39 -16.92
CA LEU D 205 15.44 -25.92 -16.30
C LEU D 205 14.25 -26.49 -17.03
N ALA D 206 14.32 -26.44 -18.36
CA ALA D 206 13.26 -26.91 -19.23
C ALA D 206 12.92 -28.37 -18.94
N GLU D 207 13.94 -29.21 -18.91
CA GLU D 207 13.68 -30.60 -18.55
C GLU D 207 13.00 -30.67 -17.19
N LEU D 208 13.57 -30.00 -16.18
CA LEU D 208 13.15 -30.25 -14.81
C LEU D 208 11.79 -29.71 -14.54
N ALA D 209 11.44 -28.62 -15.21
CA ALA D 209 10.23 -27.90 -14.88
C ALA D 209 9.03 -28.24 -15.79
N LYS D 210 9.31 -28.93 -16.91
CA LYS D 210 8.33 -29.57 -17.81
C LYS D 210 6.90 -29.71 -17.29
N ASP D 211 6.77 -30.39 -16.14
CA ASP D 211 5.49 -30.85 -15.57
C ASP D 211 4.93 -30.07 -14.36
N ILE D 212 5.65 -29.06 -13.86
CA ILE D 212 5.17 -28.35 -12.66
C ILE D 212 4.01 -27.40 -13.00
N PHE D 213 4.00 -26.79 -14.18
CA PHE D 213 2.94 -25.87 -14.64
C PHE D 213 2.13 -26.54 -15.75
N PRO D 214 0.87 -26.15 -15.98
CA PRO D 214 0.10 -26.76 -17.08
C PRO D 214 0.87 -26.53 -18.40
N ALA D 215 0.65 -27.40 -19.37
CA ALA D 215 1.30 -27.34 -20.68
C ALA D 215 1.16 -26.00 -21.38
N GLY D 216 2.28 -25.45 -21.83
CA GLY D 216 2.24 -24.15 -22.49
C GLY D 216 2.38 -22.96 -21.54
N VAL D 217 2.25 -23.16 -20.23
CA VAL D 217 2.38 -22.04 -19.28
C VAL D 217 3.82 -21.52 -19.24
N VAL D 218 4.81 -22.43 -19.27
CA VAL D 218 6.18 -22.02 -19.50
C VAL D 218 6.68 -22.63 -20.77
N ASN D 219 7.37 -21.85 -21.61
CA ASN D 219 8.04 -22.41 -22.77
C ASN D 219 9.45 -21.82 -22.79
N ILE D 220 10.45 -22.66 -23.15
CA ILE D 220 11.85 -22.24 -23.25
C ILE D 220 12.43 -22.61 -24.61
N LEU D 221 13.00 -21.62 -25.30
CA LEU D 221 13.52 -21.78 -26.66
C LEU D 221 15.05 -21.67 -26.68
N PHE D 222 15.69 -21.99 -27.79
CA PHE D 222 17.13 -21.73 -27.94
C PHE D 222 17.35 -20.97 -29.24
N GLY D 223 18.20 -19.95 -29.23
CA GLY D 223 18.64 -19.35 -30.49
C GLY D 223 19.05 -17.90 -30.46
N ARG D 224 19.69 -17.43 -31.52
CA ARG D 224 20.17 -16.06 -31.58
C ARG D 224 19.05 -14.98 -31.58
N GLY D 225 19.49 -13.75 -31.38
CA GLY D 225 18.63 -12.57 -31.48
C GLY D 225 17.84 -12.42 -32.78
N LYS D 226 18.52 -12.51 -33.91
CA LYS D 226 17.92 -12.27 -35.25
C LYS D 226 17.03 -13.40 -35.78
N THR D 227 17.48 -14.62 -35.60
CA THR D 227 16.76 -15.79 -36.04
C THR D 227 15.64 -16.22 -35.04
N VAL D 228 15.83 -16.00 -33.74
CA VAL D 228 14.83 -16.41 -32.74
C VAL D 228 14.19 -15.26 -31.92
N GLY D 229 14.95 -14.24 -31.56
CA GLY D 229 14.42 -13.18 -30.76
C GLY D 229 13.41 -12.34 -31.51
N ASP D 230 13.80 -11.87 -32.69
CA ASP D 230 12.95 -11.09 -33.62
C ASP D 230 11.55 -11.70 -33.90
N PRO D 231 11.43 -12.98 -34.33
CA PRO D 231 10.11 -13.62 -34.46
C PRO D 231 9.35 -13.73 -33.15
N LEU D 232 10.05 -13.98 -32.04
CA LEU D 232 9.43 -14.06 -30.73
C LEU D 232 8.82 -12.70 -30.29
N THR D 233 9.65 -11.66 -30.21
CA THR D 233 9.20 -10.40 -29.62
C THR D 233 8.21 -9.68 -30.51
N GLY D 234 8.22 -10.00 -31.81
CA GLY D 234 7.33 -9.43 -32.82
C GLY D 234 5.99 -10.13 -33.01
N HIS D 235 5.80 -11.26 -32.34
CA HIS D 235 4.57 -12.04 -32.42
C HIS D 235 3.31 -11.23 -31.98
N PRO D 236 2.25 -11.24 -32.80
CA PRO D 236 1.04 -10.50 -32.49
C PRO D 236 0.46 -10.88 -31.15
N LYS D 237 0.57 -12.12 -30.68
CA LYS D 237 -0.05 -12.43 -29.39
C LYS D 237 0.86 -12.16 -28.19
N VAL D 238 2.11 -11.71 -28.42
CA VAL D 238 2.95 -11.37 -27.28
C VAL D 238 2.52 -9.97 -26.75
N ARG D 239 2.15 -9.85 -25.49
CA ARG D 239 1.65 -8.55 -24.97
C ARG D 239 2.75 -7.77 -24.24
N MET D 240 3.76 -8.48 -23.73
CA MET D 240 4.87 -7.80 -23.07
C MET D 240 6.27 -8.41 -23.40
N VAL D 241 7.26 -7.53 -23.62
CA VAL D 241 8.64 -7.98 -23.75
C VAL D 241 9.47 -7.57 -22.48
N SER D 242 10.17 -8.53 -21.91
CA SER D 242 11.08 -8.24 -20.82
C SER D 242 12.51 -8.59 -21.20
N LEU D 243 13.37 -7.58 -21.22
CA LEU D 243 14.76 -7.71 -21.66
C LEU D 243 15.74 -7.23 -20.60
N THR D 244 16.74 -8.07 -20.29
CA THR D 244 17.96 -7.57 -19.69
C THR D 244 19.06 -7.80 -20.74
N GLY D 245 19.76 -6.74 -21.13
CA GLY D 245 20.87 -6.85 -22.11
C GLY D 245 21.46 -5.47 -22.43
N SER D 246 21.97 -5.24 -23.64
CA SER D 246 22.59 -3.93 -23.94
C SER D 246 21.59 -2.82 -24.30
N ILE D 247 22.06 -1.56 -24.30
CA ILE D 247 21.25 -0.47 -24.83
C ILE D 247 20.82 -0.71 -26.29
N ALA D 248 21.73 -1.16 -27.15
CA ALA D 248 21.37 -1.35 -28.56
C ALA D 248 20.23 -2.39 -28.78
N THR D 249 20.20 -3.45 -27.96
CA THR D 249 19.15 -4.48 -28.06
C THR D 249 17.84 -3.87 -27.51
N GLY D 250 17.96 -3.08 -26.45
CA GLY D 250 16.85 -2.27 -25.91
C GLY D 250 16.23 -1.35 -26.92
N GLU D 251 17.05 -0.48 -27.50
CA GLU D 251 16.62 0.33 -28.61
C GLU D 251 15.88 -0.47 -29.69
N HIS D 252 16.46 -1.63 -30.09
CA HIS D 252 15.95 -2.37 -31.25
C HIS D 252 14.59 -3.01 -30.96
N ILE D 253 14.48 -3.62 -29.76
CA ILE D 253 13.25 -4.24 -29.32
C ILE D 253 12.16 -3.16 -29.24
N ILE D 254 12.49 -2.01 -28.63
CA ILE D 254 11.53 -0.91 -28.56
C ILE D 254 10.98 -0.51 -29.94
N SER D 255 11.83 -0.22 -30.95
CA SER D 255 11.36 0.03 -32.35
C SER D 255 10.50 -1.09 -32.91
N HIS D 256 10.99 -2.31 -32.73
CA HIS D 256 10.46 -3.48 -33.43
C HIS D 256 9.07 -3.90 -32.88
N THR D 257 8.77 -3.45 -31.66
CA THR D 257 7.47 -3.71 -31.07
C THR D 257 6.54 -2.46 -30.96
N ALA D 258 6.96 -1.31 -31.52
CA ALA D 258 6.21 -0.02 -31.47
C ALA D 258 4.90 -0.05 -32.25
N SER D 259 4.87 -0.79 -33.35
CA SER D 259 3.66 -1.01 -34.15
C SER D 259 2.47 -1.55 -33.36
N SER D 260 2.74 -2.31 -32.29
CA SER D 260 1.67 -2.92 -31.47
C SER D 260 1.65 -2.46 -29.97
N ILE D 261 2.24 -1.28 -29.72
CA ILE D 261 2.31 -0.67 -28.39
C ILE D 261 2.57 -1.72 -27.32
N LYS D 262 3.46 -2.67 -27.60
CA LYS D 262 3.76 -3.70 -26.64
C LYS D 262 4.35 -3.09 -25.33
N ARG D 263 4.04 -3.72 -24.22
CA ARG D 263 4.58 -3.30 -22.91
C ARG D 263 6.06 -3.71 -22.87
N THR D 264 6.91 -2.78 -22.49
CA THR D 264 8.28 -3.16 -22.39
C THR D 264 8.75 -2.96 -20.98
N HIS D 265 9.80 -3.70 -20.69
CA HIS D 265 10.31 -3.86 -19.38
C HIS D 265 11.81 -4.07 -19.65
N MET D 266 12.61 -3.16 -19.12
CA MET D 266 13.98 -3.01 -19.60
C MET D 266 15.07 -2.71 -18.52
N GLU D 267 16.09 -3.57 -18.49
CA GLU D 267 17.29 -3.35 -17.72
C GLU D 267 18.56 -3.37 -18.64
N LEU D 268 19.11 -2.20 -18.93
CA LEU D 268 20.12 -2.12 -19.97
C LEU D 268 21.53 -1.77 -19.53
N GLY D 269 21.91 -2.17 -18.34
CA GLY D 269 23.26 -1.95 -17.88
C GLY D 269 23.39 -0.69 -17.05
N GLY D 270 24.52 -0.55 -16.38
CA GLY D 270 24.79 0.69 -15.67
C GLY D 270 26.27 1.00 -15.73
N LYS D 271 26.65 2.11 -15.14
CA LYS D 271 28.04 2.45 -14.93
C LYS D 271 28.00 3.09 -13.56
N ALA D 272 28.07 2.24 -12.54
CA ALA D 272 27.90 2.64 -11.13
C ALA D 272 29.00 3.58 -10.69
N PRO D 273 28.61 4.74 -10.19
CA PRO D 273 29.59 5.66 -9.59
C PRO D 273 29.87 5.15 -8.18
N VAL D 274 31.15 5.10 -7.75
CA VAL D 274 31.50 4.75 -6.39
C VAL D 274 32.09 6.01 -5.84
N ILE D 275 31.38 6.68 -4.93
CA ILE D 275 31.79 7.99 -4.48
C ILE D 275 32.52 7.90 -3.13
N VAL D 276 33.82 8.17 -3.12
CA VAL D 276 34.58 8.03 -1.87
C VAL D 276 35.05 9.36 -1.28
N PHE D 277 34.49 9.73 -0.14
CA PHE D 277 34.88 10.95 0.57
C PHE D 277 36.10 10.69 1.51
N ASP D 278 36.82 11.78 1.81
CA ASP D 278 37.98 11.78 2.71
C ASP D 278 37.78 11.09 4.04
N ASP D 279 36.55 10.98 4.52
CA ASP D 279 36.32 10.38 5.83
C ASP D 279 35.89 8.94 5.74
N ALA D 280 35.95 8.36 4.54
CA ALA D 280 35.67 6.94 4.35
C ALA D 280 36.67 6.00 5.01
N ASP D 281 36.18 4.82 5.35
CA ASP D 281 37.05 3.76 5.79
C ASP D 281 37.73 3.21 4.56
N ILE D 282 38.95 3.64 4.32
CA ILE D 282 39.61 3.32 3.08
C ILE D 282 39.81 1.80 2.87
N GLU D 283 40.19 1.14 3.95
CA GLU D 283 40.43 -0.30 3.88
C GLU D 283 39.14 -1.06 3.52
N ALA D 284 38.00 -0.53 3.94
CA ALA D 284 36.70 -1.14 3.62
C ALA D 284 36.31 -0.93 2.15
N VAL D 285 36.67 0.24 1.61
CA VAL D 285 36.41 0.57 0.22
C VAL D 285 37.24 -0.39 -0.66
N VAL D 286 38.49 -0.63 -0.25
CA VAL D 286 39.43 -1.47 -1.00
C VAL D 286 38.91 -2.93 -1.01
N GLU D 287 38.67 -3.46 0.19
CA GLU D 287 38.01 -4.74 0.35
C GLU D 287 36.73 -4.87 -0.48
N GLY D 288 35.94 -3.81 -0.55
CA GLY D 288 34.70 -3.84 -1.28
C GLY D 288 34.86 -3.82 -2.80
N VAL D 289 35.67 -2.88 -3.28
CA VAL D 289 35.88 -2.80 -4.71
C VAL D 289 36.63 -4.01 -5.25
N ARG D 290 37.50 -4.62 -4.43
CA ARG D 290 38.26 -5.80 -4.83
C ARG D 290 37.35 -6.96 -5.22
N THR D 291 36.26 -7.14 -4.46
CA THR D 291 35.20 -8.06 -4.83
C THR D 291 34.26 -7.49 -5.89
N PHE D 292 33.69 -6.31 -5.62
CA PHE D 292 32.58 -5.78 -6.40
C PHE D 292 32.91 -5.14 -7.79
N GLY D 293 34.17 -4.76 -7.99
CA GLY D 293 34.68 -4.28 -9.29
C GLY D 293 35.00 -5.44 -10.21
N TYR D 294 35.22 -6.61 -9.62
CA TYR D 294 35.81 -7.77 -10.32
C TYR D 294 35.08 -9.10 -10.15
N TYR D 295 34.07 -9.14 -9.30
CA TYR D 295 33.21 -10.33 -9.20
C TYR D 295 32.61 -10.58 -10.61
N ASN D 296 32.51 -11.86 -11.02
CA ASN D 296 31.93 -12.26 -12.32
C ASN D 296 32.72 -11.62 -13.50
N ALA D 297 34.03 -11.45 -13.25
CA ALA D 297 34.94 -10.72 -14.12
C ALA D 297 34.37 -9.37 -14.49
N GLY D 298 33.65 -8.74 -13.56
CA GLY D 298 33.08 -7.42 -13.78
C GLY D 298 31.90 -7.36 -14.75
N GLN D 299 31.48 -8.51 -15.27
CA GLN D 299 30.34 -8.57 -16.20
C GLN D 299 29.10 -8.62 -15.34
N ASP D 300 28.73 -7.45 -14.84
CA ASP D 300 27.64 -7.35 -13.91
C ASP D 300 27.09 -5.92 -14.02
N CYS D 301 25.78 -5.75 -13.95
CA CYS D 301 25.17 -4.44 -14.19
C CYS D 301 25.35 -3.44 -13.05
N THR D 302 25.78 -3.93 -11.90
CA THR D 302 25.93 -3.13 -10.71
C THR D 302 27.42 -3.05 -10.27
N ALA D 303 28.33 -3.65 -11.08
CA ALA D 303 29.79 -3.68 -10.76
C ALA D 303 30.26 -2.30 -10.27
N ALA D 304 31.23 -2.31 -9.38
CA ALA D 304 31.68 -1.07 -8.81
C ALA D 304 32.83 -0.64 -9.69
N CYS D 305 32.52 0.03 -10.81
CA CYS D 305 33.46 0.18 -11.98
C CYS D 305 34.07 1.59 -12.18
N ARG D 306 33.50 2.57 -11.53
CA ARG D 306 33.87 3.94 -11.81
C ARG D 306 34.01 4.64 -10.44
N ILE D 307 35.23 4.71 -9.92
CA ILE D 307 35.45 5.41 -8.64
C ILE D 307 35.71 6.92 -8.84
N TYR D 308 34.96 7.72 -8.07
CA TYR D 308 35.31 9.13 -7.78
C TYR D 308 35.91 9.28 -6.34
N ALA D 309 37.17 9.64 -6.26
CA ALA D 309 37.85 9.64 -4.97
C ALA D 309 38.22 11.07 -4.54
N GLN D 310 37.82 11.43 -3.32
CA GLN D 310 38.10 12.78 -2.84
C GLN D 310 39.65 13.07 -2.80
N LYS D 311 40.02 14.32 -3.10
CA LYS D 311 41.40 14.76 -3.29
C LYS D 311 42.30 14.38 -2.13
N GLY D 312 41.70 14.36 -0.94
CA GLY D 312 42.37 14.05 0.32
C GLY D 312 42.88 12.63 0.35
N ILE D 313 42.11 11.69 -0.20
CA ILE D 313 42.50 10.29 -0.10
C ILE D 313 42.79 9.58 -1.43
N TYR D 314 42.60 10.27 -2.55
CA TYR D 314 42.76 9.72 -3.88
C TYR D 314 44.04 8.83 -4.01
N ASP D 315 45.20 9.41 -3.74
CA ASP D 315 46.47 8.70 -3.94
C ASP D 315 46.60 7.48 -3.04
N THR D 316 46.27 7.64 -1.76
CA THR D 316 46.23 6.46 -0.86
C THR D 316 45.33 5.37 -1.39
N LEU D 317 44.10 5.77 -1.79
CA LEU D 317 43.14 4.79 -2.33
C LEU D 317 43.65 4.09 -3.59
N VAL D 318 44.27 4.84 -4.52
CA VAL D 318 44.82 4.23 -5.70
C VAL D 318 45.93 3.18 -5.34
N GLU D 319 46.82 3.56 -4.43
CA GLU D 319 47.90 2.69 -4.01
C GLU D 319 47.38 1.39 -3.34
N LYS D 320 46.53 1.53 -2.33
CA LYS D 320 45.95 0.35 -1.66
C LYS D 320 45.10 -0.50 -2.62
N LEU D 321 44.30 0.12 -3.48
CA LEU D 321 43.45 -0.67 -4.39
C LEU D 321 44.20 -1.50 -5.45
N GLY D 322 45.22 -0.89 -6.08
CA GLY D 322 46.09 -1.55 -7.02
C GLY D 322 46.82 -2.74 -6.42
N ALA D 323 47.22 -2.62 -5.14
CA ALA D 323 47.83 -3.78 -4.40
C ALA D 323 46.81 -4.93 -4.14
N ALA D 324 45.58 -4.57 -3.78
CA ALA D 324 44.53 -5.57 -3.55
C ALA D 324 44.11 -6.27 -4.87
N VAL D 325 43.95 -5.46 -5.93
CA VAL D 325 43.51 -5.97 -7.23
C VAL D 325 44.53 -7.00 -7.75
N ALA D 326 45.80 -6.82 -7.40
CA ALA D 326 46.86 -7.62 -8.06
C ALA D 326 46.91 -9.01 -7.48
N THR D 327 46.31 -9.20 -6.34
CA THR D 327 46.25 -10.57 -5.79
C THR D 327 45.09 -11.43 -6.29
N LEU D 328 44.15 -10.87 -7.10
CA LEU D 328 43.00 -11.65 -7.56
C LEU D 328 43.50 -12.85 -8.33
N LYS D 329 43.03 -14.02 -7.92
CA LYS D 329 43.58 -15.26 -8.43
C LYS D 329 42.70 -15.83 -9.56
N SER D 330 43.24 -15.83 -10.77
CA SER D 330 42.64 -16.51 -11.93
C SER D 330 43.09 -17.97 -12.07
N GLY D 331 42.26 -18.83 -12.68
CA GLY D 331 42.59 -20.27 -12.79
C GLY D 331 41.35 -21.13 -13.00
N ALA D 332 41.51 -22.47 -12.92
CA ALA D 332 40.39 -23.39 -13.18
C ALA D 332 39.15 -22.99 -12.37
N PRO D 333 38.00 -22.75 -13.02
CA PRO D 333 36.72 -22.51 -12.29
C PRO D 333 36.36 -23.52 -11.19
N ASP D 334 36.66 -24.80 -11.39
CA ASP D 334 36.41 -25.79 -10.35
C ASP D 334 37.46 -25.83 -9.23
N ASP D 335 38.41 -24.88 -9.20
CA ASP D 335 39.40 -24.78 -8.09
C ASP D 335 38.90 -23.84 -6.98
N GLU D 336 38.96 -24.28 -5.72
CA GLU D 336 38.39 -23.49 -4.63
C GLU D 336 39.08 -22.12 -4.44
N SER D 337 40.35 -22.07 -4.80
CA SER D 337 41.12 -20.82 -4.68
C SER D 337 40.85 -19.77 -5.76
N THR D 338 40.29 -20.17 -6.91
CA THR D 338 39.97 -19.24 -8.01
C THR D 338 38.92 -18.16 -7.65
N GLU D 339 39.24 -16.91 -7.99
CA GLU D 339 38.43 -15.77 -7.63
C GLU D 339 37.88 -15.09 -8.89
N LEU D 340 38.66 -15.17 -9.96
CA LEU D 340 38.35 -14.51 -11.21
C LEU D 340 38.34 -15.55 -12.34
N GLY D 341 37.15 -15.74 -12.89
CA GLY D 341 36.95 -16.53 -14.08
C GLY D 341 37.19 -15.71 -15.33
N PRO D 342 37.06 -16.36 -16.49
CA PRO D 342 37.21 -15.69 -17.80
C PRO D 342 36.03 -14.78 -18.15
N LEU D 343 36.19 -14.03 -19.23
CA LEU D 343 35.09 -13.30 -19.85
C LEU D 343 34.20 -14.28 -20.64
N SER D 344 33.03 -13.81 -21.09
CA SER D 344 31.97 -14.73 -21.58
C SER D 344 32.17 -15.36 -22.97
N SER D 345 32.99 -14.70 -23.79
CA SER D 345 33.18 -15.11 -25.16
C SER D 345 34.44 -14.47 -25.71
N LEU D 346 34.84 -14.88 -26.91
CA LEU D 346 35.94 -14.26 -27.63
C LEU D 346 35.68 -12.81 -27.96
N ALA D 347 34.44 -12.51 -28.40
CA ALA D 347 34.06 -11.17 -28.83
C ALA D 347 34.04 -10.21 -27.62
N HIS D 348 33.43 -10.64 -26.52
CA HIS D 348 33.48 -9.79 -25.34
C HIS D 348 34.91 -9.48 -24.89
N LEU D 349 35.79 -10.48 -24.88
CA LEU D 349 37.21 -10.26 -24.56
C LEU D 349 37.90 -9.14 -25.42
N GLU D 350 37.62 -9.13 -26.72
CA GLU D 350 38.18 -8.16 -27.66
C GLU D 350 37.67 -6.78 -27.28
N ARG D 351 36.37 -6.73 -27.02
CA ARG D 351 35.63 -5.50 -26.65
C ARG D 351 36.24 -4.83 -25.42
N VAL D 352 36.32 -5.58 -24.31
CA VAL D 352 37.00 -5.17 -23.07
C VAL D 352 38.45 -4.66 -23.30
N GLY D 353 39.30 -5.53 -23.86
CA GLY D 353 40.63 -5.17 -24.35
C GLY D 353 40.75 -3.82 -25.09
N LYS D 354 39.86 -3.56 -26.08
CA LYS D 354 39.87 -2.30 -26.86
C LYS D 354 39.47 -1.04 -26.09
N ALA D 355 38.59 -1.24 -25.10
CA ALA D 355 38.22 -0.24 -24.09
C ALA D 355 39.45 0.14 -23.26
N VAL D 356 40.27 -0.85 -22.88
CA VAL D 356 41.39 -0.55 -22.01
C VAL D 356 42.46 0.17 -22.82
N GLU D 357 42.61 -0.19 -24.10
CA GLU D 357 43.61 0.47 -24.98
C GLU D 357 43.21 1.89 -25.30
N GLU D 358 41.90 2.12 -25.43
CA GLU D 358 41.36 3.48 -25.55
C GLU D 358 41.67 4.43 -24.39
N ALA D 359 41.42 4.01 -23.16
CA ALA D 359 41.85 4.80 -21.99
C ALA D 359 43.33 5.16 -22.11
N LYS D 360 44.15 4.14 -22.30
CA LYS D 360 45.60 4.28 -22.33
C LYS D 360 46.06 5.36 -23.32
N ALA D 361 45.44 5.35 -24.52
CA ALA D 361 45.68 6.25 -25.70
C ALA D 361 45.29 7.71 -25.45
N THR D 362 44.66 7.94 -24.31
CA THR D 362 44.15 9.21 -23.86
C THR D 362 45.34 10.07 -23.46
N GLY D 363 46.43 9.39 -23.08
CA GLY D 363 47.66 10.03 -22.59
C GLY D 363 47.71 10.50 -21.12
N HIS D 364 46.59 10.43 -20.39
CA HIS D 364 46.58 10.78 -18.95
C HIS D 364 46.10 9.65 -17.99
N ILE D 365 45.85 8.46 -18.54
CA ILE D 365 45.43 7.34 -17.67
C ILE D 365 46.58 6.37 -17.45
N LYS D 366 47.00 6.19 -16.19
CA LYS D 366 48.01 5.20 -15.80
C LYS D 366 47.39 3.83 -15.45
N VAL D 367 48.01 2.78 -15.99
CA VAL D 367 47.66 1.40 -15.66
C VAL D 367 48.38 1.05 -14.36
N ILE D 368 47.63 0.90 -13.25
CA ILE D 368 48.23 0.61 -11.93
C ILE D 368 48.55 -0.89 -11.81
N THR D 369 47.58 -1.70 -12.28
CA THR D 369 47.76 -3.16 -12.41
C THR D 369 46.94 -3.74 -13.58
N GLY D 370 47.36 -4.88 -14.13
CA GLY D 370 46.61 -5.57 -15.17
C GLY D 370 46.76 -4.93 -16.54
N GLY D 371 45.65 -4.86 -17.30
CA GLY D 371 45.65 -4.16 -18.59
C GLY D 371 46.14 -4.95 -19.78
N GLU D 372 45.92 -6.27 -19.74
CA GLU D 372 46.26 -7.20 -20.83
C GLU D 372 45.37 -8.46 -20.77
N LYS D 373 45.33 -9.16 -21.90
CA LYS D 373 44.83 -10.51 -22.00
C LYS D 373 45.78 -11.51 -21.33
N ARG D 374 45.21 -12.47 -20.62
CA ARG D 374 45.95 -13.63 -20.12
C ARG D 374 46.39 -14.54 -21.26
N LYS D 375 47.60 -15.11 -21.13
CA LYS D 375 48.12 -16.11 -22.06
C LYS D 375 47.32 -17.39 -22.04
N GLY D 376 47.17 -18.01 -23.21
CA GLY D 376 46.44 -19.26 -23.32
C GLY D 376 45.09 -19.13 -23.99
N ASN D 377 44.29 -20.20 -23.88
CA ASN D 377 43.02 -20.27 -24.59
C ASN D 377 41.94 -20.07 -23.56
N GLY D 378 40.73 -19.85 -24.03
CA GLY D 378 39.75 -19.36 -23.06
C GLY D 378 40.03 -17.89 -22.82
N TYR D 379 39.02 -17.18 -22.33
CA TYR D 379 38.93 -15.75 -22.61
C TYR D 379 39.30 -14.84 -21.41
N TYR D 380 40.48 -15.08 -20.82
CA TYR D 380 40.87 -14.40 -19.57
C TYR D 380 41.50 -13.06 -19.82
N TYR D 381 40.96 -12.04 -19.15
CA TYR D 381 41.59 -10.71 -19.08
C TYR D 381 42.11 -10.48 -17.64
N ALA D 382 43.31 -9.88 -17.54
CA ALA D 382 43.89 -9.53 -16.22
C ALA D 382 43.04 -8.53 -15.34
N PRO D 383 42.91 -8.75 -14.03
CA PRO D 383 42.19 -7.76 -13.21
C PRO D 383 42.92 -6.38 -13.33
N THR D 384 42.14 -5.35 -13.65
CA THR D 384 42.67 -4.07 -14.09
C THR D 384 42.27 -2.84 -13.22
N LEU D 385 43.27 -2.12 -12.71
CA LEU D 385 42.99 -0.78 -12.12
C LEU D 385 43.58 0.39 -12.97
N LEU D 386 42.72 1.35 -13.29
CA LEU D 386 43.17 2.51 -14.06
C LEU D 386 42.98 3.79 -13.24
N ALA D 387 44.05 4.60 -13.17
CA ALA D 387 44.06 5.86 -12.39
C ALA D 387 44.28 7.10 -13.30
N GLY D 388 43.78 8.25 -12.83
CA GLY D 388 43.82 9.49 -13.62
C GLY D 388 42.71 9.64 -14.67
N ALA D 389 41.67 8.78 -14.66
CA ALA D 389 40.53 8.98 -15.62
C ALA D 389 39.80 10.29 -15.34
N LEU D 390 39.36 10.99 -16.36
CA LEU D 390 38.66 12.28 -16.15
C LEU D 390 37.17 12.11 -16.41
N GLN D 391 36.36 13.02 -15.89
CA GLN D 391 34.93 12.95 -16.05
C GLN D 391 34.49 12.69 -17.50
N ASP D 392 35.05 13.37 -18.49
CA ASP D 392 34.57 13.19 -19.87
C ASP D 392 35.27 12.08 -20.70
N ASP D 393 36.12 11.28 -20.08
CA ASP D 393 36.77 10.14 -20.75
C ASP D 393 35.75 9.01 -20.95
N ALA D 394 35.92 8.26 -22.02
CA ALA D 394 34.97 7.19 -22.37
C ALA D 394 35.02 6.08 -21.29
N ILE D 395 36.22 5.89 -20.73
CA ILE D 395 36.35 4.92 -19.66
C ILE D 395 35.42 5.27 -18.49
N VAL D 396 35.14 6.57 -18.29
CA VAL D 396 34.28 6.97 -17.17
C VAL D 396 32.80 6.91 -17.57
N GLN D 397 32.57 7.29 -18.81
CA GLN D 397 31.22 7.52 -19.31
C GLN D 397 30.54 6.23 -19.82
N LYS D 398 31.31 5.31 -20.40
CA LYS D 398 30.71 4.11 -21.03
C LYS D 398 31.03 2.81 -20.31
N GLU D 399 30.02 1.96 -20.20
CA GLU D 399 30.14 0.62 -19.60
C GLU D 399 31.21 -0.22 -20.30
N VAL D 400 32.11 -0.81 -19.52
CA VAL D 400 33.08 -1.74 -20.10
C VAL D 400 32.68 -3.18 -19.83
N PHE D 401 32.01 -3.45 -18.67
CA PHE D 401 31.47 -4.79 -18.36
C PHE D 401 32.58 -5.87 -18.27
N GLY D 402 33.75 -5.47 -17.80
CA GLY D 402 34.90 -6.34 -17.68
C GLY D 402 35.58 -6.10 -16.34
N PRO D 403 36.65 -6.86 -16.07
CA PRO D 403 37.41 -6.75 -14.81
C PRO D 403 38.31 -5.48 -14.78
N VAL D 404 37.65 -4.34 -14.88
CA VAL D 404 38.29 -3.05 -15.10
C VAL D 404 37.56 -2.00 -14.25
N VAL D 405 38.36 -1.27 -13.47
CA VAL D 405 37.91 -0.21 -12.59
C VAL D 405 38.84 1.02 -12.82
N SER D 406 38.24 2.21 -13.04
CA SER D 406 38.95 3.52 -13.14
C SER D 406 38.85 4.35 -11.86
N VAL D 407 39.79 5.29 -11.68
CA VAL D 407 39.71 6.22 -10.54
C VAL D 407 39.93 7.67 -10.97
N THR D 408 39.03 8.55 -10.54
CA THR D 408 38.97 9.96 -10.92
C THR D 408 38.97 10.81 -9.64
N PRO D 409 39.90 11.75 -9.49
CA PRO D 409 39.84 12.67 -8.33
C PRO D 409 38.64 13.63 -8.36
N PHE D 410 38.16 14.00 -7.19
CA PHE D 410 37.25 15.13 -7.04
C PHE D 410 37.54 16.00 -5.82
N ASP D 411 37.07 17.21 -5.94
CA ASP D 411 37.22 18.31 -4.99
C ASP D 411 36.16 18.31 -3.93
N ASN D 412 34.91 18.51 -4.35
CA ASN D 412 33.84 18.73 -3.38
C ASN D 412 32.56 17.93 -3.72
N GLU D 413 31.68 17.87 -2.71
CA GLU D 413 30.48 17.03 -2.77
C GLU D 413 29.55 17.38 -3.97
N GLU D 414 29.41 18.67 -4.24
CA GLU D 414 28.42 19.13 -5.16
C GLU D 414 28.87 18.83 -6.57
N GLN D 415 30.13 19.17 -6.79
CA GLN D 415 30.87 18.78 -8.00
C GLN D 415 30.68 17.30 -8.34
N VAL D 416 30.83 16.42 -7.36
CA VAL D 416 30.89 15.01 -7.72
C VAL D 416 29.46 14.45 -7.91
N VAL D 417 28.52 14.95 -7.11
CA VAL D 417 27.11 14.55 -7.30
C VAL D 417 26.62 14.99 -8.69
N ASN D 418 27.07 16.19 -9.12
CA ASN D 418 26.77 16.66 -10.49
C ASN D 418 27.47 15.82 -11.59
N TRP D 419 28.71 15.40 -11.33
CA TRP D 419 29.43 14.42 -12.20
C TRP D 419 28.74 13.04 -12.34
N ALA D 420 28.47 12.37 -11.20
CA ALA D 420 27.74 11.10 -11.14
C ALA D 420 26.38 11.17 -11.85
N ASN D 421 25.63 12.27 -11.61
CA ASN D 421 24.35 12.45 -12.28
C ASN D 421 24.44 12.88 -13.73
N ASP D 422 25.59 13.38 -14.19
CA ASP D 422 25.67 13.70 -15.62
C ASP D 422 26.07 12.46 -16.46
N SER D 423 25.16 11.51 -16.54
CA SER D 423 25.46 10.20 -17.12
C SER D 423 24.22 9.78 -17.87
N GLN D 424 24.38 8.83 -18.78
CA GLN D 424 23.17 8.26 -19.38
C GLN D 424 22.64 7.01 -18.66
N TYR D 425 23.32 6.63 -17.58
CA TYR D 425 22.99 5.41 -16.86
C TYR D 425 22.37 5.83 -15.58
N GLY D 426 21.58 4.92 -15.00
CA GLY D 426 20.86 5.19 -13.78
C GLY D 426 20.47 3.92 -13.04
N LEU D 427 21.30 2.87 -13.03
CA LEU D 427 20.95 1.62 -12.34
C LEU D 427 21.42 1.48 -10.87
N ALA D 428 22.71 1.68 -10.60
CA ALA D 428 23.22 1.47 -9.26
C ALA D 428 24.41 2.42 -8.98
N SER D 429 24.85 2.50 -7.70
CA SER D 429 25.75 3.50 -7.18
C SER D 429 26.05 3.24 -5.73
N SER D 430 27.17 3.74 -5.28
CA SER D 430 27.47 3.73 -3.84
C SER D 430 28.18 5.02 -3.35
N VAL D 431 27.99 5.31 -2.07
CA VAL D 431 28.66 6.43 -1.45
C VAL D 431 29.39 6.00 -0.21
N TRP D 432 30.63 6.42 -0.08
CA TRP D 432 31.37 5.94 1.06
C TRP D 432 31.81 7.10 1.87
N THR D 433 31.29 7.12 3.11
CA THR D 433 31.48 8.25 4.02
C THR D 433 31.01 7.83 5.40
N LYS D 434 31.70 8.30 6.42
CA LYS D 434 31.23 8.01 7.77
C LYS D 434 30.21 9.04 8.30
N ASP D 435 30.09 10.18 7.63
CA ASP D 435 29.21 11.27 8.07
C ASP D 435 27.71 11.01 7.73
N VAL D 436 26.87 10.88 8.74
CA VAL D 436 25.45 10.61 8.54
C VAL D 436 24.80 11.58 7.61
N GLY D 437 25.11 12.87 7.77
CA GLY D 437 24.48 13.94 7.02
C GLY D 437 24.68 13.81 5.54
N ARG D 438 25.97 13.69 5.24
CA ARG D 438 26.45 13.53 3.90
C ARG D 438 25.91 12.27 3.28
N ALA D 439 25.96 11.13 4.00
CA ALA D 439 25.39 9.91 3.43
C ALA D 439 23.94 10.11 2.91
N HIS D 440 23.14 10.84 3.66
CA HIS D 440 21.71 10.95 3.34
C HIS D 440 21.45 11.98 2.23
N ARG D 441 22.26 13.03 2.20
CA ARG D 441 22.24 14.12 1.19
C ARG D 441 22.54 13.53 -0.17
N VAL D 442 23.67 12.83 -0.26
CA VAL D 442 24.09 12.23 -1.50
C VAL D 442 23.11 11.18 -1.96
N SER D 443 22.72 10.27 -1.06
CA SER D 443 21.74 9.22 -1.34
C SER D 443 20.41 9.77 -1.86
N ALA D 444 19.97 10.89 -1.28
CA ALA D 444 18.73 11.54 -1.73
C ALA D 444 18.85 12.04 -3.17
N ARG D 445 20.06 12.52 -3.52
CA ARG D 445 20.30 13.24 -4.73
C ARG D 445 20.73 12.39 -5.93
N LEU D 446 21.34 11.21 -5.69
CA LEU D 446 21.88 10.37 -6.74
C LEU D 446 20.75 9.88 -7.66
N GLN D 447 20.94 10.04 -8.97
CA GLN D 447 19.88 9.65 -9.89
C GLN D 447 20.04 8.22 -10.39
N TYR D 448 19.91 7.27 -9.47
CA TYR D 448 20.22 5.82 -9.70
C TYR D 448 19.22 4.95 -8.93
N GLY D 449 18.87 3.81 -9.54
CA GLY D 449 17.81 2.96 -9.04
C GLY D 449 18.13 2.43 -7.67
N CYS D 450 19.42 2.43 -7.35
CA CYS D 450 19.89 1.94 -6.06
C CYS D 450 21.11 2.73 -5.63
N THR D 451 21.24 2.91 -4.33
CA THR D 451 22.41 3.59 -3.78
C THR D 451 22.75 2.80 -2.49
N TRP D 452 23.97 2.27 -2.39
CA TRP D 452 24.39 1.63 -1.15
C TRP D 452 25.23 2.64 -0.44
N VAL D 453 25.26 2.57 0.89
CA VAL D 453 26.15 3.44 1.66
C VAL D 453 27.08 2.56 2.44
N ASN D 454 28.37 2.76 2.19
CA ASN D 454 29.46 2.02 2.83
C ASN D 454 29.47 0.54 2.52
N THR D 455 28.94 0.20 1.36
CA THR D 455 29.04 -1.17 0.83
C THR D 455 28.63 -0.97 -0.61
N HIS D 456 28.52 -2.05 -1.37
CA HIS D 456 28.17 -2.07 -2.80
C HIS D 456 27.61 -3.48 -3.11
N PHE D 457 26.84 -3.65 -4.21
CA PHE D 457 26.56 -4.97 -4.76
C PHE D 457 25.44 -5.80 -4.04
N MET D 458 25.07 -5.49 -2.79
CA MET D 458 24.14 -6.33 -2.04
C MET D 458 22.70 -6.27 -2.53
N LEU D 459 22.15 -7.39 -2.89
CA LEU D 459 20.74 -7.44 -3.26
C LEU D 459 19.96 -8.44 -2.43
N VAL D 460 18.69 -8.11 -2.20
CA VAL D 460 17.76 -9.03 -1.53
C VAL D 460 16.47 -9.13 -2.34
N SER D 461 15.82 -10.31 -2.28
CA SER D 461 14.59 -10.47 -3.07
C SER D 461 13.51 -9.46 -2.73
N GLU D 462 13.52 -8.90 -1.52
CA GLU D 462 12.44 -7.95 -1.20
C GLU D 462 12.60 -6.55 -1.80
N MET D 463 13.81 -6.22 -2.26
CA MET D 463 14.08 -4.85 -2.71
C MET D 463 14.25 -4.80 -4.22
N PRO D 464 13.64 -3.79 -4.84
CA PRO D 464 13.69 -3.64 -6.29
C PRO D 464 15.06 -3.23 -6.83
N HIS D 465 15.29 -3.68 -8.06
CA HIS D 465 16.51 -3.46 -8.79
C HIS D 465 16.01 -3.08 -10.17
N GLY D 466 16.45 -1.90 -10.67
CA GLY D 466 16.02 -1.42 -11.99
C GLY D 466 16.38 0.03 -12.09
N GLY D 467 16.36 0.57 -13.31
CA GLY D 467 17.08 1.80 -13.56
C GLY D 467 16.23 3.00 -13.92
N GLN D 468 16.93 4.07 -14.36
CA GLN D 468 16.32 5.20 -15.08
C GLN D 468 17.25 5.60 -16.24
N LYS D 469 16.76 6.54 -17.06
CA LYS D 469 17.49 7.04 -18.24
C LYS D 469 17.78 5.81 -19.08
N LEU D 470 19.03 5.66 -19.49
CA LEU D 470 19.29 4.67 -20.51
C LEU D 470 19.48 3.27 -19.92
N SER D 471 19.53 3.17 -18.61
CA SER D 471 19.50 1.87 -17.97
C SER D 471 18.16 1.15 -18.11
N GLY D 472 17.10 1.92 -18.38
CA GLY D 472 15.78 1.31 -18.54
C GLY D 472 14.78 1.66 -17.42
N TYR D 473 13.83 0.76 -17.18
CA TYR D 473 12.69 1.11 -16.35
C TYR D 473 12.04 -0.25 -16.01
N GLY D 474 11.31 -0.30 -14.91
CA GLY D 474 10.73 -1.57 -14.43
C GLY D 474 11.71 -2.15 -13.41
N LYS D 475 11.21 -3.04 -12.58
CA LYS D 475 12.04 -3.56 -11.53
C LYS D 475 12.14 -5.07 -11.67
N ASP D 476 13.24 -5.60 -11.17
CA ASP D 476 13.36 -6.97 -10.89
C ASP D 476 13.42 -7.12 -9.37
N MET D 477 12.93 -8.27 -8.87
CA MET D 477 12.71 -8.48 -7.45
C MET D 477 11.64 -7.52 -6.85
N SER D 478 11.15 -7.88 -5.68
CA SER D 478 10.26 -7.02 -4.93
C SER D 478 8.82 -7.04 -5.44
N LEU D 479 7.91 -6.58 -4.56
CA LEU D 479 6.54 -6.44 -5.00
C LEU D 479 6.38 -5.62 -6.29
N TYR D 480 7.27 -4.68 -6.54
CA TYR D 480 7.14 -3.84 -7.73
C TYR D 480 7.39 -4.65 -8.99
N GLY D 481 8.30 -5.61 -8.87
CA GLY D 481 8.62 -6.46 -9.99
C GLY D 481 7.43 -7.29 -10.46
N LEU D 482 6.59 -7.70 -9.51
CA LEU D 482 5.33 -8.40 -9.75
C LEU D 482 4.28 -7.45 -10.34
N GLU D 483 4.16 -6.28 -9.74
CA GLU D 483 3.24 -5.27 -10.26
C GLU D 483 3.39 -4.97 -11.76
N ASP D 484 4.64 -4.93 -12.24
CA ASP D 484 4.97 -4.69 -13.65
C ASP D 484 4.36 -5.74 -14.62
N TYR D 485 3.95 -6.90 -14.10
CA TYR D 485 3.41 -7.89 -15.00
C TYR D 485 1.89 -7.97 -14.85
N THR D 486 1.26 -6.86 -14.38
CA THR D 486 -0.21 -6.77 -14.21
C THR D 486 -0.84 -5.53 -14.89
N VAL D 487 -2.14 -5.58 -15.16
CA VAL D 487 -2.86 -4.38 -15.52
C VAL D 487 -3.80 -4.10 -14.37
N VAL D 488 -3.84 -2.84 -13.91
CA VAL D 488 -4.79 -2.40 -12.88
C VAL D 488 -6.11 -2.14 -13.58
N ARG D 489 -7.23 -2.57 -13.00
CA ARG D 489 -8.54 -2.42 -13.65
C ARG D 489 -9.54 -1.90 -12.61
N HIS D 490 -10.36 -0.96 -13.05
CA HIS D 490 -11.44 -0.38 -12.23
C HIS D 490 -12.76 -1.02 -12.65
N VAL D 491 -13.46 -1.69 -11.74
CA VAL D 491 -14.81 -2.22 -12.01
C VAL D 491 -15.75 -1.37 -11.16
N MET D 492 -16.65 -0.66 -11.82
CA MET D 492 -17.59 0.20 -11.12
C MET D 492 -19.05 -0.35 -11.23
N VAL D 493 -19.66 -0.67 -10.10
CA VAL D 493 -21.02 -1.32 -10.12
C VAL D 493 -22.13 -0.35 -9.71
N LYS D 494 -23.08 -0.07 -10.59
CA LYS D 494 -24.20 0.83 -10.21
C LYS D 494 -25.23 0.18 -9.25
N HIS D 495 -25.63 0.94 -8.20
CA HIS D 495 -26.61 0.43 -7.25
C HIS D 495 -28.02 0.48 -7.84
PA NAI E . -14.03 -18.66 26.65
O1A NAI E . -14.99 -19.13 25.58
O2A NAI E . -13.89 -17.12 26.49
O5B NAI E . -12.66 -19.48 26.36
C5B NAI E . -11.69 -18.76 25.54
C4B NAI E . -10.29 -18.80 26.13
O4B NAI E . -10.17 -17.77 27.08
C3B NAI E . -9.93 -20.11 26.85
O3B NAI E . -8.56 -20.48 26.50
C2B NAI E . -10.07 -19.78 28.33
O2B NAI E . -9.28 -20.62 29.23
C1B NAI E . -9.62 -18.30 28.28
N9A NAI E . -9.96 -17.52 29.49
C8A NAI E . -11.12 -17.55 30.25
N7A NAI E . -10.96 -16.70 31.30
C5A NAI E . -9.72 -16.12 31.22
C6A NAI E . -9.02 -15.19 32.03
N6A NAI E . -9.58 -14.67 33.15
N1A NAI E . -7.73 -14.82 31.66
C2A NAI E . -7.13 -15.38 30.52
N3A NAI E . -7.81 -16.27 29.72
C4A NAI E . -9.08 -16.64 30.07
O3 NAI E . -14.90 -19.09 27.93
PN NAI E . -15.90 -20.39 27.98
O1N NAI E . -14.99 -21.56 28.06
O2N NAI E . -16.67 -20.05 29.19
O5D NAI E . -17.01 -20.56 26.77
C5D NAI E . -17.51 -19.67 25.72
C4D NAI E . -18.95 -19.09 25.59
O4D NAI E . -18.87 -17.78 25.02
C3D NAI E . -19.94 -19.76 24.61
O3D NAI E . -21.25 -19.86 25.09
C2D NAI E . -20.14 -18.85 23.42
O2D NAI E . -21.51 -18.46 23.41
C1D NAI E . -19.20 -17.66 23.62
N1N NAI E . -18.04 -17.91 22.73
C2N NAI E . -17.49 -17.14 21.71
C3N NAI E . -16.36 -17.71 21.06
C7N NAI E . -15.49 -17.27 19.93
O7N NAI E . -15.59 -16.06 19.24
N7N NAI E . -14.51 -18.15 19.64
C4N NAI E . -15.85 -18.94 21.43
C5N NAI E . -16.39 -19.67 22.42
C6N NAI E . -17.47 -19.12 23.03
O1 BTL F . -13.15 10.22 -21.51
C BTL F . -14.05 10.31 -20.64
CA BTL F . -15.06 11.49 -20.61
N BTL F . -16.14 11.39 -19.58
C3 BTL F . -15.75 11.93 -18.26
C2 BTL F . -17.27 12.30 -19.83
C1 BTL F . -16.45 9.97 -19.47
PA NAI G . -3.29 12.68 -33.09
O1A NAI G . -2.68 11.57 -32.32
O2A NAI G . -2.53 12.97 -34.41
O5B NAI G . -3.28 14.00 -32.14
C5B NAI G . -3.19 13.92 -30.70
C4B NAI G . -2.01 14.73 -30.22
O4B NAI G . -0.79 14.09 -30.63
C3B NAI G . -1.97 16.18 -30.81
O3B NAI G . -1.44 17.12 -29.89
C2B NAI G . -1.01 16.05 -31.97
O2B NAI G . -0.40 17.26 -32.49
C1B NAI G . 0.00 15.09 -31.34
N9A NAI G . 1.03 14.61 -32.30
C8A NAI G . 0.86 14.19 -33.60
N7A NAI G . 2.07 13.80 -34.09
C5A NAI G . 3.00 13.97 -33.10
C6A NAI G . 4.38 13.77 -33.06
N6A NAI G . 4.97 13.31 -34.16
N1A NAI G . 5.13 14.06 -31.90
C2A NAI G . 4.49 14.55 -30.77
N3A NAI G . 3.11 14.77 -30.84
C4A NAI G . 2.38 14.49 -31.98
O3 NAI G . -4.84 12.41 -33.42
PN NAI G . -5.52 12.62 -34.92
O1N NAI G . -6.02 14.06 -34.93
O2N NAI G . -4.65 12.29 -36.07
O5D NAI G . -6.83 11.60 -34.68
C5D NAI G . -7.13 10.45 -35.43
C4D NAI G . -7.65 9.33 -34.51
O4D NAI G . -6.83 9.17 -33.36
C3D NAI G . -8.99 9.58 -33.88
O3D NAI G . -10.03 9.40 -34.81
C2D NAI G . -8.96 8.55 -32.76
O2D NAI G . -9.13 7.22 -33.23
C1D NAI G . -7.53 8.68 -32.24
N1N NAI G . -7.55 9.67 -31.16
C2N NAI G . -7.63 9.22 -29.85
C3N NAI G . -7.68 10.19 -28.85
C7N NAI G . -7.75 9.83 -27.40
O7N NAI G . -7.85 10.95 -26.58
N7N NAI G . -7.75 8.57 -26.95
C4N NAI G . -7.66 11.55 -29.16
C5N NAI G . -7.61 11.98 -30.48
C6N NAI G . -7.54 11.02 -31.48
PA NAI H . -5.35 14.49 32.04
O1A NAI H . -5.08 13.08 31.54
O2A NAI H . -6.03 14.54 33.39
O5B NAI H . -6.25 15.26 30.98
C5B NAI H . -6.25 15.05 29.59
C4B NAI H . -7.73 15.04 29.18
O4B NAI H . -8.38 13.90 29.71
C3B NAI H . -8.49 16.27 29.73
O3B NAI H . -9.31 16.68 28.65
C2B NAI H . -9.31 15.69 30.87
O2B NAI H . -10.49 16.37 31.15
C1B NAI H . -9.60 14.29 30.32
N9A NAI H . -10.11 13.36 31.33
C8A NAI H . -9.69 13.19 32.67
N7A NAI H . -10.48 12.20 33.22
C5A NAI H . -11.37 11.75 32.29
C6A NAI H . -12.39 10.80 32.35
N6A NAI H . -12.62 10.12 33.48
N1A NAI H . -13.16 10.57 31.23
C2A NAI H . -12.93 11.29 30.09
N3A NAI H . -11.94 12.25 30.02
C4A NAI H . -11.15 12.46 31.11
O3 NAI H . -4.04 15.42 32.19
PN NAI H . -3.57 16.20 33.62
O1N NAI H . -2.08 16.37 33.35
O2N NAI H . -4.27 17.46 34.00
O5D NAI H . -3.39 15.11 34.83
C5D NAI H . -2.02 14.81 35.24
C4D NAI H . -0.88 14.65 34.15
O4D NAI H . -1.31 14.38 32.81
C3D NAI H . 0.19 15.76 34.00
O3D NAI H . 1.47 15.47 34.55
C2D NAI H . 0.42 15.81 32.51
O2D NAI H . 1.78 15.83 32.28
C1D NAI H . -0.08 14.46 32.10
N1N NAI H . -0.05 14.28 30.63
C2N NAI H . -0.66 15.16 29.80
C3N NAI H . -0.54 14.93 28.43
C7N NAI H . -1.22 15.87 27.54
O7N NAI H . -1.90 16.95 28.15
N7N NAI H . -1.11 15.62 26.24
C4N NAI H . 0.15 13.86 27.84
C5N NAI H . 0.76 13.01 28.75
C6N NAI H . 0.66 13.23 30.12
PA NAI I . 22.91 -8.53 -25.99
O1A NAI I . 24.07 -8.44 -25.05
O2A NAI I . 21.93 -7.30 -25.72
O5B NAI I . 22.17 -9.90 -25.59
C5B NAI I . 21.12 -9.91 -24.63
C4B NAI I . 20.01 -10.86 -25.09
O4B NAI I . 19.33 -10.13 -26.08
C3B NAI I . 20.46 -12.18 -25.76
O3B NAI I . 19.52 -13.16 -25.39
C2B NAI I . 20.26 -11.91 -27.24
O2B NAI I . 20.06 -13.07 -28.09
C1B NAI I . 19.01 -11.03 -27.13
N9A NAI I . 18.70 -10.34 -28.37
C8A NAI I . 19.65 -9.74 -29.15
N7A NAI I . 19.05 -9.18 -30.24
C5A NAI I . 17.70 -9.48 -30.18
C6A NAI I . 16.66 -9.16 -31.05
N6A NAI I . 16.90 -8.47 -32.17
N1A NAI I . 15.38 -9.55 -30.72
C2A NAI I . 15.16 -10.28 -29.54
N3A NAI I . 16.21 -10.62 -28.69
C4A NAI I . 17.46 -10.20 -28.99
O3 NAI I . 23.56 -8.86 -27.38
PN NAI I . 24.94 -9.75 -27.10
O1N NAI I . 25.84 -8.89 -26.23
O2N NAI I . 24.49 -11.17 -26.82
O5D NAI I . 25.83 -9.81 -28.40
C5D NAI I . 25.27 -9.70 -29.67
C4D NAI I . 26.34 -8.98 -30.45
O4D NAI I . 26.27 -9.48 -31.75
C3D NAI I . 25.98 -7.52 -30.55
O3D NAI I . 27.17 -6.80 -30.81
C2D NAI I . 25.01 -7.47 -31.73
O2D NAI I . 25.24 -6.31 -32.51
C1D NAI I . 25.31 -8.75 -32.54
N1N NAI I . 24.21 -9.74 -32.82
C2N NAI I . 24.48 -10.67 -33.80
C3N NAI I . 23.56 -11.66 -34.15
C7N NAI I . 23.92 -12.63 -35.26
O7N NAI I . 25.18 -12.52 -35.93
N7N NAI I . 23.03 -13.56 -35.60
C4N NAI I . 22.33 -11.73 -33.47
C5N NAI I . 22.07 -10.80 -32.46
C6N NAI I . 23.01 -9.81 -32.13
#